data_5ZQT
#
_entry.id   5ZQT
#
_cell.length_a   131.600
_cell.length_b   131.600
_cell.length_c   188.920
_cell.angle_alpha   90.00
_cell.angle_beta   90.00
_cell.angle_gamma   120.00
#
_symmetry.space_group_name_H-M   'P 32 2 1'
#
loop_
_entity.id
_entity.type
_entity.pdbx_description
1 polymer Hexokinase-6
2 non-polymer 'PHOSPHOAMINOPHOSPHONIC ACID-ADENYLATE ESTER'
3 non-polymer 'MAGNESIUM ION'
4 non-polymer beta-D-glucopyranose
5 water water
#
_entity_poly.entity_id   1
_entity_poly.type   'polypeptide(L)'
_entity_poly.pdbx_seq_one_letter_code
;AMGYLWIRIPMAAAVIEEVEQRFSTPTALLRGIADAMVEEMERGLRADPHAPLKMLISYVDNLPTGDEHGLFYALDLGGT
NFRVIRVQLGGREKRVVSQQYEEVAIPPHLMVGTSMELFDFIAAELESFVKTEGEDFHLPEGRQRELGFTFSFPVHQTSI
SSGTLIKWTKGFSINGTVGEDVVAELSRAMERQGLDMKVTALVNDTVGTLAGGRYVDNDVAAAVILGTGTNAAYVEHANA
IPKWTGLLPRSGNMVINMEWGNFKSERLPRSDYDNALDFESLNPGEQIYEKMISGMYLGEIVRRILLKLAHDASLFGDVV
PTKLEQRFILRTPDMSAMHHDTSHDLKHLGAKLKDILGVADTSLEARYITLHVCDLVAERGARLAAAGIYGILKKLGRDR
VPSDGSQKQRTVIALDGGLYEHYKKFRTCLEATLADLLGEEAASSVVVKLANDGSGIGAALLAASHSQYASVE
;
_entity_poly.pdbx_strand_id   A,B,C
#
# COMPACT_ATOMS: atom_id res chain seq x y z
N ILE A 9 39.80 -8.82 0.37
CA ILE A 9 40.30 -8.46 1.73
C ILE A 9 40.08 -6.95 1.98
N PRO A 10 40.93 -6.08 1.39
CA PRO A 10 41.21 -4.76 1.96
C PRO A 10 40.05 -3.73 1.88
N MET A 11 39.30 -3.75 0.77
CA MET A 11 38.10 -2.93 0.64
C MET A 11 37.03 -3.41 1.62
N ALA A 12 36.86 -4.72 1.68
CA ALA A 12 36.00 -5.32 2.70
C ALA A 12 36.34 -4.85 4.11
N ALA A 13 37.62 -4.71 4.42
CA ALA A 13 38.01 -4.49 5.82
C ALA A 13 37.71 -3.07 6.25
N ALA A 14 37.84 -2.11 5.32
CA ALA A 14 37.51 -0.72 5.64
C ALA A 14 36.08 -0.58 6.20
N VAL A 15 35.13 -1.30 5.62
CA VAL A 15 33.72 -1.12 5.96
C VAL A 15 33.36 -1.92 7.21
N ILE A 16 34.02 -3.06 7.40
CA ILE A 16 33.87 -3.83 8.62
C ILE A 16 34.46 -3.08 9.80
N GLU A 17 35.61 -2.44 9.59
CA GLU A 17 36.24 -1.59 10.61
C GLU A 17 35.28 -0.49 11.03
N GLU A 18 34.57 0.04 10.04
CA GLU A 18 33.61 1.11 10.27
C GLU A 18 32.36 0.58 11.01
N VAL A 19 31.91 -0.62 10.67
CA VAL A 19 30.81 -1.22 11.41
C VAL A 19 31.20 -1.42 12.86
N GLU A 20 32.38 -2.01 13.09
CA GLU A 20 32.87 -2.34 14.43
C GLU A 20 32.96 -1.08 15.27
N GLN A 21 33.49 -0.02 14.66
CA GLN A 21 33.54 1.29 15.32
C GLN A 21 32.16 1.76 15.71
N ARG A 22 31.25 1.80 14.74
CA ARG A 22 29.92 2.37 14.96
C ARG A 22 29.05 1.57 15.92
N PHE A 23 29.19 0.24 15.90
CA PHE A 23 28.33 -0.65 16.71
C PHE A 23 28.90 -0.93 18.11
N SER A 24 30.14 -0.50 18.35
CA SER A 24 30.84 -0.77 19.61
C SER A 24 29.98 -0.50 20.83
N THR A 25 29.95 -1.43 21.76
CA THR A 25 29.27 -1.18 23.02
C THR A 25 30.15 -1.56 24.20
N PRO A 26 31.25 -0.82 24.41
CA PRO A 26 32.04 -1.08 25.60
C PRO A 26 31.22 -0.88 26.88
N THR A 27 31.36 -1.80 27.83
CA THR A 27 30.57 -1.79 29.05
C THR A 27 30.37 -0.39 29.64
N ALA A 28 31.45 0.38 29.75
CA ALA A 28 31.31 1.74 30.24
C ALA A 28 30.10 2.44 29.56
N LEU A 29 30.05 2.38 28.23
CA LEU A 29 28.92 2.91 27.48
C LEU A 29 27.60 2.31 27.88
N LEU A 30 27.56 0.98 27.99
CA LEU A 30 26.35 0.28 28.45
C LEU A 30 25.79 0.84 29.77
N ARG A 31 26.67 1.18 30.71
CA ARG A 31 26.24 1.77 31.99
C ARG A 31 25.70 3.19 31.74
N GLY A 32 26.38 3.93 30.88
CA GLY A 32 25.90 5.22 30.45
C GLY A 32 24.47 5.07 29.98
N ILE A 33 24.24 4.06 29.17
CA ILE A 33 22.94 3.87 28.56
C ILE A 33 21.89 3.45 29.57
N ALA A 34 22.18 2.42 30.33
CA ALA A 34 21.36 2.10 31.50
C ALA A 34 20.90 3.33 32.29
N ASP A 35 21.81 4.27 32.53
CA ASP A 35 21.48 5.47 33.35
C ASP A 35 20.44 6.29 32.64
N ALA A 36 20.72 6.62 31.38
CA ALA A 36 19.80 7.31 30.51
C ALA A 36 18.41 6.66 30.51
N MET A 37 18.36 5.33 30.58
CA MET A 37 17.10 4.65 30.51
C MET A 37 16.30 5.00 31.73
N VAL A 38 16.99 5.17 32.85
CA VAL A 38 16.32 5.49 34.14
C VAL A 38 15.77 6.93 34.16
N GLU A 39 16.59 7.87 33.71
CA GLU A 39 16.18 9.24 33.55
C GLU A 39 14.91 9.28 32.73
N GLU A 40 14.90 8.55 31.62
CA GLU A 40 13.76 8.53 30.73
C GLU A 40 12.60 7.81 31.38
N MET A 41 12.90 6.87 32.25
CA MET A 41 11.85 6.18 33.01
C MET A 41 11.13 7.16 33.90
N GLU A 42 11.93 8.07 34.47
CA GLU A 42 11.44 9.07 35.38
C GLU A 42 10.63 10.13 34.62
N ARG A 43 11.11 10.56 33.45
CA ARG A 43 10.40 11.58 32.69
C ARG A 43 9.06 11.05 32.27
N GLY A 44 9.04 9.83 31.77
CA GLY A 44 7.79 9.18 31.43
C GLY A 44 6.80 9.10 32.58
N LEU A 45 7.32 9.00 33.79
CA LEU A 45 6.46 8.83 34.95
C LEU A 45 5.95 10.20 35.45
N ARG A 46 6.64 11.27 35.04
CA ARG A 46 6.25 12.66 35.33
C ARG A 46 5.27 13.25 34.35
N ALA A 47 4.75 12.46 33.41
CA ALA A 47 3.80 13.00 32.39
C ALA A 47 4.52 14.03 31.55
N ASP A 48 5.84 13.94 31.55
CA ASP A 48 6.65 14.95 30.94
C ASP A 48 6.36 14.90 29.47
N PRO A 49 5.88 16.02 28.92
CA PRO A 49 5.35 15.85 27.57
C PRO A 49 6.43 15.26 26.65
N HIS A 50 6.01 14.43 25.70
CA HIS A 50 6.92 13.89 24.69
C HIS A 50 8.14 13.17 25.26
N ALA A 51 8.00 12.64 26.46
CA ALA A 51 8.94 11.66 26.95
C ALA A 51 8.95 10.55 25.93
N PRO A 52 10.13 10.04 25.58
CA PRO A 52 10.19 8.92 24.68
C PRO A 52 9.68 7.63 25.29
N LEU A 53 9.97 7.42 26.57
CA LEU A 53 9.34 6.34 27.33
C LEU A 53 8.01 6.80 27.92
N LYS A 54 6.92 6.29 27.38
CA LYS A 54 5.60 6.64 27.86
C LYS A 54 5.30 6.16 29.28
N MET A 55 5.72 4.94 29.63
CA MET A 55 5.56 4.42 30.97
C MET A 55 4.08 4.37 31.31
N LEU A 56 3.38 3.49 30.63
CA LEU A 56 1.94 3.55 30.62
C LEU A 56 1.36 2.77 31.79
N ILE A 57 0.47 3.42 32.52
CA ILE A 57 -0.24 2.79 33.61
C ILE A 57 -1.15 1.67 33.07
N SER A 58 -1.01 0.48 33.62
CA SER A 58 -1.71 -0.68 33.12
C SER A 58 -3.10 -0.82 33.72
N TYR A 59 -3.29 -0.17 34.89
CA TYR A 59 -4.45 -0.39 35.75
C TYR A 59 -4.36 -1.78 36.39
N VAL A 60 -3.16 -2.32 36.46
CA VAL A 60 -2.92 -3.57 37.14
C VAL A 60 -2.23 -3.33 38.47
N ASP A 61 -3.03 -3.34 39.54
CA ASP A 61 -2.56 -3.15 40.91
C ASP A 61 -2.35 -4.48 41.58
N ASN A 62 -2.98 -5.55 41.09
CA ASN A 62 -2.68 -6.89 41.64
C ASN A 62 -2.27 -7.94 40.64
N LEU A 63 -1.06 -8.45 40.80
CA LEU A 63 -0.56 -9.53 39.98
C LEU A 63 -1.13 -10.82 40.49
N PRO A 64 -1.06 -11.89 39.67
CA PRO A 64 -1.76 -13.07 40.11
C PRO A 64 -1.22 -13.69 41.42
N THR A 65 -2.14 -14.26 42.19
CA THR A 65 -1.87 -14.88 43.49
C THR A 65 -1.39 -16.32 43.35
N GLY A 66 -1.99 -17.05 42.42
CA GLY A 66 -2.00 -18.51 42.47
C GLY A 66 -3.42 -19.02 42.63
N ASP A 67 -4.22 -18.25 43.40
CA ASP A 67 -5.45 -18.76 44.00
C ASP A 67 -6.61 -18.62 43.03
N GLU A 68 -6.32 -18.32 41.76
CA GLU A 68 -7.37 -18.05 40.79
C GLU A 68 -7.96 -19.35 40.29
N HIS A 69 -9.23 -19.29 39.91
CA HIS A 69 -9.98 -20.46 39.47
C HIS A 69 -11.20 -20.09 38.59
N GLY A 70 -11.54 -20.98 37.66
CA GLY A 70 -12.68 -20.75 36.77
C GLY A 70 -12.28 -21.07 35.35
N LEU A 71 -13.22 -20.91 34.41
CA LEU A 71 -12.89 -20.82 32.99
C LEU A 71 -12.55 -19.40 32.57
N PHE A 72 -11.43 -19.25 31.88
CA PHE A 72 -11.15 -17.99 31.23
C PHE A 72 -10.46 -18.13 29.88
N TYR A 73 -10.87 -17.28 28.95
CA TYR A 73 -10.29 -17.25 27.64
C TYR A 73 -9.28 -16.13 27.54
N ALA A 74 -8.26 -16.31 26.71
CA ALA A 74 -7.43 -15.17 26.32
C ALA A 74 -7.28 -15.05 24.82
N LEU A 75 -7.19 -13.81 24.34
CA LEU A 75 -6.75 -13.54 22.97
C LEU A 75 -5.47 -12.68 22.97
N ASP A 76 -4.38 -13.23 22.45
CA ASP A 76 -3.09 -12.54 22.39
C ASP A 76 -2.74 -12.20 20.96
N LEU A 77 -2.72 -10.91 20.64
CA LEU A 77 -2.37 -10.47 19.30
C LEU A 77 -0.95 -9.91 19.30
N GLY A 78 -0.14 -10.44 18.40
CA GLY A 78 1.28 -10.13 18.36
C GLY A 78 1.68 -9.47 17.06
N GLY A 79 2.98 -9.31 16.86
CA GLY A 79 3.50 -8.77 15.63
C GLY A 79 3.21 -9.64 14.44
N THR A 80 3.37 -10.95 14.58
CA THR A 80 3.40 -11.83 13.41
C THR A 80 2.42 -13.00 13.55
N ASN A 81 1.85 -13.15 14.73
CA ASN A 81 0.73 -14.06 14.92
C ASN A 81 -0.07 -13.76 16.15
N PHE A 82 -1.27 -14.33 16.22
CA PHE A 82 -2.10 -14.25 17.40
C PHE A 82 -2.40 -15.63 17.96
N ARG A 83 -2.83 -15.70 19.21
CA ARG A 83 -3.21 -16.98 19.84
C ARG A 83 -4.56 -16.88 20.49
N VAL A 84 -5.33 -17.95 20.36
CA VAL A 84 -6.52 -18.11 21.16
C VAL A 84 -6.26 -19.17 22.21
N ILE A 85 -6.79 -18.95 23.40
CA ILE A 85 -6.40 -19.70 24.58
C ILE A 85 -7.60 -19.89 25.48
N ARG A 86 -7.71 -21.07 26.09
CA ARG A 86 -8.54 -21.22 27.30
C ARG A 86 -7.79 -21.95 28.40
N VAL A 87 -8.15 -21.63 29.64
CA VAL A 87 -7.67 -22.38 30.78
C VAL A 87 -8.80 -22.67 31.74
N GLN A 88 -8.84 -23.90 32.29
CA GLN A 88 -9.65 -24.18 33.48
C GLN A 88 -8.78 -24.19 34.73
N LEU A 89 -9.13 -23.30 35.65
CA LEU A 89 -8.28 -22.98 36.77
C LEU A 89 -8.99 -23.50 38.02
N GLY A 90 -8.26 -24.22 38.88
CA GLY A 90 -8.85 -24.79 40.09
C GLY A 90 -8.14 -24.38 41.36
N GLY A 91 -8.01 -23.08 41.59
CA GLY A 91 -7.61 -22.56 42.89
C GLY A 91 -6.12 -22.77 43.19
N ARG A 92 -5.80 -22.74 44.49
CA ARG A 92 -4.43 -22.61 44.97
C ARG A 92 -3.67 -23.91 44.88
N GLU A 93 -4.38 -25.03 45.06
CA GLU A 93 -3.77 -26.37 45.01
C GLU A 93 -3.69 -26.84 43.57
N LYS A 94 -4.87 -26.95 42.94
CA LYS A 94 -5.02 -27.62 41.64
C LYS A 94 -4.48 -26.76 40.48
N ARG A 95 -4.69 -25.44 40.59
CA ARG A 95 -4.13 -24.44 39.65
C ARG A 95 -4.67 -24.58 38.26
N VAL A 96 -3.79 -25.00 37.36
CA VAL A 96 -4.05 -24.92 35.96
C VAL A 96 -4.39 -26.35 35.47
N VAL A 97 -5.66 -26.70 35.67
CA VAL A 97 -6.13 -28.07 35.48
C VAL A 97 -6.09 -28.45 34.02
N SER A 98 -6.63 -27.57 33.17
CA SER A 98 -6.61 -27.81 31.73
C SER A 98 -6.31 -26.53 30.96
N GLN A 99 -5.66 -26.69 29.80
CA GLN A 99 -5.39 -25.56 28.92
C GLN A 99 -5.19 -26.02 27.48
N GLN A 100 -5.92 -25.40 26.56
CA GLN A 100 -5.69 -25.56 25.12
C GLN A 100 -5.34 -24.22 24.45
N TYR A 101 -4.80 -24.29 23.24
CA TYR A 101 -4.50 -23.09 22.47
C TYR A 101 -4.31 -23.36 20.98
N GLU A 102 -4.67 -22.38 20.16
CA GLU A 102 -4.35 -22.38 18.74
C GLU A 102 -3.56 -21.12 18.42
N GLU A 103 -2.50 -21.28 17.64
CA GLU A 103 -1.73 -20.14 17.16
C GLU A 103 -1.89 -20.03 15.64
N VAL A 104 -2.23 -18.84 15.17
CA VAL A 104 -2.33 -18.61 13.73
C VAL A 104 -1.35 -17.50 13.34
N ALA A 105 -0.74 -17.64 12.17
CA ALA A 105 0.09 -16.57 11.63
C ALA A 105 -0.81 -15.51 11.02
N ILE A 106 -0.54 -14.25 11.37
CA ILE A 106 -1.21 -13.14 10.75
C ILE A 106 -0.77 -13.00 9.31
N PRO A 107 -1.74 -13.04 8.39
CA PRO A 107 -1.57 -12.68 6.99
C PRO A 107 -0.99 -11.29 6.81
N PRO A 108 0.05 -11.14 5.99
CA PRO A 108 0.65 -9.83 5.80
C PRO A 108 -0.37 -8.72 5.56
N HIS A 109 -1.42 -8.97 4.79
CA HIS A 109 -2.28 -7.87 4.37
C HIS A 109 -3.00 -7.25 5.55
N LEU A 110 -3.27 -8.07 6.56
CA LEU A 110 -4.06 -7.64 7.68
C LEU A 110 -3.27 -6.72 8.58
N MET A 111 -1.97 -6.61 8.34
CA MET A 111 -1.13 -5.65 9.04
C MET A 111 -1.34 -4.23 8.52
N VAL A 112 -2.00 -4.10 7.37
CA VAL A 112 -1.92 -2.88 6.57
C VAL A 112 -3.21 -2.62 5.80
N GLY A 113 -4.27 -3.35 6.15
CA GLY A 113 -5.59 -3.10 5.60
C GLY A 113 -6.42 -2.33 6.59
N THR A 114 -7.65 -2.78 6.83
CA THR A 114 -8.56 -2.04 7.70
C THR A 114 -8.71 -2.67 9.09
N SER A 115 -9.05 -1.85 10.07
CA SER A 115 -9.39 -2.36 11.40
C SER A 115 -10.38 -3.52 11.28
N MET A 116 -11.38 -3.37 10.43
CA MET A 116 -12.44 -4.35 10.39
C MET A 116 -11.87 -5.69 9.91
N GLU A 117 -11.11 -5.67 8.83
CA GLU A 117 -10.57 -6.89 8.29
C GLU A 117 -9.77 -7.62 9.34
N LEU A 118 -9.08 -6.86 10.19
CA LEU A 118 -8.16 -7.44 11.17
C LEU A 118 -8.90 -8.19 12.27
N PHE A 119 -9.73 -7.47 13.01
CA PHE A 119 -10.46 -8.03 14.13
C PHE A 119 -11.49 -9.05 13.70
N ASP A 120 -11.87 -9.02 12.43
CA ASP A 120 -12.77 -10.01 11.90
C ASP A 120 -12.01 -11.32 11.80
N PHE A 121 -10.77 -11.27 11.31
CA PHE A 121 -9.99 -12.47 11.11
C PHE A 121 -9.66 -13.11 12.44
N ILE A 122 -9.27 -12.26 13.38
CA ILE A 122 -9.07 -12.63 14.78
C ILE A 122 -10.32 -13.24 15.42
N ALA A 123 -11.43 -12.50 15.38
CA ALA A 123 -12.69 -12.96 15.97
C ALA A 123 -13.13 -14.29 15.36
N ALA A 124 -12.96 -14.45 14.05
CA ALA A 124 -13.45 -15.63 13.38
C ALA A 124 -12.75 -16.87 13.92
N GLU A 125 -11.46 -16.76 14.20
CA GLU A 125 -10.72 -17.86 14.83
C GLU A 125 -11.27 -18.11 16.22
N LEU A 126 -11.31 -17.05 17.03
CA LEU A 126 -11.85 -17.15 18.36
C LEU A 126 -13.18 -17.94 18.38
N GLU A 127 -14.05 -17.63 17.42
CA GLU A 127 -15.41 -18.15 17.42
C GLU A 127 -15.38 -19.63 17.10
N SER A 128 -14.57 -19.98 16.10
CA SER A 128 -14.49 -21.35 15.67
C SER A 128 -13.71 -22.17 16.70
N PHE A 129 -12.82 -21.49 17.43
CA PHE A 129 -12.07 -22.13 18.50
C PHE A 129 -12.95 -22.44 19.70
N VAL A 130 -13.96 -21.61 19.95
CA VAL A 130 -14.84 -21.80 21.09
C VAL A 130 -15.76 -23.00 20.85
N LYS A 131 -16.40 -23.04 19.69
CA LYS A 131 -17.16 -24.21 19.31
C LYS A 131 -16.48 -25.48 19.80
N THR A 132 -15.22 -25.70 19.39
CA THR A 132 -14.55 -26.97 19.65
C THR A 132 -14.35 -27.20 21.14
N GLU A 133 -15.08 -26.48 21.97
CA GLU A 133 -14.87 -26.56 23.42
C GLU A 133 -15.23 -27.93 23.99
N GLY A 134 -14.21 -28.70 24.36
CA GLY A 134 -14.41 -29.92 25.10
C GLY A 134 -15.20 -29.66 26.36
N GLU A 135 -15.17 -30.64 27.27
CA GLU A 135 -16.07 -30.66 28.41
C GLU A 135 -15.26 -30.77 29.70
N ASP A 136 -13.93 -30.83 29.54
CA ASP A 136 -12.99 -30.54 30.64
C ASP A 136 -12.83 -29.01 30.83
N PHE A 137 -13.76 -28.28 30.23
CA PHE A 137 -13.95 -26.84 30.47
C PHE A 137 -15.44 -26.59 30.69
N HIS A 138 -15.80 -25.76 31.66
CA HIS A 138 -17.19 -25.58 32.05
C HIS A 138 -17.38 -24.29 32.84
N LEU A 139 -18.55 -23.69 32.68
CA LEU A 139 -18.88 -22.42 33.33
C LEU A 139 -20.38 -22.37 33.67
N PRO A 140 -20.71 -22.21 34.95
CA PRO A 140 -22.11 -22.18 35.39
C PRO A 140 -23.11 -21.67 34.34
N GLU A 141 -24.22 -22.38 34.18
CA GLU A 141 -25.26 -22.02 33.21
C GLU A 141 -25.83 -20.65 33.55
N GLY A 142 -26.37 -19.98 32.54
CA GLY A 142 -26.73 -18.56 32.63
C GLY A 142 -25.59 -17.66 32.21
N ARG A 143 -24.37 -18.14 32.43
CA ARG A 143 -23.20 -17.27 32.54
C ARG A 143 -22.54 -16.96 31.20
N GLN A 144 -21.80 -15.85 31.20
CA GLN A 144 -21.12 -15.33 30.01
C GLN A 144 -19.60 -15.65 30.08
N ARG A 145 -19.07 -16.17 28.99
CA ARG A 145 -17.62 -16.34 28.84
C ARG A 145 -16.92 -15.00 28.93
N GLU A 146 -15.84 -14.96 29.70
CA GLU A 146 -15.03 -13.75 29.83
C GLU A 146 -13.60 -13.97 29.30
N LEU A 147 -12.94 -12.89 28.94
CA LEU A 147 -11.87 -12.94 27.95
C LEU A 147 -10.83 -11.87 28.33
N GLY A 148 -9.57 -12.30 28.38
CA GLY A 148 -8.43 -11.38 28.58
C GLY A 148 -7.75 -11.08 27.26
N PHE A 149 -7.56 -9.81 26.96
CA PHE A 149 -7.07 -9.39 25.64
C PHE A 149 -5.65 -8.87 25.74
N THR A 150 -4.70 -9.64 25.24
CA THR A 150 -3.33 -9.17 25.13
C THR A 150 -3.11 -8.47 23.79
N PHE A 151 -2.73 -7.20 23.86
CA PHE A 151 -2.59 -6.35 22.71
C PHE A 151 -1.17 -5.81 22.72
N SER A 152 -0.36 -6.32 21.79
CA SER A 152 1.09 -6.06 21.74
C SER A 152 1.48 -4.71 21.10
N PHE A 153 0.69 -3.67 21.35
CA PHE A 153 1.02 -2.36 20.85
C PHE A 153 0.69 -1.35 21.96
N PRO A 154 1.29 -0.16 21.89
CA PRO A 154 1.14 0.83 22.95
C PRO A 154 -0.26 1.41 23.04
N VAL A 155 -0.96 1.04 24.11
CA VAL A 155 -2.27 1.58 24.42
C VAL A 155 -2.30 2.61 25.59
N HIS A 156 -3.12 3.64 25.44
CA HIS A 156 -3.44 4.55 26.54
C HIS A 156 -4.64 4.02 27.35
N GLN A 157 -4.37 3.40 28.50
CA GLN A 157 -5.41 2.70 29.28
C GLN A 157 -6.39 3.69 29.90
N THR A 158 -7.64 3.26 29.99
CA THR A 158 -8.67 4.04 30.60
C THR A 158 -9.34 3.26 31.72
N SER A 159 -9.28 1.94 31.64
CA SER A 159 -9.64 1.11 32.77
C SER A 159 -8.81 -0.16 32.70
N ILE A 160 -9.08 -1.13 33.57
CA ILE A 160 -8.48 -2.44 33.42
C ILE A 160 -8.80 -2.98 32.03
N SER A 161 -9.97 -2.65 31.48
CA SER A 161 -10.48 -3.40 30.33
C SER A 161 -10.75 -2.51 29.12
N SER A 162 -10.14 -1.33 29.11
CA SER A 162 -10.42 -0.37 28.06
C SER A 162 -9.17 0.46 27.77
N GLY A 163 -9.00 0.85 26.51
CA GLY A 163 -7.93 1.80 26.21
C GLY A 163 -7.76 2.11 24.73
N THR A 164 -7.21 3.29 24.44
CA THR A 164 -7.09 3.74 23.06
C THR A 164 -5.69 3.50 22.51
N LEU A 165 -5.63 3.13 21.23
CA LEU A 165 -4.36 2.87 20.57
C LEU A 165 -3.59 4.16 20.33
N ILE A 166 -2.34 4.19 20.77
CA ILE A 166 -1.50 5.35 20.57
C ILE A 166 -0.94 5.39 19.16
N LYS A 167 -0.30 4.31 18.75
CA LYS A 167 0.37 4.21 17.47
C LYS A 167 0.69 2.75 17.22
N TRP A 168 0.61 2.33 15.96
CA TRP A 168 1.04 1.03 15.56
C TRP A 168 2.57 0.92 15.53
N THR A 169 3.05 -0.29 15.76
CA THR A 169 4.48 -0.56 15.71
C THR A 169 4.80 -1.78 14.82
N LYS A 170 6.07 -1.88 14.49
CA LYS A 170 6.68 -3.08 13.98
C LYS A 170 5.96 -3.80 12.83
N GLY A 171 5.64 -3.08 11.77
CA GLY A 171 5.02 -3.79 10.64
C GLY A 171 3.50 -3.71 10.50
N PHE A 172 2.81 -3.31 11.56
CA PHE A 172 1.46 -2.82 11.42
C PHE A 172 1.41 -1.35 11.01
N SER A 173 0.44 -1.02 10.16
CA SER A 173 0.12 0.36 9.82
C SER A 173 -1.28 0.38 9.25
N ILE A 174 -2.28 0.41 10.12
CA ILE A 174 -3.71 0.37 9.78
C ILE A 174 -4.37 1.70 10.12
N ASN A 175 -4.89 2.39 9.12
CA ASN A 175 -5.17 3.81 9.29
C ASN A 175 -6.30 4.08 10.27
N GLY A 176 -7.41 3.37 10.13
CA GLY A 176 -8.57 3.67 10.96
C GLY A 176 -8.41 3.82 12.48
N THR A 177 -7.43 3.15 13.10
CA THR A 177 -7.64 2.72 14.49
C THR A 177 -6.92 3.51 15.61
N VAL A 178 -5.86 4.22 15.27
CA VAL A 178 -5.23 5.15 16.23
C VAL A 178 -6.27 6.03 16.91
N GLY A 179 -6.20 6.16 18.22
CA GLY A 179 -7.11 7.04 18.94
C GLY A 179 -8.41 6.35 19.33
N GLU A 180 -8.72 5.23 18.68
CA GLU A 180 -9.90 4.43 19.00
C GLU A 180 -9.65 3.48 20.18
N ASP A 181 -10.73 2.96 20.76
CA ASP A 181 -10.63 2.03 21.88
C ASP A 181 -10.61 0.61 21.35
N VAL A 182 -9.57 -0.13 21.66
CA VAL A 182 -9.31 -1.35 20.92
C VAL A 182 -10.24 -2.46 21.38
N VAL A 183 -10.75 -2.36 22.60
CA VAL A 183 -11.55 -3.46 23.14
C VAL A 183 -12.92 -3.41 22.51
N ALA A 184 -13.40 -2.20 22.27
CA ALA A 184 -14.68 -1.97 21.56
C ALA A 184 -14.57 -2.46 20.13
N GLU A 185 -13.37 -2.36 19.58
CA GLU A 185 -13.11 -2.77 18.21
C GLU A 185 -13.18 -4.29 18.09
N LEU A 186 -12.53 -4.96 19.02
CA LEU A 186 -12.64 -6.41 19.17
C LEU A 186 -14.09 -6.82 19.42
N SER A 187 -14.77 -6.09 20.30
CA SER A 187 -16.08 -6.49 20.74
C SER A 187 -17.04 -6.51 19.58
N ARG A 188 -17.13 -5.39 18.87
CA ARG A 188 -17.94 -5.34 17.66
C ARG A 188 -17.70 -6.55 16.76
N ALA A 189 -16.42 -6.86 16.52
CA ALA A 189 -16.06 -7.94 15.59
C ALA A 189 -16.47 -9.33 16.10
N MET A 190 -16.25 -9.57 17.38
CA MET A 190 -16.76 -10.76 18.02
C MET A 190 -18.26 -10.91 17.83
N GLU A 191 -19.01 -9.88 18.13
CA GLU A 191 -20.46 -9.98 18.07
C GLU A 191 -20.95 -10.11 16.62
N ARG A 192 -20.26 -9.48 15.68
CA ARG A 192 -20.53 -9.72 14.26
C ARG A 192 -20.43 -11.19 13.91
N GLN A 193 -19.76 -11.97 14.77
CA GLN A 193 -19.61 -13.42 14.61
C GLN A 193 -20.64 -14.21 15.40
N GLY A 194 -21.55 -13.50 16.08
CA GLY A 194 -22.56 -14.14 16.94
C GLY A 194 -21.87 -14.88 18.07
N LEU A 195 -21.17 -14.13 18.90
CA LEU A 195 -20.24 -14.72 19.84
C LEU A 195 -20.40 -13.96 21.14
N ASP A 196 -21.12 -14.56 22.08
CA ASP A 196 -21.38 -13.95 23.38
C ASP A 196 -20.12 -14.08 24.25
N MET A 197 -19.32 -13.01 24.32
CA MET A 197 -18.16 -12.95 25.20
C MET A 197 -17.80 -11.54 25.65
N LYS A 198 -17.26 -11.43 26.86
CA LYS A 198 -16.90 -10.15 27.45
C LYS A 198 -15.39 -10.04 27.57
N VAL A 199 -14.85 -8.86 27.30
CA VAL A 199 -13.46 -8.61 27.61
C VAL A 199 -13.34 -8.01 29.01
N THR A 200 -12.83 -8.79 29.95
CA THR A 200 -12.70 -8.32 31.34
C THR A 200 -11.33 -7.71 31.69
N ALA A 201 -10.32 -8.01 30.86
CA ALA A 201 -9.01 -7.34 30.97
C ALA A 201 -8.36 -7.02 29.59
N LEU A 202 -7.58 -5.93 29.58
CA LEU A 202 -6.80 -5.53 28.41
C LEU A 202 -5.40 -5.20 28.80
N VAL A 203 -4.44 -5.94 28.25
CA VAL A 203 -3.06 -5.78 28.68
C VAL A 203 -2.10 -5.80 27.51
N ASN A 204 -0.96 -5.14 27.69
CA ASN A 204 0.16 -5.23 26.77
C ASN A 204 0.78 -6.61 26.93
N ASP A 205 1.54 -7.06 25.94
CA ASP A 205 2.18 -8.37 26.04
C ASP A 205 3.22 -8.41 27.16
N THR A 206 3.89 -7.29 27.43
CA THR A 206 4.85 -7.24 28.53
C THR A 206 4.18 -7.41 29.90
N VAL A 207 3.03 -6.79 30.08
CA VAL A 207 2.22 -6.98 31.27
C VAL A 207 1.71 -8.42 31.41
N GLY A 208 1.03 -8.93 30.38
CA GLY A 208 0.67 -10.34 30.37
C GLY A 208 1.83 -11.22 30.81
N THR A 209 2.99 -11.06 30.20
CA THR A 209 4.11 -11.96 30.49
C THR A 209 4.58 -11.77 31.95
N LEU A 210 4.36 -10.58 32.50
CA LEU A 210 4.71 -10.33 33.89
C LEU A 210 3.73 -11.05 34.81
N ALA A 211 2.47 -11.09 34.40
CA ALA A 211 1.44 -11.77 35.15
C ALA A 211 1.63 -13.28 35.08
N GLY A 212 1.97 -13.80 33.90
CA GLY A 212 2.18 -15.24 33.75
C GLY A 212 3.37 -15.72 34.58
N GLY A 213 4.43 -14.95 34.52
CA GLY A 213 5.61 -15.29 35.27
C GLY A 213 5.31 -15.31 36.74
N ARG A 214 4.64 -14.27 37.23
CA ARG A 214 4.49 -14.09 38.67
C ARG A 214 3.63 -15.19 39.22
N TYR A 215 2.78 -15.73 38.35
CA TYR A 215 1.89 -16.81 38.74
C TYR A 215 2.64 -18.11 39.06
N VAL A 216 3.83 -18.30 38.50
CA VAL A 216 4.65 -19.46 38.86
C VAL A 216 5.87 -19.11 39.71
N ASP A 217 6.19 -17.84 39.83
CA ASP A 217 7.34 -17.50 40.65
C ASP A 217 7.17 -16.08 41.24
N ASN A 218 7.01 -16.02 42.56
CA ASN A 218 6.63 -14.80 43.23
C ASN A 218 7.72 -13.73 43.22
N ASP A 219 8.94 -14.05 42.80
CA ASP A 219 9.99 -13.03 42.77
C ASP A 219 10.14 -12.37 41.40
N VAL A 220 9.21 -12.64 40.49
CA VAL A 220 9.14 -11.93 39.21
C VAL A 220 8.81 -10.45 39.43
N ALA A 221 9.77 -9.58 39.16
CA ALA A 221 9.59 -8.14 39.28
C ALA A 221 9.35 -7.47 37.93
N ALA A 222 9.74 -8.15 36.85
CA ALA A 222 9.73 -7.55 35.53
C ALA A 222 9.57 -8.58 34.42
N ALA A 223 9.26 -8.12 33.21
CA ALA A 223 9.11 -9.01 32.06
C ALA A 223 9.63 -8.30 30.83
N VAL A 224 10.57 -8.90 30.10
CA VAL A 224 10.93 -8.27 28.83
C VAL A 224 10.49 -9.13 27.67
N ILE A 225 10.04 -8.49 26.60
CA ILE A 225 9.88 -9.15 25.33
C ILE A 225 11.05 -8.88 24.42
N LEU A 226 11.48 -9.93 23.73
CA LEU A 226 12.41 -9.84 22.62
C LEU A 226 11.93 -10.75 21.50
N GLY A 227 11.08 -10.20 20.65
CA GLY A 227 10.49 -10.96 19.53
C GLY A 227 10.50 -10.13 18.28
N THR A 228 9.38 -10.06 17.59
CA THR A 228 9.26 -9.12 16.46
C THR A 228 9.66 -7.72 16.94
N GLY A 229 9.17 -7.39 18.13
CA GLY A 229 9.55 -6.13 18.78
C GLY A 229 10.19 -6.38 20.11
N THR A 230 10.44 -5.31 20.87
CA THR A 230 11.00 -5.42 22.21
C THR A 230 10.41 -4.35 23.12
N ASN A 231 10.24 -4.70 24.40
CA ASN A 231 9.56 -3.84 25.35
C ASN A 231 9.60 -4.53 26.69
N ALA A 232 9.31 -3.79 27.76
CA ALA A 232 9.50 -4.32 29.10
C ALA A 232 8.49 -3.68 30.02
N ALA A 233 8.06 -4.47 31.00
CA ALA A 233 7.15 -4.01 32.04
C ALA A 233 7.73 -4.41 33.39
N TYR A 234 7.41 -3.62 34.40
CA TYR A 234 7.88 -3.89 35.75
C TYR A 234 6.83 -3.40 36.75
N VAL A 235 6.92 -3.88 37.98
CA VAL A 235 6.05 -3.40 39.05
C VAL A 235 6.65 -2.16 39.70
N GLU A 236 5.90 -1.07 39.67
CA GLU A 236 6.36 0.20 40.21
C GLU A 236 5.56 0.54 41.46
N HIS A 237 6.23 1.17 42.42
CA HIS A 237 5.54 1.79 43.56
C HIS A 237 4.64 2.93 43.07
N ALA A 238 3.36 2.89 43.42
CA ALA A 238 2.42 3.93 43.01
C ALA A 238 2.77 5.33 43.56
N ASN A 239 3.50 5.39 44.67
CA ASN A 239 3.83 6.65 45.28
C ASN A 239 5.10 7.18 44.67
N ALA A 240 5.58 6.53 43.63
CA ALA A 240 6.77 7.02 42.94
C ALA A 240 6.42 7.46 41.52
N ILE A 241 5.15 7.81 41.33
CA ILE A 241 4.61 8.20 40.03
C ILE A 241 3.94 9.58 40.05
N PRO A 242 4.72 10.65 39.82
CA PRO A 242 4.21 12.02 39.95
C PRO A 242 2.90 12.29 39.21
N LYS A 243 2.71 11.63 38.08
CA LYS A 243 1.59 11.90 37.18
C LYS A 243 0.38 11.09 37.59
N TRP A 244 0.55 10.30 38.64
CA TRP A 244 -0.60 9.66 39.23
C TRP A 244 -1.55 10.75 39.68
N THR A 245 -2.81 10.61 39.28
CA THR A 245 -3.88 11.40 39.84
C THR A 245 -5.05 10.48 40.17
N GLY A 246 -5.35 10.41 41.45
CA GLY A 246 -6.51 9.68 41.92
C GLY A 246 -6.15 9.09 43.27
N LEU A 247 -6.94 8.11 43.67
CA LEU A 247 -6.67 7.38 44.89
C LEU A 247 -5.55 6.39 44.62
N LEU A 248 -4.57 6.36 45.49
CA LEU A 248 -3.57 5.30 45.49
C LEU A 248 -4.27 3.93 45.59
N PRO A 249 -3.63 2.86 45.07
CA PRO A 249 -4.28 1.56 45.20
C PRO A 249 -3.85 0.78 46.46
N ARG A 250 -4.73 -0.10 46.91
CA ARG A 250 -4.54 -0.85 48.13
C ARG A 250 -3.13 -1.41 48.21
N SER A 251 -2.69 -2.00 47.11
CA SER A 251 -1.46 -2.80 47.08
C SER A 251 -0.22 -1.93 47.21
N GLY A 252 -0.39 -0.64 46.94
CA GLY A 252 0.76 0.28 46.83
C GLY A 252 1.47 0.15 45.50
N ASN A 253 0.85 -0.57 44.56
CA ASN A 253 1.56 -1.14 43.42
C ASN A 253 0.86 -0.89 42.09
N MET A 254 1.61 -0.46 41.08
CA MET A 254 1.10 -0.39 39.71
C MET A 254 2.12 -0.95 38.72
N VAL A 255 1.65 -1.80 37.83
CA VAL A 255 2.49 -2.30 36.76
C VAL A 255 2.59 -1.28 35.64
N ILE A 256 3.83 -0.98 35.22
CA ILE A 256 4.06 -0.03 34.13
C ILE A 256 4.50 -0.76 32.86
N ASN A 257 4.00 -0.30 31.73
CA ASN A 257 4.52 -0.64 30.42
C ASN A 257 5.41 0.49 29.92
N MET A 258 6.70 0.19 29.82
CA MET A 258 7.70 1.20 29.56
C MET A 258 7.62 1.65 28.12
N GLU A 259 7.27 0.71 27.23
CA GLU A 259 7.36 0.90 25.78
C GLU A 259 8.75 1.43 25.44
N TRP A 260 9.77 0.68 25.88
CA TRP A 260 11.15 1.09 25.71
C TRP A 260 11.60 0.92 24.28
N GLY A 261 10.80 0.27 23.45
CA GLY A 261 11.03 0.26 22.02
C GLY A 261 11.36 1.63 21.49
N ASN A 262 10.78 2.65 22.13
CA ASN A 262 10.87 4.02 21.65
C ASN A 262 12.00 4.85 22.30
N PHE A 263 12.77 4.20 23.17
CA PHE A 263 13.99 4.79 23.66
C PHE A 263 14.82 5.25 22.49
N LYS A 264 15.31 6.47 22.58
CA LYS A 264 16.42 6.95 21.76
C LYS A 264 17.31 7.69 22.73
N SER A 265 18.50 8.06 22.28
CA SER A 265 19.50 8.64 23.15
C SER A 265 20.78 8.72 22.40
N GLU A 266 21.40 9.89 22.40
CA GLU A 266 22.63 10.11 21.68
C GLU A 266 23.64 9.00 21.96
N ARG A 267 23.53 8.38 23.13
CA ARG A 267 24.45 7.33 23.54
C ARG A 267 24.32 6.05 22.70
N LEU A 268 23.22 5.92 21.97
CA LEU A 268 23.00 4.73 21.19
C LEU A 268 23.92 4.79 20.00
N PRO A 269 24.70 3.72 19.80
CA PRO A 269 25.69 3.66 18.75
C PRO A 269 25.08 3.21 17.42
N ARG A 270 24.80 4.16 16.53
CA ARG A 270 23.99 3.92 15.36
C ARG A 270 24.77 4.14 14.07
N SER A 271 24.26 3.65 12.95
CA SER A 271 24.99 3.68 11.71
C SER A 271 24.17 4.28 10.57
N ASP A 272 24.82 4.47 9.42
CA ASP A 272 24.10 4.75 8.19
C ASP A 272 23.03 3.69 8.05
N TYR A 273 23.40 2.44 8.30
CA TYR A 273 22.51 1.31 8.05
C TYR A 273 21.21 1.47 8.85
N ASP A 274 21.34 1.90 10.10
CA ASP A 274 20.21 2.12 10.98
C ASP A 274 19.41 3.32 10.51
N ASN A 275 20.09 4.37 10.09
CA ASN A 275 19.45 5.54 9.51
C ASN A 275 18.63 5.19 8.29
N ALA A 276 19.16 4.33 7.42
CA ALA A 276 18.52 4.06 6.16
C ALA A 276 17.35 3.12 6.37
N LEU A 277 17.51 2.21 7.33
CA LEU A 277 16.44 1.28 7.67
C LEU A 277 15.22 2.05 8.17
N ASP A 278 15.49 3.03 9.04
CA ASP A 278 14.47 3.93 9.59
C ASP A 278 13.81 4.75 8.51
N PHE A 279 14.61 5.38 7.66
CA PHE A 279 14.10 6.15 6.53
C PHE A 279 13.08 5.38 5.71
N GLU A 280 13.33 4.08 5.48
CA GLU A 280 12.45 3.29 4.63
C GLU A 280 11.52 2.44 5.48
N SER A 281 11.39 2.76 6.75
CA SER A 281 10.50 1.96 7.63
C SER A 281 9.04 2.44 7.56
N LEU A 282 8.16 1.58 8.06
CA LEU A 282 6.76 1.93 8.22
C LEU A 282 6.55 3.07 9.20
N ASN A 283 7.44 3.21 10.16
CA ASN A 283 7.24 4.15 11.24
C ASN A 283 8.47 5.01 11.48
N PRO A 284 8.85 5.78 10.46
CA PRO A 284 10.12 6.52 10.47
C PRO A 284 10.20 7.47 11.64
N GLY A 285 11.25 7.36 12.44
CA GLY A 285 11.50 8.29 13.53
C GLY A 285 11.16 7.66 14.85
N GLU A 286 10.40 6.57 14.77
CA GLU A 286 9.81 5.98 15.96
C GLU A 286 10.48 4.66 16.29
N GLN A 287 10.49 4.28 17.56
CA GLN A 287 10.92 2.97 17.97
C GLN A 287 12.38 2.74 17.60
N ILE A 288 13.18 3.77 17.82
CA ILE A 288 14.54 3.77 17.34
C ILE A 288 15.44 2.75 18.05
N TYR A 289 15.24 2.57 19.34
CA TYR A 289 15.94 1.54 20.10
C TYR A 289 15.51 0.17 19.65
N GLU A 290 14.21 -0.03 19.53
CA GLU A 290 13.71 -1.33 19.12
C GLU A 290 14.40 -1.78 17.83
N LYS A 291 14.60 -0.83 16.90
CA LYS A 291 15.06 -1.13 15.55
C LYS A 291 16.54 -1.53 15.52
N MET A 292 17.15 -1.54 16.70
CA MET A 292 18.52 -1.92 16.85
C MET A 292 18.62 -3.32 17.43
N ILE A 293 17.49 -3.89 17.84
CA ILE A 293 17.59 -5.05 18.66
C ILE A 293 16.55 -6.14 18.39
N SER A 294 15.35 -5.79 17.97
CA SER A 294 14.30 -6.81 17.92
C SER A 294 14.37 -7.57 16.60
N GLY A 295 13.53 -8.60 16.50
CA GLY A 295 13.70 -9.62 15.49
C GLY A 295 13.24 -9.21 14.10
N MET A 296 12.30 -8.27 14.03
CA MET A 296 11.82 -7.79 12.72
C MET A 296 12.93 -7.04 12.01
N TYR A 297 13.94 -6.59 12.75
CA TYR A 297 14.89 -5.65 12.21
C TYR A 297 16.33 -6.19 12.06
N LEU A 298 16.73 -7.20 12.84
CA LEU A 298 18.15 -7.66 12.83
C LEU A 298 18.66 -8.20 11.49
N GLY A 299 17.86 -9.04 10.85
CA GLY A 299 18.19 -9.58 9.54
C GLY A 299 18.31 -8.50 8.50
N GLU A 300 17.52 -7.45 8.65
CA GLU A 300 17.51 -6.38 7.66
C GLU A 300 18.78 -5.53 7.79
N ILE A 301 19.33 -5.43 8.99
CA ILE A 301 20.55 -4.65 9.21
C ILE A 301 21.72 -5.42 8.63
N VAL A 302 21.70 -6.73 8.86
CA VAL A 302 22.69 -7.63 8.30
C VAL A 302 22.68 -7.54 6.77
N ARG A 303 21.49 -7.53 6.19
CA ARG A 303 21.36 -7.47 4.76
C ARG A 303 22.02 -6.22 4.24
N ARG A 304 21.82 -5.11 4.94
CA ARG A 304 22.25 -3.81 4.40
C ARG A 304 23.76 -3.70 4.46
N ILE A 305 24.35 -4.31 5.47
CA ILE A 305 25.80 -4.33 5.61
C ILE A 305 26.41 -5.25 4.55
N LEU A 306 25.80 -6.40 4.33
CA LEU A 306 26.21 -7.27 3.25
C LEU A 306 26.04 -6.59 1.90
N LEU A 307 25.05 -5.75 1.76
CA LEU A 307 24.81 -5.09 0.47
C LEU A 307 25.89 -4.03 0.17
N LYS A 308 26.42 -3.41 1.22
CA LYS A 308 27.50 -2.47 1.05
C LYS A 308 28.73 -3.25 0.60
N LEU A 309 28.98 -4.37 1.27
CA LEU A 309 30.11 -5.20 0.96
C LEU A 309 30.06 -5.73 -0.49
N ALA A 310 28.89 -6.22 -0.91
CA ALA A 310 28.76 -6.77 -2.26
C ALA A 310 29.00 -5.68 -3.30
N HIS A 311 28.63 -4.46 -2.92
CA HIS A 311 28.80 -3.33 -3.83
C HIS A 311 30.25 -2.80 -3.83
N ASP A 312 30.76 -2.44 -2.65
CA ASP A 312 32.01 -1.68 -2.57
C ASP A 312 33.22 -2.59 -2.55
N ALA A 313 33.00 -3.89 -2.38
CA ALA A 313 34.12 -4.82 -2.27
C ALA A 313 33.83 -6.12 -2.97
N SER A 314 32.90 -6.13 -3.90
CA SER A 314 32.70 -7.29 -4.76
C SER A 314 32.55 -8.59 -3.97
N LEU A 315 32.29 -8.47 -2.68
CA LEU A 315 32.30 -9.61 -1.77
C LEU A 315 31.65 -10.89 -2.32
N PHE A 316 30.62 -10.75 -3.16
CA PHE A 316 29.90 -11.90 -3.69
C PHE A 316 29.95 -11.96 -5.21
N GLY A 317 31.06 -11.53 -5.79
CA GLY A 317 31.21 -11.54 -7.23
C GLY A 317 31.24 -10.14 -7.78
N ASP A 318 31.43 -10.04 -9.09
CA ASP A 318 31.67 -8.76 -9.70
C ASP A 318 30.40 -7.98 -9.86
N VAL A 319 29.27 -8.68 -9.91
CA VAL A 319 27.98 -8.02 -9.81
C VAL A 319 27.29 -8.42 -8.51
N VAL A 320 26.60 -7.46 -7.88
CA VAL A 320 25.87 -7.73 -6.66
C VAL A 320 24.61 -8.53 -6.96
N PRO A 321 24.33 -9.57 -6.17
CA PRO A 321 23.15 -10.36 -6.49
C PRO A 321 21.88 -9.57 -6.32
N THR A 322 21.01 -9.68 -7.31
CA THR A 322 19.71 -9.05 -7.31
C THR A 322 18.98 -9.21 -5.98
N LYS A 323 18.89 -10.45 -5.50
CA LYS A 323 18.11 -10.74 -4.30
C LYS A 323 18.58 -9.92 -3.09
N LEU A 324 19.87 -9.63 -3.05
CA LEU A 324 20.44 -8.92 -1.92
C LEU A 324 19.95 -7.46 -1.87
N GLU A 325 19.30 -7.03 -2.94
CA GLU A 325 18.82 -5.65 -3.02
C GLU A 325 17.36 -5.58 -2.57
N GLN A 326 16.72 -6.72 -2.41
CA GLN A 326 15.37 -6.75 -1.87
C GLN A 326 15.40 -6.51 -0.39
N ARG A 327 14.71 -5.47 0.03
CA ARG A 327 14.41 -5.25 1.44
C ARG A 327 13.75 -6.43 2.09
N PHE A 328 14.24 -6.80 3.26
CA PHE A 328 13.62 -7.82 4.14
C PHE A 328 13.77 -9.25 3.66
N ILE A 329 14.51 -9.46 2.59
CA ILE A 329 14.72 -10.80 2.05
C ILE A 329 15.48 -11.67 3.05
N LEU A 330 16.42 -11.09 3.81
CA LEU A 330 17.16 -11.80 4.84
C LEU A 330 16.52 -11.60 6.21
N ARG A 331 15.83 -12.64 6.69
CA ARG A 331 15.07 -12.57 7.91
C ARG A 331 15.99 -13.02 9.04
N THR A 332 15.54 -12.88 10.28
CA THR A 332 16.41 -13.06 11.43
C THR A 332 16.57 -14.55 11.78
N PRO A 333 15.56 -15.36 11.47
CA PRO A 333 15.76 -16.80 11.60
C PRO A 333 16.80 -17.34 10.62
N ASP A 334 16.87 -16.74 9.45
CA ASP A 334 17.92 -17.08 8.50
C ASP A 334 19.26 -16.62 9.04
N MET A 335 19.28 -15.47 9.67
CA MET A 335 20.51 -14.92 10.21
C MET A 335 21.08 -15.82 11.32
N SER A 336 20.21 -16.34 12.18
CA SER A 336 20.69 -17.19 13.27
C SER A 336 21.04 -18.57 12.73
N ALA A 337 20.43 -18.97 11.62
CA ALA A 337 20.91 -20.15 10.93
C ALA A 337 22.36 -19.93 10.62
N MET A 338 22.65 -18.90 9.84
CA MET A 338 24.02 -18.71 9.42
C MET A 338 24.94 -18.65 10.62
N HIS A 339 24.49 -17.96 11.67
CA HIS A 339 25.36 -17.54 12.78
C HIS A 339 25.85 -18.79 13.54
N HIS A 340 24.99 -19.80 13.63
CA HIS A 340 25.27 -20.96 14.47
C HIS A 340 25.98 -22.11 13.71
N ASP A 341 26.33 -21.88 12.44
CA ASP A 341 27.09 -22.86 11.68
C ASP A 341 28.51 -22.98 12.25
N THR A 342 28.90 -24.22 12.59
CA THR A 342 30.24 -24.51 13.16
C THR A 342 31.08 -25.40 12.24
N SER A 343 30.52 -25.77 11.10
CA SER A 343 31.29 -26.48 10.08
C SER A 343 32.55 -25.71 9.63
N HIS A 344 33.49 -26.46 9.08
CA HIS A 344 34.84 -25.98 8.81
C HIS A 344 34.75 -25.22 7.52
N ASP A 345 33.86 -25.66 6.64
CA ASP A 345 33.70 -25.02 5.34
C ASP A 345 32.46 -24.10 5.34
N LEU A 346 31.92 -23.86 6.54
CA LEU A 346 30.65 -23.15 6.70
C LEU A 346 29.57 -23.56 5.68
N LYS A 347 29.52 -24.85 5.35
CA LYS A 347 28.41 -25.46 4.61
C LYS A 347 27.10 -24.72 4.72
N HIS A 348 26.60 -24.67 5.95
CA HIS A 348 25.17 -24.45 6.18
C HIS A 348 24.85 -22.99 5.95
N LEU A 349 25.68 -22.14 6.53
CA LEU A 349 25.79 -20.75 6.13
C LEU A 349 25.75 -20.59 4.61
N GLY A 350 26.69 -21.21 3.90
CA GLY A 350 26.69 -21.13 2.44
C GLY A 350 25.38 -21.55 1.77
N ALA A 351 24.77 -22.62 2.25
CA ALA A 351 23.47 -23.06 1.73
C ALA A 351 22.40 -21.96 1.86
N LYS A 352 22.47 -21.20 2.96
CA LYS A 352 21.53 -20.15 3.23
C LYS A 352 21.78 -18.96 2.31
N LEU A 353 23.04 -18.60 2.15
CA LEU A 353 23.42 -17.56 1.19
C LEU A 353 23.00 -17.90 -0.21
N LYS A 354 23.25 -19.14 -0.62
CA LYS A 354 22.85 -19.56 -1.95
C LYS A 354 21.38 -19.25 -2.09
N ASP A 355 20.64 -19.68 -1.09
CA ASP A 355 19.21 -19.61 -1.14
C ASP A 355 18.73 -18.16 -1.14
N ILE A 356 19.24 -17.36 -0.20
CA ILE A 356 18.79 -16.00 -0.02
C ILE A 356 19.36 -14.97 -1.00
N LEU A 357 20.66 -15.02 -1.24
CA LEU A 357 21.27 -14.20 -2.27
C LEU A 357 21.05 -14.69 -3.68
N GLY A 358 20.38 -15.83 -3.84
CA GLY A 358 20.19 -16.45 -5.15
C GLY A 358 21.47 -16.58 -5.95
N VAL A 359 22.59 -16.67 -5.24
CA VAL A 359 23.89 -16.97 -5.86
C VAL A 359 24.11 -18.50 -5.98
N ALA A 360 25.06 -18.93 -6.82
CA ALA A 360 25.38 -20.36 -6.96
C ALA A 360 26.46 -20.82 -5.97
N ASP A 361 27.46 -19.97 -5.76
CA ASP A 361 28.68 -20.37 -5.08
C ASP A 361 29.23 -19.19 -4.29
N THR A 362 30.02 -19.49 -3.27
CA THR A 362 30.51 -18.48 -2.35
C THR A 362 31.95 -18.74 -1.96
N SER A 363 32.79 -17.72 -2.10
CA SER A 363 34.07 -17.70 -1.42
C SER A 363 33.93 -18.14 0.05
N LEU A 364 34.92 -18.85 0.57
CA LEU A 364 34.94 -19.23 1.97
C LEU A 364 35.33 -18.04 2.84
N GLU A 365 36.08 -17.09 2.30
CA GLU A 365 36.41 -15.91 3.06
C GLU A 365 35.18 -15.02 3.15
N ALA A 366 34.38 -15.05 2.08
CA ALA A 366 33.08 -14.38 2.05
C ALA A 366 32.12 -14.96 3.09
N ARG A 367 32.16 -16.27 3.27
CA ARG A 367 31.36 -16.91 4.30
C ARG A 367 31.80 -16.51 5.70
N TYR A 368 33.09 -16.28 5.90
CA TYR A 368 33.61 -15.92 7.23
C TYR A 368 33.31 -14.46 7.55
N ILE A 369 33.13 -13.66 6.52
CA ILE A 369 32.85 -12.26 6.70
C ILE A 369 31.35 -12.05 7.00
N THR A 370 30.52 -12.84 6.34
CA THR A 370 29.10 -12.87 6.61
C THR A 370 28.88 -13.20 8.09
N LEU A 371 29.50 -14.29 8.54
CA LEU A 371 29.37 -14.76 9.93
C LEU A 371 29.83 -13.71 10.90
N HIS A 372 30.87 -12.99 10.54
CA HIS A 372 31.31 -11.90 11.38
C HIS A 372 30.24 -10.80 11.45
N VAL A 373 29.61 -10.50 10.33
CA VAL A 373 28.64 -9.41 10.29
C VAL A 373 27.44 -9.78 11.16
N CYS A 374 26.93 -11.00 10.98
CA CYS A 374 25.93 -11.54 11.88
C CYS A 374 26.34 -11.36 13.34
N ASP A 375 27.60 -11.68 13.63
CA ASP A 375 28.11 -11.60 14.99
C ASP A 375 28.00 -10.17 15.57
N LEU A 376 28.48 -9.18 14.82
CA LEU A 376 28.44 -7.79 15.26
C LEU A 376 26.98 -7.27 15.52
N VAL A 377 26.08 -7.66 14.63
CA VAL A 377 24.72 -7.19 14.67
C VAL A 377 23.97 -7.79 15.86
N ALA A 378 24.03 -9.10 16.01
CA ALA A 378 23.39 -9.73 17.16
C ALA A 378 24.00 -9.27 18.44
N GLU A 379 25.31 -9.01 18.42
CA GLU A 379 26.06 -8.68 19.62
C GLU A 379 25.64 -7.32 20.15
N ARG A 380 25.45 -6.37 19.23
CA ARG A 380 25.01 -5.03 19.62
C ARG A 380 23.61 -5.08 20.22
N GLY A 381 22.73 -5.85 19.60
CA GLY A 381 21.34 -5.90 20.01
C GLY A 381 21.25 -6.47 21.41
N ALA A 382 22.02 -7.50 21.66
CA ALA A 382 21.95 -8.24 22.91
C ALA A 382 22.61 -7.41 24.01
N ARG A 383 23.73 -6.79 23.71
CA ARG A 383 24.38 -5.96 24.71
C ARG A 383 23.53 -4.75 25.08
N LEU A 384 22.87 -4.15 24.09
CA LEU A 384 21.93 -3.01 24.33
C LEU A 384 20.67 -3.43 25.11
N ALA A 385 20.17 -4.63 24.87
CA ALA A 385 18.98 -5.05 25.57
C ALA A 385 19.33 -5.35 27.03
N ALA A 386 20.52 -5.87 27.25
CA ALA A 386 21.01 -6.10 28.60
C ALA A 386 21.13 -4.79 29.36
N ALA A 387 21.59 -3.73 28.70
CA ALA A 387 21.67 -2.42 29.35
C ALA A 387 20.27 -1.97 29.83
N GLY A 388 19.28 -2.26 29.01
CA GLY A 388 17.92 -1.93 29.36
C GLY A 388 17.45 -2.65 30.62
N ILE A 389 17.58 -3.97 30.63
CA ILE A 389 17.26 -4.72 31.84
C ILE A 389 18.02 -4.23 33.06
N TYR A 390 19.29 -3.86 32.88
CA TYR A 390 20.09 -3.30 33.97
C TYR A 390 19.46 -1.98 34.43
N GLY A 391 19.10 -1.12 33.47
CA GLY A 391 18.27 0.07 33.76
C GLY A 391 17.08 -0.21 34.68
N ILE A 392 16.34 -1.27 34.39
CA ILE A 392 15.18 -1.59 35.21
C ILE A 392 15.65 -1.97 36.59
N LEU A 393 16.61 -2.87 36.66
CA LEU A 393 17.13 -3.32 37.94
C LEU A 393 17.58 -2.11 38.78
N LYS A 394 18.19 -1.12 38.13
CA LYS A 394 18.55 0.10 38.82
C LYS A 394 17.32 0.80 39.37
N LYS A 395 16.31 0.96 38.54
CA LYS A 395 15.07 1.58 38.99
C LYS A 395 14.50 0.84 40.23
N LEU A 396 14.61 -0.48 40.24
CA LEU A 396 14.04 -1.28 41.33
C LEU A 396 14.98 -1.37 42.54
N GLY A 397 16.12 -0.68 42.46
CA GLY A 397 17.24 -0.86 43.40
C GLY A 397 17.54 -2.32 43.72
N ARG A 398 17.76 -3.11 42.67
CA ARG A 398 18.20 -4.50 42.78
C ARG A 398 19.46 -4.67 41.97
N ASP A 399 20.13 -3.55 41.69
CA ASP A 399 21.39 -3.57 40.96
C ASP A 399 22.54 -3.81 41.90
N ARG A 400 22.24 -3.88 43.20
CA ARG A 400 23.25 -4.02 44.25
C ARG A 400 22.82 -5.00 45.36
N VAL A 401 23.79 -5.45 46.16
CA VAL A 401 23.53 -6.30 47.31
C VAL A 401 23.78 -5.48 48.57
N PRO A 402 23.35 -5.99 49.74
CA PRO A 402 23.55 -5.15 50.93
C PRO A 402 24.57 -5.71 51.95
N GLN A 409 18.29 -11.25 48.51
CA GLN A 409 17.35 -10.64 47.56
C GLN A 409 17.25 -11.48 46.28
N ARG A 410 16.07 -12.03 45.97
CA ARG A 410 15.94 -12.75 44.71
C ARG A 410 14.96 -12.10 43.74
N THR A 411 15.47 -11.71 42.58
CA THR A 411 14.74 -10.93 41.57
C THR A 411 14.70 -11.67 40.22
N VAL A 412 13.50 -11.99 39.77
CA VAL A 412 13.33 -12.74 38.55
C VAL A 412 12.80 -11.84 37.43
N ILE A 413 13.35 -12.06 36.25
CA ILE A 413 12.97 -11.30 35.08
C ILE A 413 12.49 -12.26 34.02
N ALA A 414 11.19 -12.19 33.73
CA ALA A 414 10.53 -13.08 32.79
C ALA A 414 10.78 -12.65 31.34
N LEU A 415 11.10 -13.60 30.47
CA LEU A 415 11.32 -13.31 29.06
C LEU A 415 10.42 -14.07 28.09
N ASP A 416 10.19 -13.47 26.95
CA ASP A 416 9.29 -14.02 25.96
C ASP A 416 9.72 -13.44 24.65
N GLY A 417 9.37 -14.14 23.58
CA GLY A 417 9.72 -13.70 22.25
C GLY A 417 10.66 -14.67 21.58
N GLY A 418 10.42 -14.90 20.30
CA GLY A 418 11.16 -15.88 19.51
C GLY A 418 12.60 -15.50 19.35
N LEU A 419 12.88 -14.23 19.14
CA LEU A 419 14.27 -13.80 19.13
C LEU A 419 14.94 -14.45 20.33
N TYR A 420 14.38 -14.28 21.53
CA TYR A 420 15.10 -14.64 22.75
C TYR A 420 15.09 -16.13 22.95
N GLU A 421 13.98 -16.73 22.57
CA GLU A 421 13.78 -18.16 22.77
C GLU A 421 14.63 -19.04 21.85
N HIS A 422 14.94 -18.56 20.66
CA HIS A 422 15.46 -19.42 19.61
C HIS A 422 16.85 -19.02 19.13
N TYR A 423 17.21 -17.76 19.28
CA TYR A 423 18.51 -17.26 18.88
C TYR A 423 19.53 -17.47 20.01
N LYS A 424 20.15 -18.65 20.04
CA LYS A 424 20.95 -19.04 21.20
C LYS A 424 22.07 -18.06 21.54
N LYS A 425 22.73 -17.48 20.55
CA LYS A 425 23.92 -16.66 20.82
C LYS A 425 23.49 -15.29 21.28
N PHE A 426 22.31 -14.89 20.83
CA PHE A 426 21.74 -13.62 21.23
C PHE A 426 21.39 -13.78 22.71
N ARG A 427 20.79 -14.91 23.04
CA ARG A 427 20.40 -15.19 24.41
C ARG A 427 21.60 -15.10 25.33
N THR A 428 22.67 -15.82 25.01
CA THR A 428 23.78 -15.91 25.94
C THR A 428 24.63 -14.65 25.93
N CYS A 429 24.62 -13.87 24.86
CA CYS A 429 25.34 -12.60 24.87
C CYS A 429 24.68 -11.62 25.82
N LEU A 430 23.36 -11.70 25.90
CA LEU A 430 22.54 -10.85 26.75
C LEU A 430 22.74 -11.21 28.22
N GLU A 431 22.77 -12.52 28.51
CA GLU A 431 22.99 -12.99 29.88
C GLU A 431 24.42 -12.72 30.39
N ALA A 432 25.41 -13.04 29.59
CA ALA A 432 26.78 -12.71 29.96
C ALA A 432 26.90 -11.23 30.28
N THR A 433 26.19 -10.38 29.54
CA THR A 433 26.47 -8.94 29.62
C THR A 433 25.71 -8.34 30.81
N LEU A 434 24.51 -8.85 31.04
CA LEU A 434 23.73 -8.43 32.18
C LEU A 434 24.55 -8.65 33.45
N ALA A 435 25.11 -9.85 33.55
CA ALA A 435 25.91 -10.30 34.69
C ALA A 435 27.17 -9.47 34.80
N ASP A 436 27.78 -9.20 33.66
CA ASP A 436 28.92 -8.31 33.66
C ASP A 436 28.52 -6.98 34.29
N LEU A 437 27.37 -6.45 33.89
CA LEU A 437 26.97 -5.12 34.35
C LEU A 437 26.64 -5.15 35.84
N LEU A 438 26.00 -6.22 36.29
CA LEU A 438 25.51 -6.29 37.67
C LEU A 438 26.69 -6.42 38.64
N GLY A 439 27.82 -6.89 38.12
CA GLY A 439 28.91 -7.43 38.94
C GLY A 439 28.53 -8.77 39.54
N GLU A 440 29.54 -9.51 39.96
CA GLU A 440 29.36 -10.83 40.56
C GLU A 440 28.34 -10.85 41.68
N GLU A 441 28.58 -10.08 42.72
CA GLU A 441 27.76 -10.20 43.90
C GLU A 441 26.29 -10.05 43.53
N ALA A 442 25.98 -8.99 42.78
CA ALA A 442 24.61 -8.65 42.48
C ALA A 442 23.97 -9.65 41.52
N ALA A 443 24.77 -10.23 40.64
CA ALA A 443 24.27 -11.17 39.64
C ALA A 443 23.70 -12.44 40.26
N SER A 444 24.33 -12.92 41.33
CA SER A 444 23.83 -14.13 41.98
C SER A 444 22.38 -13.92 42.46
N SER A 445 21.98 -12.66 42.62
CA SER A 445 20.63 -12.31 43.09
C SER A 445 19.56 -12.50 42.01
N VAL A 446 19.92 -12.22 40.75
CA VAL A 446 18.92 -12.12 39.67
C VAL A 446 18.89 -13.34 38.75
N VAL A 447 17.73 -13.54 38.16
CA VAL A 447 17.43 -14.73 37.40
C VAL A 447 16.72 -14.27 36.15
N VAL A 448 17.21 -14.69 35.00
CA VAL A 448 16.49 -14.54 33.74
C VAL A 448 15.86 -15.90 33.37
N LYS A 449 14.53 -15.96 33.34
CA LYS A 449 13.86 -17.20 33.02
C LYS A 449 12.87 -17.06 31.85
N LEU A 450 12.90 -18.05 30.95
CA LEU A 450 11.94 -18.19 29.89
C LEU A 450 10.53 -18.30 30.44
N ALA A 451 9.66 -17.40 30.03
CA ALA A 451 8.24 -17.50 30.31
C ALA A 451 7.48 -17.52 28.99
N ASN A 452 7.93 -18.41 28.10
CA ASN A 452 7.49 -18.43 26.70
C ASN A 452 5.96 -18.47 26.55
N ASP A 453 5.45 -17.75 25.55
CA ASP A 453 4.00 -17.68 25.29
C ASP A 453 3.22 -17.30 26.57
N GLY A 454 3.83 -16.44 27.41
CA GLY A 454 3.34 -16.21 28.77
C GLY A 454 2.34 -15.10 28.80
N SER A 455 2.36 -14.24 27.79
CA SER A 455 1.43 -13.10 27.68
C SER A 455 0.01 -13.61 27.54
N GLY A 456 -0.15 -14.66 26.74
CA GLY A 456 -1.44 -15.33 26.58
C GLY A 456 -2.10 -15.70 27.90
N ILE A 457 -1.43 -16.52 28.71
CA ILE A 457 -2.01 -17.01 29.98
C ILE A 457 -2.14 -15.88 31.00
N GLY A 458 -1.09 -15.07 31.12
CA GLY A 458 -1.12 -13.91 31.99
C GLY A 458 -2.38 -13.07 31.85
N ALA A 459 -2.96 -13.06 30.64
CA ALA A 459 -4.15 -12.24 30.39
C ALA A 459 -5.43 -12.93 30.89
N ALA A 460 -5.45 -14.26 30.79
CA ALA A 460 -6.57 -15.05 31.29
C ALA A 460 -6.63 -14.93 32.78
N LEU A 461 -5.45 -15.00 33.42
CA LEU A 461 -5.35 -14.94 34.87
C LEU A 461 -5.91 -13.63 35.34
N LEU A 462 -5.56 -12.56 34.63
CA LEU A 462 -6.02 -11.23 35.02
C LEU A 462 -7.48 -11.00 34.67
N ALA A 463 -8.00 -11.73 33.68
CA ALA A 463 -9.44 -11.72 33.42
C ALA A 463 -10.23 -12.39 34.57
N ALA A 464 -9.63 -13.40 35.17
CA ALA A 464 -10.14 -13.99 36.39
C ALA A 464 -10.40 -12.94 37.50
N SER A 465 -9.35 -12.21 37.89
CA SER A 465 -9.46 -11.28 39.00
C SER A 465 -10.52 -10.23 38.75
N HIS A 466 -11.04 -10.17 37.53
CA HIS A 466 -11.92 -9.06 37.16
C HIS A 466 -13.21 -9.57 36.53
N SER A 467 -13.57 -10.79 36.91
CA SER A 467 -14.82 -11.36 36.52
C SER A 467 -16.01 -10.49 36.92
N GLN A 468 -17.11 -10.66 36.21
CA GLN A 468 -18.43 -10.18 36.64
C GLN A 468 -19.06 -11.11 37.68
N TYR A 469 -18.32 -12.13 38.13
CA TYR A 469 -18.85 -13.15 39.04
C TYR A 469 -17.85 -13.47 40.15
N ALA A 470 -18.22 -14.42 41.03
CA ALA A 470 -17.28 -14.98 42.04
C ALA A 470 -17.06 -16.48 41.83
N ILE B 9 14.39 -37.26 -13.02
CA ILE B 9 14.99 -36.80 -11.73
C ILE B 9 14.07 -37.19 -10.56
N PRO B 10 14.51 -38.16 -9.72
CA PRO B 10 13.68 -38.68 -8.62
C PRO B 10 12.95 -37.56 -7.86
N MET B 11 13.70 -36.48 -7.61
CA MET B 11 13.27 -35.38 -6.74
C MET B 11 11.94 -34.77 -7.18
N ALA B 12 11.79 -34.55 -8.49
CA ALA B 12 10.65 -33.81 -9.02
C ALA B 12 9.37 -34.67 -9.05
N ALA B 13 9.51 -35.95 -9.37
CA ALA B 13 8.39 -36.89 -9.26
C ALA B 13 7.73 -36.81 -7.90
N ALA B 14 8.53 -36.70 -6.84
CA ALA B 14 8.03 -36.83 -5.46
C ALA B 14 7.10 -35.68 -5.07
N VAL B 15 7.40 -34.46 -5.56
CA VAL B 15 6.46 -33.33 -5.42
C VAL B 15 5.23 -33.50 -6.30
N ILE B 16 5.44 -33.68 -7.60
CA ILE B 16 4.36 -34.00 -8.53
C ILE B 16 3.36 -34.98 -7.91
N GLU B 17 3.84 -35.98 -7.18
CA GLU B 17 2.94 -36.93 -6.50
C GLU B 17 2.02 -36.17 -5.57
N GLU B 18 2.65 -35.44 -4.64
CA GLU B 18 1.93 -34.66 -3.63
C GLU B 18 0.96 -33.68 -4.30
N VAL B 19 1.27 -33.24 -5.52
CA VAL B 19 0.34 -32.35 -6.18
C VAL B 19 -0.85 -33.14 -6.71
N GLU B 20 -0.60 -33.97 -7.72
CA GLU B 20 -1.58 -34.95 -8.20
C GLU B 20 -2.47 -35.50 -7.06
N GLN B 21 -1.85 -35.94 -5.98
CA GLN B 21 -2.61 -36.45 -4.85
C GLN B 21 -3.50 -35.38 -4.18
N ARG B 22 -3.00 -34.15 -4.04
CA ARG B 22 -3.76 -33.12 -3.36
C ARG B 22 -4.81 -32.55 -4.29
N PHE B 23 -4.42 -32.33 -5.54
CA PHE B 23 -5.28 -31.69 -6.53
C PHE B 23 -6.37 -32.63 -7.07
N SER B 24 -6.24 -33.92 -6.76
CA SER B 24 -7.04 -34.98 -7.37
C SER B 24 -8.55 -34.77 -7.16
N THR B 25 -9.32 -34.96 -8.23
CA THR B 25 -10.75 -34.71 -8.22
C THR B 25 -11.54 -35.84 -8.87
N PRO B 26 -11.50 -37.04 -8.25
CA PRO B 26 -12.38 -38.10 -8.72
C PRO B 26 -13.87 -37.69 -8.72
N THR B 27 -14.62 -38.15 -9.72
CA THR B 27 -16.01 -37.78 -9.86
C THR B 27 -16.82 -38.01 -8.58
N ALA B 28 -16.65 -39.16 -7.97
CA ALA B 28 -17.29 -39.43 -6.70
C ALA B 28 -17.15 -38.22 -5.77
N LEU B 29 -16.04 -37.49 -5.90
CA LEU B 29 -15.76 -36.35 -5.00
C LEU B 29 -16.47 -35.09 -5.47
N LEU B 30 -16.30 -34.74 -6.73
CA LEU B 30 -17.12 -33.73 -7.35
C LEU B 30 -18.60 -33.81 -6.91
N ARG B 31 -19.16 -35.02 -6.83
CA ARG B 31 -20.59 -35.20 -6.51
C ARG B 31 -20.82 -34.87 -5.06
N GLY B 32 -19.87 -35.30 -4.22
CA GLY B 32 -19.81 -34.91 -2.83
C GLY B 32 -19.78 -33.41 -2.66
N ILE B 33 -19.15 -32.73 -3.60
CA ILE B 33 -18.97 -31.29 -3.50
C ILE B 33 -20.25 -30.56 -3.94
N ALA B 34 -20.85 -31.03 -5.03
CA ALA B 34 -22.11 -30.47 -5.44
C ALA B 34 -23.15 -30.63 -4.33
N ASP B 35 -23.14 -31.76 -3.64
CA ASP B 35 -24.05 -31.91 -2.50
C ASP B 35 -23.82 -30.74 -1.51
N ALA B 36 -22.55 -30.47 -1.21
CA ALA B 36 -22.16 -29.42 -0.29
C ALA B 36 -22.46 -28.02 -0.83
N MET B 37 -22.31 -27.84 -2.14
CA MET B 37 -22.79 -26.62 -2.78
C MET B 37 -24.26 -26.40 -2.46
N VAL B 38 -25.10 -27.36 -2.84
CA VAL B 38 -26.54 -27.29 -2.58
C VAL B 38 -26.81 -26.97 -1.10
N GLU B 39 -26.19 -27.70 -0.18
CA GLU B 39 -26.44 -27.46 1.27
C GLU B 39 -26.18 -26.00 1.61
N GLU B 40 -25.15 -25.43 1.00
CA GLU B 40 -24.76 -24.07 1.31
C GLU B 40 -25.67 -23.01 0.66
N MET B 41 -26.16 -23.35 -0.53
CA MET B 41 -27.22 -22.60 -1.20
C MET B 41 -28.42 -22.49 -0.29
N GLU B 42 -28.75 -23.57 0.38
CA GLU B 42 -29.93 -23.56 1.23
C GLU B 42 -29.69 -22.76 2.51
N ARG B 43 -28.51 -22.91 3.12
CA ARG B 43 -28.19 -22.17 4.35
C ARG B 43 -28.19 -20.67 4.11
N GLY B 44 -27.79 -20.28 2.91
CA GLY B 44 -27.74 -18.86 2.54
C GLY B 44 -29.09 -18.23 2.26
N LEU B 45 -30.06 -19.05 1.86
CA LEU B 45 -31.41 -18.57 1.60
C LEU B 45 -32.18 -18.53 2.90
N ARG B 46 -31.53 -19.04 3.94
CA ARG B 46 -32.20 -19.28 5.20
C ARG B 46 -32.05 -18.11 6.16
N ALA B 47 -31.21 -17.14 5.81
CA ALA B 47 -31.09 -15.92 6.62
C ALA B 47 -30.14 -16.12 7.78
N ASP B 48 -29.12 -16.91 7.56
CA ASP B 48 -28.14 -17.16 8.59
C ASP B 48 -26.83 -16.52 8.19
N PRO B 49 -26.68 -15.20 8.44
CA PRO B 49 -25.32 -14.70 8.26
C PRO B 49 -24.33 -15.66 8.92
N HIS B 50 -23.09 -15.66 8.42
CA HIS B 50 -22.10 -16.72 8.70
C HIS B 50 -22.28 -17.88 7.74
N ALA B 51 -23.18 -17.73 6.78
CA ALA B 51 -23.26 -18.63 5.64
C ALA B 51 -22.21 -18.23 4.63
N PRO B 52 -21.45 -19.20 4.13
CA PRO B 52 -20.43 -18.87 3.15
C PRO B 52 -21.05 -18.32 1.89
N LEU B 53 -22.19 -18.87 1.49
CA LEU B 53 -22.91 -18.32 0.34
C LEU B 53 -23.92 -17.28 0.81
N LYS B 54 -23.68 -16.03 0.43
CA LYS B 54 -24.57 -14.93 0.81
C LYS B 54 -25.95 -15.08 0.18
N MET B 55 -25.99 -15.61 -1.05
CA MET B 55 -27.25 -15.85 -1.78
C MET B 55 -28.15 -14.61 -1.84
N LEU B 56 -27.73 -13.62 -2.62
CA LEU B 56 -28.26 -12.26 -2.55
C LEU B 56 -29.46 -12.09 -3.46
N ILE B 57 -30.56 -11.63 -2.88
CA ILE B 57 -31.73 -11.20 -3.64
C ILE B 57 -31.30 -10.04 -4.53
N SER B 58 -31.58 -10.16 -5.83
CA SER B 58 -31.20 -9.15 -6.82
C SER B 58 -32.22 -8.01 -6.98
N TYR B 59 -33.47 -8.30 -6.59
CA TYR B 59 -34.61 -7.38 -6.71
C TYR B 59 -35.06 -7.19 -8.15
N VAL B 60 -34.71 -8.16 -8.99
CA VAL B 60 -35.22 -8.26 -10.35
C VAL B 60 -36.42 -9.20 -10.38
N ASP B 61 -37.55 -8.69 -10.87
CA ASP B 61 -38.72 -9.54 -11.13
C ASP B 61 -39.01 -9.60 -12.64
N ASN B 62 -38.55 -8.58 -13.38
CA ASN B 62 -38.72 -8.51 -14.83
C ASN B 62 -37.45 -8.84 -15.55
N LEU B 63 -37.19 -10.12 -15.79
CA LEU B 63 -36.17 -10.52 -16.77
C LEU B 63 -36.59 -10.11 -18.18
N PRO B 64 -35.64 -9.69 -19.02
CA PRO B 64 -36.01 -9.09 -20.30
C PRO B 64 -36.82 -10.02 -21.17
N THR B 65 -37.85 -9.47 -21.80
CA THR B 65 -38.81 -10.24 -22.61
C THR B 65 -38.35 -10.35 -24.07
N GLY B 66 -37.65 -9.34 -24.54
CA GLY B 66 -37.33 -9.20 -25.96
C GLY B 66 -37.82 -7.87 -26.51
N ASP B 67 -38.88 -7.37 -25.89
CA ASP B 67 -39.74 -6.34 -26.47
C ASP B 67 -39.36 -4.98 -25.92
N GLU B 68 -38.20 -4.92 -25.28
CA GLU B 68 -37.75 -3.69 -24.70
C GLU B 68 -37.30 -2.83 -25.85
N HIS B 69 -37.56 -1.54 -25.71
CA HIS B 69 -37.31 -0.56 -26.77
C HIS B 69 -36.79 0.77 -26.18
N GLY B 70 -35.81 1.37 -26.85
CA GLY B 70 -35.33 2.70 -26.50
C GLY B 70 -33.83 2.81 -26.33
N LEU B 71 -33.39 3.99 -25.93
CA LEU B 71 -32.00 4.25 -25.62
C LEU B 71 -31.70 3.82 -24.18
N PHE B 72 -30.61 3.09 -24.00
CA PHE B 72 -30.12 2.79 -22.65
C PHE B 72 -28.59 2.69 -22.61
N TYR B 73 -28.00 3.29 -21.57
CA TYR B 73 -26.57 3.15 -21.29
C TYR B 73 -26.29 2.09 -20.21
N ALA B 74 -25.09 1.52 -20.27
CA ALA B 74 -24.60 0.67 -19.18
C ALA B 74 -23.17 1.03 -18.77
N LEU B 75 -22.87 0.83 -17.49
CA LEU B 75 -21.48 0.77 -17.03
C LEU B 75 -21.20 -0.60 -16.42
N ASP B 76 -20.19 -1.30 -16.94
CA ASP B 76 -19.73 -2.58 -16.35
C ASP B 76 -18.35 -2.39 -15.72
N LEU B 77 -18.26 -2.72 -14.43
CA LEU B 77 -17.03 -2.59 -13.67
C LEU B 77 -16.62 -3.97 -13.21
N GLY B 78 -15.54 -4.48 -13.77
CA GLY B 78 -15.06 -5.82 -13.45
C GLY B 78 -13.78 -5.76 -12.64
N GLY B 79 -13.07 -6.87 -12.58
CA GLY B 79 -11.84 -6.92 -11.86
C GLY B 79 -10.79 -6.06 -12.50
N THR B 80 -10.71 -6.06 -13.83
CA THR B 80 -9.50 -5.55 -14.52
C THR B 80 -9.86 -4.49 -15.57
N ASN B 81 -11.03 -4.65 -16.18
CA ASN B 81 -11.53 -3.70 -17.17
C ASN B 81 -12.85 -3.19 -16.68
N PHE B 82 -13.21 -1.99 -17.13
CA PHE B 82 -14.59 -1.57 -17.12
C PHE B 82 -15.02 -1.18 -18.52
N ARG B 83 -16.31 -0.88 -18.66
CA ARG B 83 -16.95 -0.80 -19.97
C ARG B 83 -18.12 0.19 -19.91
N VAL B 84 -18.07 1.21 -20.75
CA VAL B 84 -19.27 2.02 -21.02
C VAL B 84 -19.94 1.52 -22.29
N ILE B 85 -21.28 1.58 -22.31
CA ILE B 85 -22.09 0.94 -23.35
C ILE B 85 -23.32 1.80 -23.67
N ARG B 86 -23.75 1.78 -24.92
CA ARG B 86 -25.10 2.24 -25.25
C ARG B 86 -25.74 1.37 -26.34
N VAL B 87 -27.03 1.11 -26.18
CA VAL B 87 -27.77 0.32 -27.14
C VAL B 87 -29.07 1.04 -27.43
N GLN B 88 -29.49 0.98 -28.71
CA GLN B 88 -30.84 1.42 -29.10
C GLN B 88 -31.72 0.23 -29.48
N LEU B 89 -32.87 0.15 -28.81
CA LEU B 89 -33.67 -1.06 -28.82
C LEU B 89 -34.97 -0.85 -29.58
N GLY B 90 -35.26 -1.75 -30.51
CA GLY B 90 -36.32 -1.56 -31.49
C GLY B 90 -37.60 -2.32 -31.21
N GLY B 91 -37.59 -3.17 -30.19
CA GLY B 91 -38.75 -3.98 -29.87
C GLY B 91 -38.62 -5.37 -30.46
N ARG B 92 -39.69 -6.17 -30.32
CA ARG B 92 -39.59 -7.64 -30.34
C ARG B 92 -38.87 -8.18 -31.57
N GLU B 93 -39.08 -7.52 -32.71
CA GLU B 93 -38.60 -8.00 -33.99
C GLU B 93 -37.22 -7.42 -34.27
N LYS B 94 -37.13 -6.10 -34.18
CA LYS B 94 -35.91 -5.35 -34.50
C LYS B 94 -34.79 -5.62 -33.48
N ARG B 95 -35.16 -5.67 -32.20
CA ARG B 95 -34.24 -5.96 -31.08
C ARG B 95 -33.17 -4.88 -30.87
N VAL B 96 -31.91 -5.28 -30.96
CA VAL B 96 -30.83 -4.37 -30.73
C VAL B 96 -30.50 -3.72 -32.06
N VAL B 97 -31.02 -2.51 -32.27
CA VAL B 97 -30.75 -1.77 -33.51
C VAL B 97 -29.25 -1.49 -33.65
N SER B 98 -28.77 -0.45 -32.95
CA SER B 98 -27.34 -0.11 -32.94
C SER B 98 -26.84 -0.15 -31.50
N GLN B 99 -25.55 -0.42 -31.35
CA GLN B 99 -24.91 -0.45 -30.05
C GLN B 99 -23.44 -0.09 -30.12
N GLN B 100 -22.97 0.62 -29.11
CA GLN B 100 -21.57 1.04 -29.04
C GLN B 100 -21.02 0.91 -27.62
N TYR B 101 -19.74 0.57 -27.52
CA TYR B 101 -19.10 0.37 -26.24
C TYR B 101 -17.64 0.79 -26.30
N GLU B 102 -17.16 1.37 -25.20
CA GLU B 102 -15.72 1.51 -24.93
C GLU B 102 -15.31 0.66 -23.73
N GLU B 103 -14.17 -0.01 -23.88
CA GLU B 103 -13.53 -0.74 -22.80
C GLU B 103 -12.21 -0.09 -22.37
N VAL B 104 -12.03 0.11 -21.07
CA VAL B 104 -10.78 0.68 -20.55
C VAL B 104 -10.18 -0.21 -19.47
N ALA B 105 -8.89 -0.45 -19.55
CA ALA B 105 -8.22 -1.24 -18.54
C ALA B 105 -8.11 -0.37 -17.33
N ILE B 106 -8.47 -0.92 -16.16
CA ILE B 106 -8.40 -0.21 -14.88
C ILE B 106 -6.96 -0.04 -14.38
N PRO B 107 -6.53 1.21 -14.19
CA PRO B 107 -5.19 1.46 -13.67
C PRO B 107 -5.04 0.87 -12.27
N PRO B 108 -4.02 0.04 -12.05
CA PRO B 108 -3.94 -0.82 -10.87
C PRO B 108 -4.08 -0.09 -9.55
N HIS B 109 -3.65 1.16 -9.52
CA HIS B 109 -3.74 1.94 -8.31
C HIS B 109 -5.16 2.21 -7.86
N LEU B 110 -6.06 2.33 -8.83
CA LEU B 110 -7.46 2.61 -8.58
C LEU B 110 -8.18 1.41 -7.96
N MET B 111 -7.55 0.25 -8.04
CA MET B 111 -8.00 -0.91 -7.28
C MET B 111 -7.79 -0.78 -5.79
N VAL B 112 -6.90 0.10 -5.38
CA VAL B 112 -6.51 0.18 -3.97
C VAL B 112 -6.34 1.62 -3.48
N GLY B 113 -6.88 2.57 -4.24
CA GLY B 113 -6.87 3.97 -3.84
C GLY B 113 -8.04 4.33 -2.94
N THR B 114 -8.63 5.49 -3.20
CA THR B 114 -9.86 5.93 -2.56
C THR B 114 -11.05 5.71 -3.46
N SER B 115 -12.23 5.59 -2.86
CA SER B 115 -13.49 5.55 -3.59
C SER B 115 -13.60 6.72 -4.56
N MET B 116 -13.20 7.90 -4.16
CA MET B 116 -13.37 9.06 -5.02
C MET B 116 -12.57 8.96 -6.32
N GLU B 117 -11.41 8.35 -6.28
CA GLU B 117 -10.57 8.32 -7.47
C GLU B 117 -11.11 7.29 -8.45
N LEU B 118 -11.47 6.13 -7.93
CA LEU B 118 -12.12 5.11 -8.76
C LEU B 118 -13.33 5.66 -9.52
N PHE B 119 -14.26 6.25 -8.79
CA PHE B 119 -15.51 6.58 -9.39
C PHE B 119 -15.42 7.79 -10.30
N ASP B 120 -14.60 8.77 -9.93
CA ASP B 120 -14.25 9.87 -10.84
C ASP B 120 -13.74 9.31 -12.15
N PHE B 121 -12.76 8.42 -12.06
CA PHE B 121 -12.05 7.96 -13.23
C PHE B 121 -13.02 7.31 -14.23
N ILE B 122 -13.86 6.42 -13.71
CA ILE B 122 -15.01 5.89 -14.44
C ILE B 122 -15.86 7.02 -15.01
N ALA B 123 -16.44 7.83 -14.13
CA ALA B 123 -17.39 8.85 -14.58
C ALA B 123 -16.82 9.71 -15.70
N ALA B 124 -15.53 10.02 -15.65
CA ALA B 124 -14.91 10.86 -16.67
C ALA B 124 -14.93 10.17 -18.03
N GLU B 125 -14.68 8.86 -18.07
CA GLU B 125 -14.86 8.08 -19.29
C GLU B 125 -16.31 8.14 -19.78
N LEU B 126 -17.26 8.02 -18.87
CA LEU B 126 -18.64 8.03 -19.24
C LEU B 126 -18.99 9.35 -19.89
N GLU B 127 -18.69 10.45 -19.20
CA GLU B 127 -18.99 11.76 -19.77
C GLU B 127 -18.48 11.86 -21.22
N SER B 128 -17.24 11.43 -21.43
CA SER B 128 -16.61 11.69 -22.70
C SER B 128 -17.09 10.65 -23.73
N PHE B 129 -17.62 9.54 -23.24
CA PHE B 129 -18.38 8.63 -24.10
C PHE B 129 -19.66 9.31 -24.56
N VAL B 130 -20.46 9.77 -23.61
CA VAL B 130 -21.75 10.38 -23.93
C VAL B 130 -21.65 11.42 -25.07
N LYS B 131 -20.66 12.31 -25.03
CA LYS B 131 -20.48 13.27 -26.14
C LYS B 131 -20.32 12.58 -27.51
N THR B 132 -19.87 11.33 -27.54
CA THR B 132 -19.75 10.61 -28.81
C THR B 132 -21.12 10.37 -29.46
N GLU B 133 -22.16 10.25 -28.65
CA GLU B 133 -23.41 9.66 -29.10
C GLU B 133 -24.00 10.35 -30.34
N GLY B 134 -24.14 9.57 -31.41
CA GLY B 134 -24.53 10.08 -32.72
C GLY B 134 -26.04 10.09 -32.93
N GLU B 135 -26.45 10.05 -34.19
CA GLU B 135 -27.80 10.43 -34.59
C GLU B 135 -28.69 9.19 -34.54
N ASP B 136 -28.07 8.05 -34.81
CA ASP B 136 -28.75 6.76 -34.72
C ASP B 136 -28.93 6.31 -33.27
N PHE B 137 -28.46 7.15 -32.32
CA PHE B 137 -28.95 7.10 -30.92
C PHE B 137 -29.76 8.35 -30.56
N HIS B 138 -31.04 8.15 -30.24
CA HIS B 138 -31.94 9.26 -29.93
C HIS B 138 -32.68 9.05 -28.61
N LEU B 139 -33.00 10.16 -27.97
CA LEU B 139 -33.66 10.16 -26.68
C LEU B 139 -34.78 11.22 -26.72
N PRO B 140 -36.03 10.77 -26.64
CA PRO B 140 -37.12 11.72 -26.49
C PRO B 140 -36.73 12.85 -25.55
N GLU B 141 -36.84 14.08 -26.04
CA GLU B 141 -36.66 15.31 -25.22
C GLU B 141 -37.50 15.32 -23.94
N GLY B 142 -37.19 16.25 -23.04
CA GLY B 142 -37.75 16.20 -21.69
C GLY B 142 -36.86 15.45 -20.71
N ARG B 143 -36.62 14.17 -20.98
CA ARG B 143 -36.11 13.28 -19.94
C ARG B 143 -34.61 13.01 -20.02
N GLN B 144 -34.04 12.69 -18.86
CA GLN B 144 -32.64 12.28 -18.75
C GLN B 144 -32.42 10.80 -19.02
N ARG B 145 -31.19 10.49 -19.41
CA ARG B 145 -30.88 9.14 -19.87
C ARG B 145 -30.81 8.17 -18.69
N GLU B 146 -30.91 6.88 -18.98
CA GLU B 146 -31.11 5.85 -17.97
C GLU B 146 -29.99 4.82 -18.12
N LEU B 147 -29.50 4.31 -17.00
CA LEU B 147 -28.21 3.64 -16.98
C LEU B 147 -28.24 2.46 -16.03
N GLY B 148 -27.80 1.31 -16.52
CA GLY B 148 -27.67 0.12 -15.69
C GLY B 148 -26.22 -0.08 -15.26
N PHE B 149 -26.04 -0.34 -13.97
CA PHE B 149 -24.71 -0.38 -13.38
C PHE B 149 -24.41 -1.78 -12.98
N THR B 150 -23.68 -2.49 -13.84
CA THR B 150 -23.19 -3.82 -13.51
C THR B 150 -21.96 -3.64 -12.60
N PHE B 151 -22.04 -4.19 -11.39
CA PHE B 151 -21.01 -4.01 -10.39
C PHE B 151 -20.53 -5.36 -9.90
N SER B 152 -19.35 -5.76 -10.36
CA SER B 152 -18.91 -7.14 -10.24
C SER B 152 -18.39 -7.47 -8.84
N PHE B 153 -19.13 -7.08 -7.80
CA PHE B 153 -18.73 -7.37 -6.42
C PHE B 153 -19.96 -7.58 -5.53
N PRO B 154 -19.79 -8.33 -4.42
CA PRO B 154 -20.89 -8.70 -3.52
C PRO B 154 -21.67 -7.51 -2.94
N VAL B 155 -22.95 -7.37 -3.30
CA VAL B 155 -23.75 -6.24 -2.79
C VAL B 155 -24.97 -6.68 -2.01
N HIS B 156 -25.20 -6.08 -0.85
CA HIS B 156 -26.49 -6.24 -0.20
C HIS B 156 -27.51 -5.30 -0.85
N GLN B 157 -28.39 -5.84 -1.71
CA GLN B 157 -29.38 -4.99 -2.40
C GLN B 157 -30.34 -4.45 -1.38
N THR B 158 -30.85 -3.26 -1.65
CA THR B 158 -31.97 -2.73 -0.88
C THR B 158 -33.11 -2.35 -1.81
N SER B 159 -32.78 -2.13 -3.09
CA SER B 159 -33.77 -2.09 -4.16
C SER B 159 -33.08 -2.44 -5.49
N ILE B 160 -33.82 -2.44 -6.58
CA ILE B 160 -33.23 -2.76 -7.88
C ILE B 160 -32.11 -1.78 -8.21
N SER B 161 -32.19 -0.56 -7.67
CA SER B 161 -31.24 0.50 -8.03
C SER B 161 -30.43 0.98 -6.82
N SER B 162 -30.41 0.19 -5.75
CA SER B 162 -29.59 0.55 -4.61
C SER B 162 -29.06 -0.64 -3.81
N GLY B 163 -27.97 -0.40 -3.12
CA GLY B 163 -27.29 -1.45 -2.44
C GLY B 163 -25.93 -1.03 -1.93
N THR B 164 -25.56 -1.57 -0.80
CA THR B 164 -24.33 -1.23 -0.14
C THR B 164 -23.28 -2.31 -0.40
N LEU B 165 -22.02 -1.91 -0.59
CA LEU B 165 -20.95 -2.90 -0.77
C LEU B 165 -20.83 -3.75 0.47
N ILE B 166 -20.68 -5.06 0.27
CA ILE B 166 -20.46 -5.99 1.39
C ILE B 166 -18.96 -6.15 1.65
N LYS B 167 -18.20 -6.41 0.58
CA LYS B 167 -16.75 -6.66 0.68
C LYS B 167 -16.12 -6.70 -0.72
N TRP B 168 -14.90 -6.21 -0.84
CA TRP B 168 -14.24 -6.20 -2.11
C TRP B 168 -13.69 -7.59 -2.37
N THR B 169 -13.36 -7.86 -3.63
CA THR B 169 -12.75 -9.12 -4.02
C THR B 169 -11.84 -8.87 -5.23
N LYS B 170 -11.11 -9.90 -5.65
CA LYS B 170 -10.47 -9.90 -6.96
C LYS B 170 -9.39 -8.82 -7.08
N GLY B 171 -8.66 -8.56 -6.02
CA GLY B 171 -7.58 -7.57 -6.11
C GLY B 171 -7.98 -6.12 -5.96
N PHE B 172 -9.24 -5.87 -5.63
CA PHE B 172 -9.67 -4.56 -5.11
C PHE B 172 -9.56 -4.51 -3.61
N SER B 173 -9.05 -3.40 -3.07
CA SER B 173 -9.14 -3.11 -1.64
C SER B 173 -9.14 -1.62 -1.36
N ILE B 174 -10.34 -1.04 -1.43
CA ILE B 174 -10.52 0.38 -1.24
C ILE B 174 -11.24 0.62 0.08
N ASN B 175 -10.60 1.38 0.96
CA ASN B 175 -10.98 1.34 2.35
C ASN B 175 -12.37 1.93 2.58
N GLY B 176 -12.60 3.11 2.03
CA GLY B 176 -13.84 3.79 2.35
C GLY B 176 -15.09 2.93 2.17
N THR B 177 -15.12 2.15 1.10
CA THR B 177 -16.36 1.89 0.42
C THR B 177 -17.24 0.81 1.06
N VAL B 178 -16.66 -0.06 1.86
CA VAL B 178 -17.46 -1.11 2.45
C VAL B 178 -18.62 -0.44 3.16
N GLY B 179 -19.81 -0.99 2.95
CA GLY B 179 -20.99 -0.58 3.69
C GLY B 179 -21.74 0.62 3.15
N GLU B 180 -21.24 1.18 2.05
CA GLU B 180 -21.78 2.42 1.47
C GLU B 180 -22.59 2.04 0.26
N ASP B 181 -23.57 2.87 -0.08
CA ASP B 181 -24.34 2.70 -1.31
C ASP B 181 -23.49 2.99 -2.52
N VAL B 182 -23.25 2.00 -3.35
CA VAL B 182 -22.34 2.17 -4.46
C VAL B 182 -22.97 2.94 -5.57
N VAL B 183 -24.30 2.90 -5.68
CA VAL B 183 -24.98 3.76 -6.65
C VAL B 183 -24.88 5.23 -6.20
N ALA B 184 -25.22 5.53 -4.96
CA ALA B 184 -24.91 6.85 -4.39
C ALA B 184 -23.47 7.27 -4.74
N GLU B 185 -22.55 6.32 -4.70
CA GLU B 185 -21.16 6.64 -4.92
C GLU B 185 -20.93 7.11 -6.37
N LEU B 186 -21.38 6.30 -7.32
CA LEU B 186 -21.19 6.57 -8.73
C LEU B 186 -21.88 7.84 -9.19
N SER B 187 -23.06 8.10 -8.67
CA SER B 187 -23.86 9.22 -9.15
C SER B 187 -23.29 10.55 -8.69
N ARG B 188 -22.69 10.56 -7.50
CA ARG B 188 -21.93 11.73 -7.06
C ARG B 188 -20.74 11.97 -8.00
N ALA B 189 -20.09 10.90 -8.44
CA ALA B 189 -19.03 10.99 -9.43
C ALA B 189 -19.53 11.53 -10.76
N MET B 190 -20.73 11.16 -11.15
CA MET B 190 -21.30 11.58 -12.44
C MET B 190 -21.75 13.03 -12.37
N GLU B 191 -22.43 13.41 -11.30
CA GLU B 191 -22.81 14.80 -11.10
C GLU B 191 -21.56 15.67 -11.07
N ARG B 192 -20.53 15.21 -10.38
CA ARG B 192 -19.30 15.97 -10.32
C ARG B 192 -18.75 16.23 -11.71
N GLN B 193 -19.14 15.42 -12.68
CA GLN B 193 -18.69 15.59 -14.08
C GLN B 193 -19.60 16.52 -14.92
N GLY B 194 -20.60 17.13 -14.27
CA GLY B 194 -21.65 17.83 -14.98
C GLY B 194 -22.43 16.90 -15.86
N LEU B 195 -22.35 15.61 -15.56
CA LEU B 195 -23.11 14.61 -16.29
C LEU B 195 -24.49 14.48 -15.71
N ASP B 196 -25.45 14.10 -16.54
CA ASP B 196 -26.85 14.15 -16.16
C ASP B 196 -27.53 12.85 -16.55
N MET B 197 -27.50 11.90 -15.64
CA MET B 197 -27.89 10.55 -15.95
C MET B 197 -28.30 9.88 -14.67
N LYS B 198 -29.36 9.08 -14.74
CA LYS B 198 -29.94 8.46 -13.57
C LYS B 198 -29.60 6.97 -13.61
N VAL B 199 -29.15 6.39 -12.49
CA VAL B 199 -28.98 4.95 -12.41
C VAL B 199 -30.30 4.32 -12.08
N THR B 200 -30.68 3.29 -12.82
CA THR B 200 -32.02 2.71 -12.66
C THR B 200 -31.90 1.23 -12.31
N ALA B 201 -30.70 0.69 -12.46
CA ALA B 201 -30.45 -0.72 -12.21
C ALA B 201 -29.09 -0.92 -11.59
N LEU B 202 -29.05 -1.73 -10.53
CA LEU B 202 -27.80 -2.22 -9.99
C LEU B 202 -27.78 -3.74 -9.98
N VAL B 203 -26.82 -4.29 -10.72
CA VAL B 203 -26.72 -5.75 -10.88
C VAL B 203 -25.30 -6.29 -10.71
N ASN B 204 -25.19 -7.43 -10.05
CA ASN B 204 -23.97 -8.20 -10.11
C ASN B 204 -23.72 -8.56 -11.55
N ASP B 205 -22.48 -8.86 -11.92
CA ASP B 205 -22.22 -9.24 -13.31
C ASP B 205 -22.88 -10.59 -13.63
N THR B 206 -23.06 -11.45 -12.65
CA THR B 206 -23.74 -12.70 -12.89
C THR B 206 -25.19 -12.41 -13.26
N VAL B 207 -25.84 -11.56 -12.47
CA VAL B 207 -27.20 -11.15 -12.76
C VAL B 207 -27.28 -10.56 -14.17
N GLY B 208 -26.40 -9.61 -14.47
CA GLY B 208 -26.34 -9.02 -15.79
C GLY B 208 -26.24 -10.04 -16.92
N THR B 209 -25.34 -11.00 -16.77
CA THR B 209 -25.04 -11.93 -17.86
C THR B 209 -26.22 -12.87 -18.06
N LEU B 210 -26.79 -13.33 -16.95
CA LEU B 210 -28.07 -14.04 -16.98
C LEU B 210 -29.13 -13.24 -17.76
N ALA B 211 -29.34 -11.99 -17.37
CA ALA B 211 -30.35 -11.14 -18.01
C ALA B 211 -30.19 -11.03 -19.54
N GLY B 212 -28.97 -10.79 -19.98
CA GLY B 212 -28.69 -10.69 -21.41
C GLY B 212 -28.98 -12.01 -22.09
N GLY B 213 -28.54 -13.10 -21.46
CA GLY B 213 -28.69 -14.46 -22.01
C GLY B 213 -30.14 -14.89 -22.23
N ARG B 214 -31.04 -14.47 -21.34
CA ARG B 214 -32.47 -14.74 -21.47
C ARG B 214 -33.07 -14.01 -22.64
N TYR B 215 -32.72 -12.72 -22.74
CA TYR B 215 -33.18 -11.83 -23.80
C TYR B 215 -33.11 -12.53 -25.15
N VAL B 216 -32.04 -13.29 -25.40
CA VAL B 216 -31.89 -13.99 -26.70
C VAL B 216 -32.51 -15.39 -26.66
N ASP B 217 -32.27 -16.13 -25.59
CA ASP B 217 -32.68 -17.53 -25.54
C ASP B 217 -33.45 -17.84 -24.26
N ASN B 218 -34.70 -18.25 -24.39
CA ASN B 218 -35.64 -18.13 -23.29
C ASN B 218 -35.43 -19.15 -22.21
N ASP B 219 -34.70 -20.20 -22.51
CA ASP B 219 -34.64 -21.34 -21.61
C ASP B 219 -33.61 -21.14 -20.49
N VAL B 220 -32.91 -20.00 -20.50
CA VAL B 220 -31.73 -19.82 -19.62
C VAL B 220 -32.15 -19.52 -18.18
N ALA B 221 -31.72 -20.40 -17.26
CA ALA B 221 -32.07 -20.33 -15.85
C ALA B 221 -30.92 -19.77 -14.98
N ALA B 222 -29.68 -19.94 -15.44
CA ALA B 222 -28.54 -19.57 -14.64
C ALA B 222 -27.43 -19.00 -15.52
N ALA B 223 -26.55 -18.19 -14.92
CA ALA B 223 -25.36 -17.74 -15.60
C ALA B 223 -24.16 -18.03 -14.71
N VAL B 224 -22.99 -18.25 -15.32
CA VAL B 224 -21.75 -18.27 -14.54
C VAL B 224 -20.61 -17.48 -15.19
N ILE B 225 -19.88 -16.74 -14.34
CA ILE B 225 -18.71 -16.01 -14.77
C ILE B 225 -17.47 -16.80 -14.44
N LEU B 226 -16.57 -16.89 -15.41
CA LEU B 226 -15.25 -17.45 -15.21
C LEU B 226 -14.25 -16.47 -15.77
N GLY B 227 -14.06 -15.37 -15.06
CA GLY B 227 -13.12 -14.33 -15.47
C GLY B 227 -12.00 -14.13 -14.45
N THR B 228 -11.72 -12.87 -14.15
CA THR B 228 -10.80 -12.53 -13.07
C THR B 228 -11.27 -13.18 -11.77
N GLY B 229 -12.57 -13.16 -11.54
CA GLY B 229 -13.17 -13.95 -10.47
C GLY B 229 -14.09 -15.04 -11.01
N THR B 230 -14.82 -15.68 -10.12
CA THR B 230 -15.85 -16.61 -10.55
C THR B 230 -17.07 -16.48 -9.63
N ASN B 231 -18.24 -16.79 -10.17
CA ASN B 231 -19.50 -16.61 -9.47
C ASN B 231 -20.61 -17.03 -10.42
N ALA B 232 -21.85 -16.99 -9.93
CA ALA B 232 -22.97 -17.66 -10.61
C ALA B 232 -24.31 -17.18 -10.08
N ALA B 233 -25.14 -16.71 -11.00
CA ALA B 233 -26.51 -16.35 -10.71
C ALA B 233 -27.49 -17.35 -11.35
N TYR B 234 -28.67 -17.44 -10.74
CA TYR B 234 -29.69 -18.41 -11.13
C TYR B 234 -31.09 -17.96 -10.63
N VAL B 235 -32.12 -18.35 -11.38
CA VAL B 235 -33.50 -18.08 -10.99
C VAL B 235 -33.93 -19.07 -9.93
N GLU B 236 -34.57 -18.60 -8.86
CA GLU B 236 -35.00 -19.46 -7.78
C GLU B 236 -36.48 -19.23 -7.50
N HIS B 237 -37.16 -20.28 -7.05
CA HIS B 237 -38.57 -20.16 -6.71
C HIS B 237 -38.70 -19.38 -5.42
N ALA B 238 -39.58 -18.39 -5.44
CA ALA B 238 -39.69 -17.44 -4.32
C ALA B 238 -40.04 -18.14 -3.01
N ASN B 239 -40.64 -19.31 -3.14
CA ASN B 239 -41.15 -20.04 -1.98
C ASN B 239 -40.08 -20.96 -1.42
N ALA B 240 -38.87 -20.85 -1.96
CA ALA B 240 -37.73 -21.67 -1.51
C ALA B 240 -36.68 -20.79 -0.81
N ILE B 241 -37.16 -19.65 -0.28
CA ILE B 241 -36.32 -18.53 0.11
C ILE B 241 -36.84 -18.02 1.45
N PRO B 242 -36.61 -18.78 2.51
CA PRO B 242 -37.13 -18.46 3.83
C PRO B 242 -36.92 -17.02 4.24
N LYS B 243 -35.77 -16.46 3.86
CA LYS B 243 -35.36 -15.15 4.39
C LYS B 243 -36.16 -14.03 3.75
N TRP B 244 -36.87 -14.38 2.69
CA TRP B 244 -37.75 -13.47 1.97
C TRP B 244 -38.96 -13.10 2.81
N THR B 245 -39.15 -11.81 3.00
CA THR B 245 -40.29 -11.28 3.75
C THR B 245 -41.01 -10.25 2.88
N GLY B 246 -42.32 -10.34 2.78
CA GLY B 246 -43.03 -9.44 1.86
C GLY B 246 -43.51 -10.14 0.60
N LEU B 247 -43.99 -9.36 -0.35
CA LEU B 247 -44.96 -9.84 -1.33
C LEU B 247 -44.36 -10.85 -2.28
N LEU B 248 -45.14 -11.88 -2.60
CA LEU B 248 -44.73 -12.88 -3.61
C LEU B 248 -44.64 -12.20 -4.98
N PRO B 249 -43.54 -12.46 -5.74
CA PRO B 249 -43.29 -11.77 -7.02
C PRO B 249 -44.27 -12.16 -8.15
N ARG B 250 -44.44 -11.28 -9.15
CA ARG B 250 -45.17 -11.64 -10.38
C ARG B 250 -44.71 -13.01 -10.88
N SER B 251 -43.39 -13.16 -11.04
CA SER B 251 -42.80 -14.34 -11.66
C SER B 251 -42.99 -15.58 -10.82
N GLY B 252 -43.42 -15.41 -9.56
CA GLY B 252 -43.23 -16.45 -8.56
C GLY B 252 -41.77 -16.80 -8.38
N ASN B 253 -40.91 -15.98 -8.99
CA ASN B 253 -39.50 -16.28 -9.08
C ASN B 253 -38.66 -15.11 -8.63
N MET B 254 -37.43 -15.41 -8.26
CA MET B 254 -36.49 -14.41 -7.77
C MET B 254 -35.04 -14.83 -8.04
N VAL B 255 -34.42 -14.17 -9.02
CA VAL B 255 -33.04 -14.41 -9.39
C VAL B 255 -32.01 -14.03 -8.30
N ILE B 256 -31.01 -14.88 -8.14
CA ILE B 256 -30.14 -14.87 -6.97
C ILE B 256 -28.66 -14.72 -7.37
N ASN B 257 -27.94 -13.89 -6.61
CA ASN B 257 -26.49 -13.88 -6.69
C ASN B 257 -25.84 -14.75 -5.62
N MET B 258 -25.38 -15.94 -6.00
CA MET B 258 -24.82 -16.88 -5.03
C MET B 258 -23.58 -16.32 -4.32
N GLU B 259 -22.70 -15.66 -5.06
CA GLU B 259 -21.38 -15.31 -4.56
C GLU B 259 -20.66 -16.56 -4.04
N TRP B 260 -20.37 -17.47 -4.98
CA TRP B 260 -19.92 -18.83 -4.66
C TRP B 260 -18.38 -18.97 -4.62
N GLY B 261 -17.68 -17.93 -5.04
CA GLY B 261 -16.25 -17.82 -4.77
C GLY B 261 -15.97 -18.13 -3.31
N ASN B 262 -16.91 -17.78 -2.44
CA ASN B 262 -16.70 -17.88 -1.00
C ASN B 262 -16.99 -19.27 -0.43
N PHE B 263 -17.66 -20.11 -1.20
CA PHE B 263 -17.77 -21.54 -0.90
C PHE B 263 -16.46 -22.06 -0.27
N LYS B 264 -16.54 -22.80 0.83
CA LYS B 264 -15.34 -23.40 1.36
C LYS B 264 -15.52 -24.69 2.13
N SER B 265 -15.77 -25.77 1.41
CA SER B 265 -16.06 -27.06 2.01
C SER B 265 -14.78 -27.79 2.32
N GLU B 266 -14.77 -28.54 3.41
CA GLU B 266 -13.59 -29.31 3.78
C GLU B 266 -13.25 -30.27 2.68
N ARG B 267 -14.24 -30.58 1.85
CA ARG B 267 -14.10 -31.57 0.78
C ARG B 267 -13.41 -31.01 -0.44
N LEU B 268 -13.15 -29.72 -0.44
CA LEU B 268 -12.34 -29.15 -1.47
C LEU B 268 -10.92 -29.68 -1.30
N PRO B 269 -10.29 -30.06 -2.42
CA PRO B 269 -8.92 -30.57 -2.41
C PRO B 269 -7.87 -29.47 -2.46
N ARG B 270 -7.58 -28.86 -1.32
CA ARG B 270 -6.61 -27.77 -1.28
C ARG B 270 -5.22 -28.25 -0.91
N SER B 271 -4.22 -27.57 -1.46
CA SER B 271 -2.83 -27.91 -1.20
C SER B 271 -2.14 -26.87 -0.31
N ASP B 272 -0.89 -27.12 0.06
CA ASP B 272 -0.07 -26.08 0.65
C ASP B 272 -0.02 -24.86 -0.25
N TYR B 273 0.06 -25.11 -1.55
CA TYR B 273 0.22 -24.02 -2.51
C TYR B 273 -0.99 -23.10 -2.45
N ASP B 274 -2.16 -23.65 -2.12
CA ASP B 274 -3.39 -22.87 -2.05
C ASP B 274 -3.45 -22.04 -0.76
N ASN B 275 -3.00 -22.63 0.35
CA ASN B 275 -2.93 -21.91 1.62
C ASN B 275 -1.97 -20.71 1.58
N ALA B 276 -0.90 -20.83 0.81
CA ALA B 276 0.18 -19.84 0.84
C ALA B 276 -0.21 -18.65 0.01
N LEU B 277 -0.93 -18.92 -1.08
CA LEU B 277 -1.52 -17.88 -1.91
C LEU B 277 -2.55 -17.06 -1.10
N ASP B 278 -3.38 -17.77 -0.33
CA ASP B 278 -4.43 -17.10 0.44
C ASP B 278 -3.76 -16.20 1.49
N PHE B 279 -2.83 -16.81 2.23
CA PHE B 279 -2.10 -16.11 3.29
C PHE B 279 -1.58 -14.73 2.85
N GLU B 280 -1.07 -14.69 1.62
CA GLU B 280 -0.43 -13.50 1.11
C GLU B 280 -1.39 -12.72 0.24
N SER B 281 -2.66 -13.08 0.24
CA SER B 281 -3.62 -12.38 -0.61
C SER B 281 -4.14 -11.08 0.01
N LEU B 282 -4.82 -10.30 -0.83
CA LEU B 282 -5.42 -9.06 -0.42
C LEU B 282 -6.57 -9.31 0.53
N ASN B 283 -7.09 -10.53 0.49
CA ASN B 283 -8.28 -10.89 1.25
C ASN B 283 -8.21 -12.31 1.84
N PRO B 284 -7.27 -12.53 2.77
CA PRO B 284 -7.02 -13.84 3.35
C PRO B 284 -8.26 -14.39 4.01
N GLY B 285 -8.60 -15.62 3.69
CA GLY B 285 -9.70 -16.32 4.35
C GLY B 285 -10.96 -16.23 3.53
N GLU B 286 -10.92 -15.37 2.53
CA GLU B 286 -12.09 -15.04 1.75
C GLU B 286 -11.98 -15.69 0.38
N GLN B 287 -13.11 -16.09 -0.19
CA GLN B 287 -13.13 -16.51 -1.58
C GLN B 287 -12.25 -17.71 -1.82
N ILE B 288 -12.34 -18.69 -0.93
CA ILE B 288 -11.47 -19.87 -0.98
C ILE B 288 -11.67 -20.69 -2.23
N TYR B 289 -12.91 -20.93 -2.58
CA TYR B 289 -13.27 -21.71 -3.76
C TYR B 289 -12.86 -21.01 -5.04
N GLU B 290 -13.07 -19.70 -5.07
CA GLU B 290 -12.67 -18.89 -6.21
C GLU B 290 -11.17 -18.92 -6.45
N LYS B 291 -10.39 -18.90 -5.38
CA LYS B 291 -8.96 -18.77 -5.50
C LYS B 291 -8.38 -20.05 -6.07
N MET B 292 -9.22 -21.08 -6.15
CA MET B 292 -8.83 -22.38 -6.70
C MET B 292 -9.06 -22.48 -8.22
N ILE B 293 -9.90 -21.60 -8.78
CA ILE B 293 -10.44 -21.87 -10.11
C ILE B 293 -10.55 -20.68 -11.04
N SER B 294 -10.19 -19.51 -10.56
CA SER B 294 -10.48 -18.27 -11.27
C SER B 294 -9.21 -17.74 -11.92
N GLY B 295 -9.36 -16.77 -12.82
CA GLY B 295 -8.27 -16.32 -13.67
C GLY B 295 -7.21 -15.46 -13.00
N MET B 296 -7.55 -14.78 -11.92
CA MET B 296 -6.54 -14.01 -11.19
C MET B 296 -5.62 -14.94 -10.35
N TYR B 297 -6.03 -16.19 -10.13
CA TYR B 297 -5.30 -17.09 -9.25
C TYR B 297 -4.62 -18.30 -9.92
N LEU B 298 -5.19 -18.86 -10.99
CA LEU B 298 -4.59 -20.07 -11.59
C LEU B 298 -3.11 -19.86 -11.96
N GLY B 299 -2.82 -18.83 -12.72
CA GLY B 299 -1.44 -18.48 -13.01
C GLY B 299 -0.54 -18.43 -11.80
N GLU B 300 -1.00 -17.84 -10.70
CA GLU B 300 -0.18 -17.79 -9.49
C GLU B 300 0.04 -19.18 -8.86
N ILE B 301 -0.91 -20.09 -9.06
CA ILE B 301 -0.82 -21.44 -8.52
C ILE B 301 0.25 -22.25 -9.25
N VAL B 302 0.22 -22.16 -10.57
CA VAL B 302 1.22 -22.76 -11.42
C VAL B 302 2.60 -22.29 -11.00
N ARG B 303 2.71 -20.98 -10.88
CA ARG B 303 3.96 -20.32 -10.53
C ARG B 303 4.57 -20.92 -9.28
N ARG B 304 3.73 -21.13 -8.27
CA ARG B 304 4.21 -21.44 -6.92
C ARG B 304 4.73 -22.88 -6.88
N ILE B 305 4.03 -23.75 -7.58
CA ILE B 305 4.47 -25.12 -7.81
C ILE B 305 5.80 -25.14 -8.58
N LEU B 306 5.92 -24.31 -9.60
CA LEU B 306 7.13 -24.32 -10.41
C LEU B 306 8.28 -23.84 -9.53
N LEU B 307 7.95 -22.96 -8.58
CA LEU B 307 8.95 -22.41 -7.69
C LEU B 307 9.48 -23.45 -6.71
N LYS B 308 8.67 -24.45 -6.38
CA LYS B 308 9.13 -25.57 -5.58
C LYS B 308 9.93 -26.60 -6.41
N LEU B 309 9.56 -26.79 -7.66
CA LEU B 309 10.34 -27.66 -8.51
C LEU B 309 11.69 -27.02 -8.74
N ALA B 310 11.69 -25.70 -8.93
CA ALA B 310 12.95 -24.99 -9.18
C ALA B 310 13.83 -25.11 -7.95
N HIS B 311 13.20 -25.09 -6.78
CA HIS B 311 13.93 -25.12 -5.52
C HIS B 311 14.37 -26.53 -5.19
N ASP B 312 13.42 -27.40 -4.82
CA ASP B 312 13.74 -28.76 -4.37
C ASP B 312 14.38 -29.63 -5.44
N ALA B 313 14.03 -29.41 -6.69
CA ALA B 313 14.45 -30.34 -7.74
C ALA B 313 15.20 -29.69 -8.88
N SER B 314 15.94 -28.62 -8.60
CA SER B 314 16.78 -27.95 -9.62
C SER B 314 16.16 -27.82 -11.01
N LEU B 315 14.84 -27.74 -11.09
CA LEU B 315 14.13 -27.91 -12.36
C LEU B 315 14.64 -26.98 -13.47
N PHE B 316 14.98 -25.76 -13.11
CA PHE B 316 15.39 -24.80 -14.12
C PHE B 316 16.84 -24.43 -13.95
N GLY B 317 17.50 -25.04 -12.97
CA GLY B 317 18.94 -25.03 -12.93
C GLY B 317 19.50 -25.05 -11.53
N ASP B 318 20.74 -24.59 -11.44
CA ASP B 318 21.47 -24.65 -10.20
C ASP B 318 20.81 -23.63 -9.28
N VAL B 319 20.65 -22.43 -9.82
CA VAL B 319 20.03 -21.33 -9.11
C VAL B 319 18.63 -21.10 -9.64
N VAL B 320 17.68 -20.98 -8.73
CA VAL B 320 16.32 -20.68 -9.14
C VAL B 320 16.27 -19.26 -9.68
N PRO B 321 15.70 -19.09 -10.86
CA PRO B 321 15.72 -17.80 -11.53
C PRO B 321 14.91 -16.75 -10.78
N THR B 322 15.45 -15.54 -10.73
CA THR B 322 14.87 -14.47 -9.94
C THR B 322 13.43 -14.16 -10.31
N LYS B 323 13.15 -13.99 -11.59
CA LYS B 323 11.79 -13.60 -11.96
C LYS B 323 10.74 -14.61 -11.52
N LEU B 324 11.14 -15.86 -11.30
CA LEU B 324 10.14 -16.87 -10.89
C LEU B 324 9.63 -16.61 -9.47
N GLU B 325 10.37 -15.79 -8.73
CA GLU B 325 10.12 -15.63 -7.29
C GLU B 325 9.17 -14.48 -7.04
N GLN B 326 8.92 -13.67 -8.06
CA GLN B 326 7.97 -12.58 -7.97
C GLN B 326 6.55 -13.08 -8.11
N ARG B 327 5.73 -12.74 -7.13
CA ARG B 327 4.31 -13.05 -7.16
C ARG B 327 3.65 -12.47 -8.40
N PHE B 328 2.76 -13.26 -9.01
CA PHE B 328 1.88 -12.83 -10.12
C PHE B 328 2.64 -12.59 -11.40
N ILE B 329 3.92 -12.96 -11.42
CA ILE B 329 4.73 -12.73 -12.61
C ILE B 329 4.17 -13.59 -13.72
N LEU B 330 3.59 -14.72 -13.34
CA LEU B 330 3.08 -15.67 -14.31
C LEU B 330 1.58 -15.57 -14.41
N ARG B 331 1.10 -14.82 -15.38
CA ARG B 331 -0.34 -14.58 -15.51
C ARG B 331 -1.02 -15.70 -16.27
N THR B 332 -2.35 -15.71 -16.26
CA THR B 332 -3.11 -16.88 -16.70
C THR B 332 -3.24 -17.04 -18.23
N PRO B 333 -3.12 -15.93 -18.96
CA PRO B 333 -2.90 -16.05 -20.40
C PRO B 333 -1.55 -16.67 -20.77
N ASP B 334 -0.49 -16.21 -20.11
CA ASP B 334 0.81 -16.86 -20.22
C ASP B 334 0.61 -18.36 -20.13
N MET B 335 -0.28 -18.79 -19.26
CA MET B 335 -0.35 -20.18 -18.88
C MET B 335 -1.20 -20.96 -19.89
N SER B 336 -2.17 -20.29 -20.50
CA SER B 336 -2.97 -20.94 -21.51
C SER B 336 -2.08 -21.19 -22.72
N ALA B 337 -1.28 -20.17 -23.06
CA ALA B 337 -0.32 -20.24 -24.16
C ALA B 337 0.61 -21.46 -24.07
N MET B 338 1.26 -21.63 -22.93
CA MET B 338 2.09 -22.80 -22.70
C MET B 338 1.27 -24.06 -22.88
N HIS B 339 0.03 -24.02 -22.38
CA HIS B 339 -0.81 -25.20 -22.25
C HIS B 339 -1.22 -25.74 -23.62
N HIS B 340 -1.34 -24.82 -24.58
CA HIS B 340 -1.74 -25.15 -25.95
C HIS B 340 -0.53 -25.11 -26.91
N ASP B 341 0.64 -25.56 -26.45
CA ASP B 341 1.73 -25.85 -27.37
C ASP B 341 1.64 -27.31 -27.74
N THR B 342 1.62 -27.56 -29.05
CA THR B 342 1.81 -28.90 -29.57
C THR B 342 2.88 -28.85 -30.66
N SER B 343 4.09 -28.48 -30.24
CA SER B 343 5.30 -28.92 -30.90
C SER B 343 5.92 -30.06 -30.09
N HIS B 344 6.76 -30.86 -30.74
CA HIS B 344 7.52 -31.94 -30.08
C HIS B 344 8.57 -31.33 -29.13
N ASP B 345 9.08 -30.17 -29.51
CA ASP B 345 10.14 -29.48 -28.76
C ASP B 345 9.54 -28.42 -27.82
N LEU B 346 8.24 -28.16 -27.97
CA LEU B 346 7.53 -27.15 -27.21
C LEU B 346 8.19 -25.77 -27.33
N LYS B 347 8.58 -25.39 -28.54
CA LYS B 347 9.28 -24.12 -28.74
C LYS B 347 8.50 -22.98 -28.11
N HIS B 348 7.18 -23.07 -28.12
CA HIS B 348 6.34 -21.93 -27.78
C HIS B 348 6.18 -21.73 -26.27
N LEU B 349 5.78 -22.81 -25.58
CA LEU B 349 6.04 -22.94 -24.16
C LEU B 349 7.41 -22.38 -23.76
N GLY B 350 8.47 -22.96 -24.30
CA GLY B 350 9.84 -22.57 -23.92
C GLY B 350 10.13 -21.10 -24.15
N ALA B 351 9.50 -20.51 -25.17
CA ALA B 351 9.70 -19.10 -25.47
C ALA B 351 8.99 -18.23 -24.44
N LYS B 352 7.82 -18.70 -23.99
CA LYS B 352 7.10 -18.04 -22.92
C LYS B 352 7.94 -18.11 -21.66
N LEU B 353 8.28 -19.34 -21.25
CA LEU B 353 9.11 -19.58 -20.08
C LEU B 353 10.32 -18.67 -20.11
N LYS B 354 11.08 -18.72 -21.20
CA LYS B 354 12.29 -17.91 -21.33
C LYS B 354 12.04 -16.46 -20.89
N ASP B 355 10.95 -15.90 -21.40
CA ASP B 355 10.63 -14.47 -21.29
C ASP B 355 10.11 -14.10 -19.90
N ILE B 356 9.14 -14.85 -19.41
CA ILE B 356 8.67 -14.77 -18.05
C ILE B 356 9.75 -15.05 -17.00
N LEU B 357 10.50 -16.12 -17.18
CA LEU B 357 11.46 -16.59 -16.17
C LEU B 357 12.76 -15.81 -16.17
N GLY B 358 13.01 -15.05 -17.24
CA GLY B 358 14.34 -14.49 -17.49
C GLY B 358 15.43 -15.55 -17.48
N VAL B 359 15.06 -16.81 -17.75
CA VAL B 359 16.02 -17.85 -18.09
C VAL B 359 16.46 -17.63 -19.54
N ALA B 360 17.49 -18.36 -19.98
CA ALA B 360 17.93 -18.28 -21.39
C ALA B 360 17.43 -19.51 -22.17
N ASP B 361 17.50 -20.66 -21.53
CA ASP B 361 17.16 -21.93 -22.17
C ASP B 361 16.51 -22.86 -21.15
N THR B 362 15.94 -23.96 -21.65
CA THR B 362 15.10 -24.82 -20.84
C THR B 362 15.16 -26.25 -21.33
N SER B 363 15.51 -27.16 -20.44
CA SER B 363 15.45 -28.59 -20.71
C SER B 363 14.09 -28.99 -21.27
N LEU B 364 14.04 -30.16 -21.90
CA LEU B 364 12.81 -30.68 -22.49
C LEU B 364 12.08 -31.59 -21.51
N GLU B 365 12.79 -32.16 -20.55
CA GLU B 365 12.13 -32.76 -19.40
C GLU B 365 11.43 -31.65 -18.60
N ALA B 366 12.09 -30.50 -18.51
CA ALA B 366 11.57 -29.36 -17.76
C ALA B 366 10.28 -28.89 -18.38
N ARG B 367 10.27 -28.75 -19.70
CA ARG B 367 9.11 -28.21 -20.40
C ARG B 367 7.90 -29.10 -20.24
N TYR B 368 8.13 -30.41 -20.20
CA TYR B 368 7.05 -31.38 -20.09
C TYR B 368 6.53 -31.46 -18.68
N ILE B 369 7.42 -31.24 -17.71
CA ILE B 369 6.97 -31.04 -16.33
C ILE B 369 6.12 -29.76 -16.20
N THR B 370 6.59 -28.67 -16.81
CA THR B 370 5.84 -27.42 -16.82
C THR B 370 4.44 -27.63 -17.40
N LEU B 371 4.38 -28.25 -18.57
CA LEU B 371 3.13 -28.44 -19.29
C LEU B 371 2.23 -29.34 -18.48
N HIS B 372 2.84 -30.27 -17.73
CA HIS B 372 2.04 -31.18 -16.95
C HIS B 372 1.34 -30.42 -15.80
N VAL B 373 2.10 -29.59 -15.10
CA VAL B 373 1.56 -28.75 -14.02
C VAL B 373 0.44 -27.79 -14.48
N CYS B 374 0.68 -27.05 -15.55
CA CYS B 374 -0.39 -26.24 -16.14
C CYS B 374 -1.69 -27.03 -16.26
N ASP B 375 -1.58 -28.32 -16.61
CA ASP B 375 -2.73 -29.19 -16.80
C ASP B 375 -3.34 -29.58 -15.48
N LEU B 376 -2.51 -29.89 -14.50
CA LEU B 376 -3.01 -30.23 -13.18
C LEU B 376 -3.84 -29.09 -12.58
N VAL B 377 -3.38 -27.86 -12.75
CA VAL B 377 -4.06 -26.69 -12.21
C VAL B 377 -5.36 -26.46 -12.95
N ALA B 378 -5.27 -26.30 -14.27
CA ALA B 378 -6.44 -26.03 -15.10
C ALA B 378 -7.52 -27.10 -14.91
N GLU B 379 -7.11 -28.35 -14.83
CA GLU B 379 -8.05 -29.44 -14.69
C GLU B 379 -8.80 -29.33 -13.37
N ARG B 380 -8.08 -29.23 -12.25
CA ARG B 380 -8.77 -29.13 -10.97
C ARG B 380 -9.73 -27.94 -10.96
N GLY B 381 -9.29 -26.82 -11.55
CA GLY B 381 -10.11 -25.63 -11.66
C GLY B 381 -11.40 -25.93 -12.39
N ALA B 382 -11.27 -26.43 -13.62
CA ALA B 382 -12.44 -26.74 -14.43
C ALA B 382 -13.34 -27.75 -13.72
N ARG B 383 -12.77 -28.84 -13.24
CA ARG B 383 -13.62 -29.90 -12.71
C ARG B 383 -14.41 -29.36 -11.52
N LEU B 384 -13.78 -28.50 -10.72
CA LEU B 384 -14.41 -27.94 -9.50
C LEU B 384 -15.52 -26.94 -9.85
N ALA B 385 -15.32 -26.14 -10.89
CA ALA B 385 -16.40 -25.32 -11.45
C ALA B 385 -17.62 -26.16 -11.84
N ALA B 386 -17.40 -27.21 -12.62
CA ALA B 386 -18.50 -28.03 -13.11
C ALA B 386 -19.34 -28.54 -11.93
N ALA B 387 -18.67 -28.93 -10.86
CA ALA B 387 -19.39 -29.47 -9.71
C ALA B 387 -20.28 -28.38 -9.15
N GLY B 388 -19.82 -27.14 -9.29
CA GLY B 388 -20.63 -26.02 -8.90
C GLY B 388 -21.90 -26.03 -9.73
N ILE B 389 -21.71 -25.87 -11.04
CA ILE B 389 -22.83 -25.91 -11.97
C ILE B 389 -23.74 -27.12 -11.73
N TYR B 390 -23.12 -28.28 -11.49
CA TYR B 390 -23.90 -29.48 -11.23
C TYR B 390 -24.78 -29.24 -10.01
N GLY B 391 -24.19 -28.74 -8.94
CA GLY B 391 -24.93 -28.46 -7.70
C GLY B 391 -26.08 -27.51 -7.92
N ILE B 392 -25.88 -26.52 -8.81
CA ILE B 392 -26.93 -25.55 -9.14
C ILE B 392 -28.13 -26.28 -9.71
N LEU B 393 -27.87 -27.09 -10.74
CA LEU B 393 -28.89 -27.88 -11.42
C LEU B 393 -29.73 -28.71 -10.43
N LYS B 394 -29.07 -29.35 -9.48
CA LYS B 394 -29.75 -30.17 -8.50
C LYS B 394 -30.70 -29.34 -7.65
N LYS B 395 -30.28 -28.13 -7.31
CA LYS B 395 -31.12 -27.19 -6.55
C LYS B 395 -32.37 -26.82 -7.36
N LEU B 396 -32.25 -26.88 -8.69
CA LEU B 396 -33.38 -26.63 -9.57
C LEU B 396 -34.15 -27.90 -9.97
N GLY B 397 -33.73 -29.07 -9.47
CA GLY B 397 -34.22 -30.35 -9.98
C GLY B 397 -33.79 -30.76 -11.40
N ARG B 398 -32.91 -29.97 -12.02
CA ARG B 398 -32.51 -30.22 -13.41
C ARG B 398 -31.33 -31.20 -13.55
N ASP B 399 -31.02 -31.99 -12.51
CA ASP B 399 -30.01 -33.06 -12.63
C ASP B 399 -30.60 -34.31 -13.31
N ARG B 400 -31.90 -34.50 -13.15
CA ARG B 400 -32.58 -35.70 -13.63
C ARG B 400 -33.95 -35.35 -14.20
N VAL B 401 -34.37 -36.10 -15.22
CA VAL B 401 -35.66 -35.88 -15.93
C VAL B 401 -36.85 -36.50 -15.16
N PRO B 402 -37.75 -35.66 -14.61
CA PRO B 402 -38.73 -36.15 -13.60
C PRO B 402 -39.96 -36.91 -14.17
N GLN B 409 -37.40 -31.11 -20.40
CA GLN B 409 -37.32 -29.66 -20.58
C GLN B 409 -35.90 -29.15 -20.78
N ARG B 410 -35.73 -28.14 -21.64
CA ARG B 410 -34.41 -27.58 -21.93
C ARG B 410 -34.00 -26.53 -20.86
N THR B 411 -32.78 -26.66 -20.39
CA THR B 411 -32.23 -25.73 -19.41
C THR B 411 -30.93 -25.14 -19.95
N VAL B 412 -30.74 -23.84 -19.78
CA VAL B 412 -29.55 -23.19 -20.35
C VAL B 412 -28.73 -22.41 -19.32
N ILE B 413 -27.42 -22.58 -19.41
CA ILE B 413 -26.46 -21.86 -18.59
C ILE B 413 -25.63 -20.96 -19.49
N ALA B 414 -25.78 -19.66 -19.30
CA ALA B 414 -24.99 -18.69 -20.05
C ALA B 414 -23.61 -18.58 -19.41
N LEU B 415 -22.57 -18.57 -20.24
CA LEU B 415 -21.22 -18.44 -19.73
C LEU B 415 -20.48 -17.24 -20.27
N ASP B 416 -19.74 -16.58 -19.37
CA ASP B 416 -19.06 -15.34 -19.68
C ASP B 416 -17.72 -15.30 -18.90
N GLY B 417 -16.83 -14.39 -19.26
CA GLY B 417 -15.60 -14.19 -18.50
C GLY B 417 -14.37 -14.67 -19.22
N GLY B 418 -13.32 -13.85 -19.23
CA GLY B 418 -12.16 -14.00 -20.12
C GLY B 418 -11.56 -15.39 -20.10
N LEU B 419 -11.60 -16.03 -18.93
CA LEU B 419 -11.01 -17.35 -18.76
C LEU B 419 -11.70 -18.41 -19.63
N TYR B 420 -12.98 -18.65 -19.36
CA TYR B 420 -13.80 -19.57 -20.15
C TYR B 420 -13.63 -19.34 -21.65
N GLU B 421 -13.62 -18.07 -22.02
CA GLU B 421 -13.66 -17.66 -23.42
C GLU B 421 -12.33 -17.91 -24.13
N HIS B 422 -11.23 -17.51 -23.52
CA HIS B 422 -9.92 -17.62 -24.17
C HIS B 422 -9.04 -18.69 -23.49
N TYR B 423 -9.60 -19.83 -23.12
CA TYR B 423 -8.80 -20.92 -22.57
C TYR B 423 -9.39 -22.30 -22.93
N LYS B 424 -9.03 -22.79 -24.12
CA LYS B 424 -9.80 -23.86 -24.74
C LYS B 424 -9.81 -25.07 -23.83
N LYS B 425 -8.62 -25.48 -23.38
CA LYS B 425 -8.52 -26.70 -22.61
C LYS B 425 -9.44 -26.60 -21.41
N PHE B 426 -9.42 -25.44 -20.77
CA PHE B 426 -10.18 -25.21 -19.56
C PHE B 426 -11.66 -25.40 -19.89
N ARG B 427 -12.08 -24.70 -20.94
CA ARG B 427 -13.46 -24.74 -21.43
C ARG B 427 -13.91 -26.18 -21.62
N THR B 428 -13.12 -26.97 -22.36
CA THR B 428 -13.56 -28.29 -22.75
C THR B 428 -13.66 -29.16 -21.52
N CYS B 429 -12.61 -29.18 -20.69
CA CYS B 429 -12.61 -30.05 -19.51
C CYS B 429 -13.87 -29.84 -18.68
N LEU B 430 -14.24 -28.58 -18.48
CA LEU B 430 -15.47 -28.25 -17.77
C LEU B 430 -16.65 -29.00 -18.36
N GLU B 431 -16.83 -28.85 -19.67
CA GLU B 431 -17.98 -29.43 -20.37
C GLU B 431 -18.00 -30.97 -20.34
N ALA B 432 -16.87 -31.60 -20.65
CA ALA B 432 -16.76 -33.05 -20.43
C ALA B 432 -17.19 -33.45 -19.03
N THR B 433 -16.75 -32.68 -18.03
CA THR B 433 -16.96 -33.03 -16.60
C THR B 433 -18.42 -32.88 -16.17
N LEU B 434 -19.06 -31.82 -16.66
CA LEU B 434 -20.47 -31.58 -16.36
C LEU B 434 -21.36 -32.71 -16.92
N ALA B 435 -21.23 -32.97 -18.22
CA ALA B 435 -21.76 -34.17 -18.87
C ALA B 435 -21.60 -35.42 -18.01
N ASP B 436 -20.37 -35.84 -17.78
CA ASP B 436 -20.13 -36.98 -16.93
C ASP B 436 -21.07 -36.95 -15.72
N LEU B 437 -21.21 -35.79 -15.08
CA LEU B 437 -21.91 -35.70 -13.78
C LEU B 437 -23.42 -35.79 -13.94
N LEU B 438 -23.88 -35.32 -15.10
CA LEU B 438 -25.30 -35.36 -15.42
C LEU B 438 -25.72 -36.77 -15.76
N GLY B 439 -24.90 -37.47 -16.53
CA GLY B 439 -25.31 -38.72 -17.16
C GLY B 439 -25.56 -38.51 -18.64
N GLU B 440 -26.08 -39.54 -19.31
CA GLU B 440 -26.49 -39.43 -20.72
C GLU B 440 -27.95 -39.03 -20.78
N GLU B 441 -28.73 -39.56 -19.83
CA GLU B 441 -30.13 -39.19 -19.66
C GLU B 441 -30.25 -37.68 -19.76
N ALA B 442 -29.92 -37.00 -18.66
CA ALA B 442 -30.14 -35.56 -18.55
C ALA B 442 -29.13 -34.76 -19.36
N ALA B 443 -27.98 -35.34 -19.64
CA ALA B 443 -26.95 -34.63 -20.38
C ALA B 443 -27.58 -33.95 -21.60
N SER B 444 -28.52 -34.64 -22.24
CA SER B 444 -29.25 -34.08 -23.39
C SER B 444 -29.89 -32.72 -23.07
N SER B 445 -30.50 -32.59 -21.89
CA SER B 445 -31.53 -31.59 -21.65
C SER B 445 -31.02 -30.21 -21.21
N VAL B 446 -29.69 -30.02 -21.19
CA VAL B 446 -29.08 -28.75 -20.74
C VAL B 446 -27.95 -28.26 -21.64
N VAL B 447 -28.01 -27.01 -22.06
CA VAL B 447 -27.02 -26.42 -22.95
C VAL B 447 -26.12 -25.45 -22.18
N VAL B 448 -24.84 -25.35 -22.58
CA VAL B 448 -23.97 -24.26 -22.14
C VAL B 448 -23.68 -23.33 -23.31
N LYS B 449 -23.93 -22.05 -23.11
CA LYS B 449 -24.16 -21.11 -24.20
C LYS B 449 -23.31 -19.87 -23.97
N LEU B 450 -22.27 -19.69 -24.76
CA LEU B 450 -21.39 -18.55 -24.60
C LEU B 450 -22.17 -17.24 -24.80
N ALA B 451 -22.52 -16.57 -23.69
CA ALA B 451 -22.96 -15.16 -23.71
C ALA B 451 -21.82 -14.23 -23.31
N ASN B 452 -20.93 -13.96 -24.25
CA ASN B 452 -19.68 -13.29 -23.97
C ASN B 452 -19.85 -11.77 -23.84
N ASP B 453 -19.09 -11.18 -22.92
CA ASP B 453 -19.22 -9.76 -22.54
C ASP B 453 -20.69 -9.35 -22.28
N GLY B 454 -21.48 -10.31 -21.78
CA GLY B 454 -22.92 -10.18 -21.71
C GLY B 454 -23.42 -9.46 -20.46
N SER B 455 -22.57 -9.37 -19.43
CA SER B 455 -22.98 -8.78 -18.14
C SER B 455 -23.35 -7.30 -18.28
N GLY B 456 -22.70 -6.63 -19.23
CA GLY B 456 -22.89 -5.20 -19.44
C GLY B 456 -24.18 -4.87 -20.17
N ILE B 457 -24.44 -5.56 -21.27
CA ILE B 457 -25.65 -5.29 -22.05
C ILE B 457 -26.87 -5.70 -21.23
N GLY B 458 -26.74 -6.79 -20.47
CA GLY B 458 -27.80 -7.22 -19.57
C GLY B 458 -28.22 -6.10 -18.63
N ALA B 459 -27.24 -5.35 -18.17
CA ALA B 459 -27.51 -4.27 -17.24
C ALA B 459 -28.43 -3.26 -17.90
N ALA B 460 -28.15 -2.96 -19.16
CA ALA B 460 -28.97 -2.06 -19.95
C ALA B 460 -30.38 -2.62 -20.08
N LEU B 461 -30.48 -3.85 -20.57
CA LEU B 461 -31.75 -4.53 -20.73
C LEU B 461 -32.60 -4.46 -19.46
N LEU B 462 -32.00 -4.79 -18.32
CA LEU B 462 -32.70 -4.69 -17.05
C LEU B 462 -33.13 -3.24 -16.77
N ALA B 463 -32.37 -2.29 -17.27
CA ALA B 463 -32.70 -0.90 -17.06
C ALA B 463 -33.93 -0.51 -17.92
N ALA B 464 -34.05 -1.18 -19.06
CA ALA B 464 -35.25 -1.08 -19.89
C ALA B 464 -36.38 -1.94 -19.32
N SER B 465 -36.08 -3.14 -18.83
CA SER B 465 -37.07 -3.99 -18.14
C SER B 465 -37.74 -3.28 -16.98
N HIS B 466 -37.12 -2.20 -16.49
CA HIS B 466 -37.60 -1.47 -15.31
C HIS B 466 -37.67 0.03 -15.61
N SER B 467 -37.68 0.39 -16.89
CA SER B 467 -37.57 1.81 -17.22
C SER B 467 -38.85 2.52 -16.79
N GLN B 468 -38.70 3.77 -16.35
CA GLN B 468 -39.84 4.72 -16.20
C GLN B 468 -40.80 4.72 -17.43
N TYR B 469 -40.28 4.34 -18.60
CA TYR B 469 -40.89 4.74 -19.87
C TYR B 469 -41.24 3.53 -20.77
N ALA B 470 -42.25 3.74 -21.63
CA ALA B 470 -42.64 2.73 -22.63
C ALA B 470 -42.92 3.47 -23.95
N ILE C 9 20.79 -3.74 -34.25
CA ILE C 9 20.89 -2.44 -34.98
C ILE C 9 19.60 -2.18 -35.78
N PRO C 10 19.16 -3.13 -36.64
CA PRO C 10 17.89 -3.00 -37.42
C PRO C 10 16.60 -3.02 -36.57
N MET C 11 16.62 -3.86 -35.54
CA MET C 11 15.53 -3.91 -34.57
C MET C 11 15.58 -2.69 -33.64
N ALA C 12 16.79 -2.29 -33.25
CA ALA C 12 17.00 -1.10 -32.43
C ALA C 12 16.53 0.14 -33.16
N ALA C 13 16.95 0.31 -34.40
CA ALA C 13 16.64 1.54 -35.12
C ALA C 13 15.15 1.69 -35.31
N ALA C 14 14.46 0.58 -35.58
CA ALA C 14 13.01 0.61 -35.73
C ALA C 14 12.37 1.32 -34.54
N VAL C 15 12.77 0.95 -33.32
CA VAL C 15 12.13 1.51 -32.13
C VAL C 15 12.65 2.92 -31.84
N ILE C 16 13.93 3.14 -32.07
CA ILE C 16 14.44 4.51 -31.99
C ILE C 16 13.73 5.46 -32.95
N GLU C 17 13.33 4.94 -34.10
CA GLU C 17 12.55 5.74 -35.04
C GLU C 17 11.23 6.12 -34.41
N GLU C 18 10.46 5.10 -34.06
CA GLU C 18 9.15 5.30 -33.50
C GLU C 18 9.27 6.25 -32.29
N VAL C 19 10.34 6.14 -31.52
CA VAL C 19 10.56 7.09 -30.42
C VAL C 19 10.75 8.47 -30.99
N GLU C 20 11.75 8.65 -31.85
CA GLU C 20 12.06 9.97 -32.39
C GLU C 20 10.80 10.64 -32.98
N GLN C 21 9.96 9.86 -33.65
CA GLN C 21 8.81 10.45 -34.30
C GLN C 21 7.78 10.89 -33.27
N ARG C 22 7.60 10.07 -32.24
CA ARG C 22 6.62 10.34 -31.20
C ARG C 22 6.94 11.60 -30.37
N PHE C 23 8.23 11.85 -30.13
CA PHE C 23 8.70 12.92 -29.24
C PHE C 23 9.00 14.21 -29.99
N SER C 24 8.86 14.16 -31.32
CA SER C 24 9.26 15.27 -32.17
C SER C 24 8.59 16.55 -31.67
N THR C 25 9.39 17.56 -31.34
CA THR C 25 8.82 18.86 -31.02
C THR C 25 9.37 19.95 -31.94
N PRO C 26 8.89 19.95 -33.20
CA PRO C 26 9.33 21.03 -34.07
C PRO C 26 8.79 22.38 -33.55
N THR C 27 9.60 23.44 -33.61
CA THR C 27 9.15 24.74 -33.15
C THR C 27 7.71 25.05 -33.56
N ALA C 28 7.31 24.66 -34.77
CA ALA C 28 5.93 24.86 -35.20
C ALA C 28 4.93 24.27 -34.20
N LEU C 29 5.25 23.12 -33.63
CA LEU C 29 4.35 22.43 -32.69
C LEU C 29 4.37 23.12 -31.33
N LEU C 30 5.57 23.46 -30.87
CA LEU C 30 5.74 24.24 -29.66
C LEU C 30 4.86 25.52 -29.63
N ARG C 31 4.72 26.20 -30.75
CA ARG C 31 3.96 27.44 -30.81
C ARG C 31 2.48 27.15 -30.62
N GLY C 32 2.01 26.08 -31.22
CA GLY C 32 0.61 25.72 -31.13
C GLY C 32 0.26 25.20 -29.75
N ILE C 33 1.26 24.66 -29.05
CA ILE C 33 1.08 24.26 -27.65
C ILE C 33 0.94 25.51 -26.77
N ALA C 34 1.84 26.47 -26.95
CA ALA C 34 1.77 27.71 -26.22
C ALA C 34 0.44 28.45 -26.45
N ASP C 35 -0.14 28.33 -27.63
CA ASP C 35 -1.50 28.81 -27.83
C ASP C 35 -2.47 28.05 -26.93
N ALA C 36 -2.38 26.73 -26.96
CA ALA C 36 -3.26 25.89 -26.16
C ALA C 36 -3.13 26.26 -24.69
N MET C 37 -1.90 26.51 -24.25
CA MET C 37 -1.68 26.82 -22.86
C MET C 37 -2.58 27.99 -22.52
N VAL C 38 -2.46 29.07 -23.28
CA VAL C 38 -3.24 30.28 -23.05
C VAL C 38 -4.73 29.99 -23.18
N GLU C 39 -5.08 29.24 -24.22
CA GLU C 39 -6.48 28.86 -24.41
C GLU C 39 -6.94 28.31 -23.08
N GLU C 40 -6.06 27.57 -22.43
CA GLU C 40 -6.43 26.73 -21.31
C GLU C 40 -6.29 27.53 -20.01
N MET C 41 -5.52 28.60 -20.09
CA MET C 41 -5.35 29.51 -18.97
C MET C 41 -6.59 30.35 -18.78
N GLU C 42 -7.24 30.71 -19.88
CA GLU C 42 -8.44 31.52 -19.83
C GLU C 42 -9.67 30.73 -19.40
N ARG C 43 -9.72 29.46 -19.78
CA ARG C 43 -10.74 28.56 -19.24
C ARG C 43 -10.64 28.53 -17.73
N GLY C 44 -9.44 28.37 -17.21
CA GLY C 44 -9.27 28.20 -15.77
C GLY C 44 -9.49 29.48 -15.00
N LEU C 45 -9.32 30.61 -15.66
CA LEU C 45 -9.56 31.90 -15.07
C LEU C 45 -11.06 32.22 -15.04
N ARG C 46 -11.84 31.37 -15.71
CA ARG C 46 -13.23 31.63 -15.96
C ARG C 46 -14.17 30.82 -15.05
N ALA C 47 -13.62 30.03 -14.12
CA ALA C 47 -14.44 29.12 -13.30
C ALA C 47 -15.02 28.01 -14.16
N ASP C 48 -14.34 27.72 -15.25
CA ASP C 48 -14.82 26.78 -16.25
C ASP C 48 -14.80 25.39 -15.64
N PRO C 49 -15.90 24.64 -15.78
CA PRO C 49 -15.87 23.31 -15.19
C PRO C 49 -14.74 22.46 -15.79
N HIS C 50 -13.92 21.86 -14.94
CA HIS C 50 -12.96 20.84 -15.38
C HIS C 50 -11.86 21.43 -16.27
N ALA C 51 -11.80 22.75 -16.34
CA ALA C 51 -10.61 23.37 -16.87
C ALA C 51 -9.37 22.64 -16.34
N PRO C 52 -8.58 22.05 -17.25
CA PRO C 52 -7.43 21.30 -16.77
C PRO C 52 -6.39 22.15 -16.04
N LEU C 53 -6.34 23.44 -16.34
CA LEU C 53 -5.65 24.40 -15.47
C LEU C 53 -6.62 25.04 -14.49
N LYS C 54 -6.35 24.88 -13.21
CA LYS C 54 -7.24 25.37 -12.17
C LYS C 54 -6.95 26.85 -11.84
N MET C 55 -5.75 27.32 -12.16
CA MET C 55 -5.51 28.76 -12.20
C MET C 55 -5.98 29.40 -10.89
N LEU C 56 -5.33 28.99 -9.80
CA LEU C 56 -5.87 29.16 -8.49
C LEU C 56 -5.46 30.51 -7.95
N ILE C 57 -6.45 31.30 -7.57
CA ILE C 57 -6.22 32.55 -6.90
C ILE C 57 -5.53 32.28 -5.58
N SER C 58 -4.44 32.99 -5.35
CA SER C 58 -3.50 32.65 -4.31
C SER C 58 -3.68 33.53 -3.09
N TYR C 59 -4.46 34.59 -3.28
CA TYR C 59 -4.81 35.53 -2.22
C TYR C 59 -3.63 36.32 -1.77
N VAL C 60 -2.64 36.44 -2.65
CA VAL C 60 -1.53 37.32 -2.38
C VAL C 60 -1.81 38.67 -3.01
N ASP C 61 -1.95 39.71 -2.17
CA ASP C 61 -2.11 41.10 -2.68
C ASP C 61 -0.77 41.86 -2.75
N ASN C 62 -0.19 42.20 -1.60
CA ASN C 62 1.16 42.81 -1.57
C ASN C 62 2.34 41.80 -1.59
N LEU C 63 2.93 41.63 -2.79
CA LEU C 63 4.21 40.95 -2.95
C LEU C 63 5.29 41.66 -2.15
N PRO C 64 6.47 41.02 -1.97
CA PRO C 64 7.54 41.65 -1.20
C PRO C 64 8.11 42.88 -1.88
N THR C 65 8.67 43.77 -1.07
CA THR C 65 9.15 45.09 -1.50
C THR C 65 10.60 45.28 -1.11
N GLY C 66 10.96 44.74 0.05
CA GLY C 66 12.29 44.92 0.61
C GLY C 66 12.24 45.47 2.02
N ASP C 67 11.14 46.15 2.33
CA ASP C 67 11.05 46.98 3.53
C ASP C 67 10.64 46.15 4.72
N GLU C 68 10.16 44.94 4.46
CA GLU C 68 9.80 44.02 5.53
C GLU C 68 11.01 43.58 6.31
N HIS C 69 10.77 43.35 7.60
CA HIS C 69 11.78 43.35 8.65
C HIS C 69 11.21 42.58 9.85
N GLY C 70 12.07 41.97 10.65
CA GLY C 70 11.60 41.18 11.79
C GLY C 70 12.00 39.73 11.66
N LEU C 71 11.44 38.88 12.51
CA LEU C 71 11.76 37.46 12.45
C LEU C 71 10.58 36.66 11.93
N PHE C 72 10.90 35.74 11.03
CA PHE C 72 9.89 34.85 10.44
C PHE C 72 10.39 33.44 10.13
N TYR C 73 9.54 32.45 10.44
CA TYR C 73 9.83 31.06 10.08
C TYR C 73 9.10 30.68 8.76
N ALA C 74 9.65 29.72 8.05
CA ALA C 74 8.91 29.04 6.99
C ALA C 74 9.06 27.51 7.08
N LEU C 75 8.13 26.83 6.45
CA LEU C 75 8.20 25.40 6.33
C LEU C 75 7.80 25.07 4.93
N ASP C 76 8.68 24.39 4.21
CA ASP C 76 8.50 24.10 2.78
C ASP C 76 8.31 22.60 2.59
N LEU C 77 7.12 22.18 2.25
CA LEU C 77 6.89 20.78 1.94
C LEU C 77 6.92 20.53 0.44
N GLY C 78 8.03 20.02 -0.05
CA GLY C 78 8.12 19.58 -1.43
C GLY C 78 7.72 18.14 -1.60
N GLY C 79 7.95 17.60 -2.79
CA GLY C 79 7.58 16.23 -3.11
C GLY C 79 8.53 15.19 -2.55
N THR C 80 9.78 15.56 -2.31
CA THR C 80 10.76 14.59 -1.87
C THR C 80 11.51 15.05 -0.64
N ASN C 81 11.49 16.35 -0.36
CA ASN C 81 12.04 16.84 0.91
C ASN C 81 11.26 18.02 1.48
N PHE C 82 11.54 18.35 2.73
CA PHE C 82 10.95 19.53 3.34
C PHE C 82 11.99 20.30 4.10
N ARG C 83 11.72 21.57 4.32
CA ARG C 83 12.69 22.52 4.82
C ARG C 83 12.07 23.36 5.96
N VAL C 84 12.78 23.54 7.06
CA VAL C 84 12.41 24.54 8.06
C VAL C 84 13.41 25.70 8.05
N ILE C 85 12.87 26.92 8.05
CA ILE C 85 13.68 28.10 7.78
C ILE C 85 13.30 29.16 8.79
N ARG C 86 14.28 29.92 9.26
CA ARG C 86 14.02 31.19 9.92
C ARG C 86 14.91 32.27 9.32
N VAL C 87 14.39 33.49 9.25
CA VAL C 87 15.18 34.67 8.83
C VAL C 87 14.93 35.86 9.75
N GLN C 88 15.98 36.62 10.00
CA GLN C 88 15.86 37.97 10.57
C GLN C 88 16.00 39.02 9.47
N LEU C 89 14.92 39.74 9.23
CA LEU C 89 14.89 40.73 8.16
C LEU C 89 15.05 42.13 8.75
N GLY C 90 15.82 42.98 8.10
CA GLY C 90 16.12 44.33 8.62
C GLY C 90 15.88 45.45 7.62
N GLY C 91 14.65 45.56 7.13
CA GLY C 91 14.25 46.67 6.28
C GLY C 91 15.11 46.86 5.03
N ARG C 92 14.87 47.96 4.34
CA ARG C 92 15.26 48.07 2.93
C ARG C 92 16.74 47.82 2.73
N GLU C 93 17.53 48.17 3.74
CA GLU C 93 18.97 48.30 3.54
C GLU C 93 19.69 47.02 3.94
N LYS C 94 19.42 46.53 5.15
CA LYS C 94 20.06 45.30 5.65
C LYS C 94 19.55 44.04 4.93
N ARG C 95 18.23 44.02 4.65
CA ARG C 95 17.53 42.85 4.06
C ARG C 95 17.52 41.69 5.03
N VAL C 96 18.00 40.56 4.54
CA VAL C 96 18.31 39.38 5.36
C VAL C 96 19.58 39.54 6.18
N VAL C 97 19.45 40.04 7.40
CA VAL C 97 20.61 40.08 8.28
C VAL C 97 21.14 38.67 8.57
N SER C 98 20.22 37.76 8.88
CA SER C 98 20.55 36.41 9.36
C SER C 98 19.61 35.35 8.77
N GLN C 99 20.11 34.11 8.63
CA GLN C 99 19.32 33.03 8.07
C GLN C 99 19.85 31.63 8.47
N GLN C 100 18.95 30.73 8.87
CA GLN C 100 19.30 29.30 8.95
C GLN C 100 18.20 28.41 8.35
N TYR C 101 18.60 27.23 7.88
CA TYR C 101 17.63 26.19 7.52
C TYR C 101 18.09 24.73 7.77
N GLU C 102 17.13 23.83 7.96
CA GLU C 102 17.40 22.42 7.89
C GLU C 102 16.57 21.77 6.79
N GLU C 103 17.23 21.13 5.85
CA GLU C 103 16.55 20.28 4.90
C GLU C 103 16.47 18.81 5.39
N VAL C 104 15.32 18.18 5.27
CA VAL C 104 15.17 16.78 5.56
C VAL C 104 14.53 16.06 4.39
N ALA C 105 14.95 14.82 4.16
CA ALA C 105 14.34 14.01 3.12
C ALA C 105 13.08 13.38 3.71
N ILE C 106 12.02 13.34 2.91
CA ILE C 106 10.73 12.78 3.37
C ILE C 106 10.80 11.27 3.23
N PRO C 107 10.62 10.56 4.35
CA PRO C 107 10.58 9.12 4.29
C PRO C 107 9.43 8.63 3.40
N PRO C 108 9.73 7.71 2.47
CA PRO C 108 8.80 7.16 1.46
C PRO C 108 7.42 6.81 1.99
N HIS C 109 7.38 6.14 3.14
CA HIS C 109 6.10 5.79 3.73
C HIS C 109 5.23 7.00 4.07
N LEU C 110 5.84 8.07 4.54
CA LEU C 110 5.08 9.27 4.87
C LEU C 110 4.40 9.99 3.67
N MET C 111 4.70 9.56 2.43
CA MET C 111 3.95 9.99 1.24
C MET C 111 2.62 9.25 1.00
N VAL C 112 2.41 8.17 1.74
CA VAL C 112 1.29 7.27 1.48
C VAL C 112 0.76 6.67 2.78
N GLY C 113 0.91 7.40 3.87
CA GLY C 113 0.45 6.94 5.19
C GLY C 113 -0.79 7.72 5.61
N THR C 114 -0.83 8.13 6.87
CA THR C 114 -1.90 9.01 7.33
C THR C 114 -1.40 10.45 7.34
N SER C 115 -2.34 11.38 7.20
CA SER C 115 -2.10 12.79 7.44
C SER C 115 -1.31 13.02 8.72
N MET C 116 -1.73 12.39 9.79
CA MET C 116 -1.13 12.68 11.08
C MET C 116 0.38 12.39 11.03
N GLU C 117 0.71 11.21 10.54
CA GLU C 117 2.08 10.78 10.52
C GLU C 117 2.92 11.80 9.80
N LEU C 118 2.41 12.25 8.65
CA LEU C 118 3.13 13.20 7.82
C LEU C 118 3.42 14.51 8.54
N PHE C 119 2.36 15.14 9.07
CA PHE C 119 2.46 16.41 9.79
C PHE C 119 3.13 16.31 11.16
N ASP C 120 2.92 15.19 11.87
CA ASP C 120 3.66 14.93 13.11
C ASP C 120 5.17 14.96 12.88
N PHE C 121 5.64 14.38 11.78
CA PHE C 121 7.05 14.28 11.46
C PHE C 121 7.56 15.66 11.13
N ILE C 122 6.85 16.36 10.26
CA ILE C 122 7.15 17.77 9.97
C ILE C 122 7.24 18.65 11.22
N ALA C 123 6.25 18.55 12.09
CA ALA C 123 6.17 19.47 13.21
C ALA C 123 7.23 19.13 14.23
N ALA C 124 7.53 17.84 14.40
CA ALA C 124 8.61 17.45 15.29
C ALA C 124 9.95 18.00 14.83
N GLU C 125 10.18 18.04 13.51
CA GLU C 125 11.40 18.66 12.94
C GLU C 125 11.46 20.16 13.15
N LEU C 126 10.31 20.80 13.00
CA LEU C 126 10.18 22.20 13.29
C LEU C 126 10.51 22.50 14.75
N GLU C 127 9.92 21.73 15.66
CA GLU C 127 10.08 22.01 17.09
C GLU C 127 11.54 21.83 17.52
N SER C 128 12.27 20.95 16.86
CA SER C 128 13.67 20.78 17.17
C SER C 128 14.44 21.98 16.66
N PHE C 129 13.96 22.53 15.55
CA PHE C 129 14.62 23.63 14.94
C PHE C 129 14.45 24.85 15.79
N VAL C 130 13.22 25.06 16.24
CA VAL C 130 12.87 26.29 16.97
C VAL C 130 13.65 26.36 18.28
N LYS C 131 13.99 25.19 18.82
CA LYS C 131 14.82 25.13 20.00
C LYS C 131 16.28 25.50 19.74
N THR C 132 16.67 25.71 18.48
CA THR C 132 18.06 26.06 18.21
C THR C 132 18.22 27.56 18.24
N GLU C 133 17.10 28.27 18.26
CA GLU C 133 17.08 29.67 17.93
C GLU C 133 18.11 30.41 18.77
N GLY C 134 19.17 30.91 18.13
CA GLY C 134 20.22 31.67 18.83
C GLY C 134 19.91 33.14 19.08
N GLU C 135 20.92 33.89 19.50
CA GLU C 135 20.72 35.27 20.02
C GLU C 135 20.59 36.29 18.91
N ASP C 136 21.29 36.03 17.80
CA ASP C 136 21.10 36.78 16.57
C ASP C 136 19.75 36.51 15.87
N PHE C 137 18.80 35.92 16.61
CA PHE C 137 17.39 35.90 16.21
C PHE C 137 16.56 36.29 17.43
N HIS C 138 15.80 37.38 17.30
CA HIS C 138 15.05 37.93 18.42
C HIS C 138 13.64 38.32 18.04
N LEU C 139 12.79 38.39 19.06
CA LEU C 139 11.36 38.38 18.89
C LEU C 139 10.73 39.03 20.14
N PRO C 140 10.04 40.16 19.94
CA PRO C 140 9.49 40.99 21.03
C PRO C 140 8.59 40.24 21.98
N GLU C 141 8.44 40.80 23.18
CA GLU C 141 8.32 40.01 24.41
C GLU C 141 7.00 39.25 24.51
N GLY C 142 5.93 39.77 23.92
CA GLY C 142 4.65 39.08 23.98
C GLY C 142 4.14 38.59 22.63
N ARG C 143 4.93 37.77 21.94
CA ARG C 143 4.60 37.41 20.56
C ARG C 143 4.67 35.92 20.31
N GLN C 144 3.62 35.38 19.70
CA GLN C 144 3.71 34.16 18.90
C GLN C 144 4.67 34.33 17.71
N ARG C 145 5.47 33.31 17.44
CA ARG C 145 6.23 33.27 16.19
C ARG C 145 5.32 33.07 15.00
N GLU C 146 5.79 33.52 13.84
CA GLU C 146 4.96 33.52 12.63
C GLU C 146 5.60 32.74 11.47
N LEU C 147 4.79 31.88 10.87
CA LEU C 147 5.26 30.93 9.84
C LEU C 147 4.54 31.14 8.50
N GLY C 148 5.33 31.24 7.44
CA GLY C 148 4.83 30.91 6.10
C GLY C 148 4.95 29.43 5.73
N PHE C 149 3.92 28.90 5.09
CA PHE C 149 3.88 27.48 4.82
C PHE C 149 3.76 27.24 3.31
N THR C 150 4.88 26.94 2.66
CA THR C 150 4.88 26.54 1.26
C THR C 150 4.40 25.10 1.14
N PHE C 151 3.45 24.84 0.26
CA PHE C 151 2.82 23.53 0.20
C PHE C 151 2.77 23.15 -1.26
N SER C 152 3.71 22.31 -1.70
CA SER C 152 3.92 22.04 -3.12
C SER C 152 2.88 21.12 -3.72
N PHE C 153 1.62 21.35 -3.41
CA PHE C 153 0.50 20.66 -4.02
C PHE C 153 -0.66 21.63 -4.24
N PRO C 154 -1.61 21.29 -5.14
CA PRO C 154 -2.73 22.18 -5.46
C PRO C 154 -3.71 22.34 -4.32
N VAL C 155 -3.83 23.57 -3.83
CA VAL C 155 -4.77 23.95 -2.80
C VAL C 155 -5.83 24.88 -3.35
N HIS C 156 -7.07 24.69 -2.93
CA HIS C 156 -8.14 25.66 -3.17
C HIS C 156 -8.13 26.70 -2.05
N GLN C 157 -7.63 27.89 -2.35
CA GLN C 157 -7.28 28.86 -1.32
C GLN C 157 -8.52 29.60 -0.86
N THR C 158 -8.62 29.85 0.45
CA THR C 158 -9.80 30.51 1.00
C THR C 158 -9.42 31.76 1.75
N SER C 159 -8.14 31.93 2.02
CA SER C 159 -7.59 33.24 2.32
C SER C 159 -6.06 33.12 2.29
N ILE C 160 -5.35 34.18 2.60
CA ILE C 160 -3.89 34.16 2.52
C ILE C 160 -3.29 33.00 3.34
N SER C 161 -4.01 32.54 4.36
CA SER C 161 -3.50 31.53 5.27
C SER C 161 -4.51 30.41 5.55
N SER C 162 -5.41 30.17 4.61
CA SER C 162 -6.25 28.98 4.65
C SER C 162 -6.50 28.45 3.25
N GLY C 163 -6.71 27.14 3.14
CA GLY C 163 -7.11 26.54 1.89
C GLY C 163 -7.21 25.04 2.03
N THR C 164 -8.07 24.44 1.22
CA THR C 164 -8.24 23.02 1.27
C THR C 164 -7.39 22.33 0.21
N LEU C 165 -6.98 21.10 0.47
CA LEU C 165 -6.27 20.32 -0.52
C LEU C 165 -7.22 19.99 -1.65
N ILE C 166 -6.71 19.95 -2.88
CA ILE C 166 -7.49 19.54 -4.03
C ILE C 166 -7.21 18.11 -4.45
N LYS C 167 -5.94 17.81 -4.76
CA LYS C 167 -5.50 16.42 -4.93
C LYS C 167 -4.02 16.33 -4.63
N TRP C 168 -3.58 15.17 -4.19
CA TRP C 168 -2.17 14.93 -4.11
C TRP C 168 -1.59 14.75 -5.51
N THR C 169 -0.28 14.98 -5.63
CA THR C 169 0.47 14.71 -6.87
C THR C 169 1.88 14.19 -6.54
N LYS C 170 2.64 13.77 -7.54
CA LYS C 170 4.07 13.48 -7.39
C LYS C 170 4.41 12.36 -6.42
N GLY C 171 3.69 11.26 -6.43
CA GLY C 171 4.09 10.19 -5.51
C GLY C 171 3.67 10.36 -4.06
N PHE C 172 2.96 11.45 -3.77
CA PHE C 172 2.16 11.53 -2.57
C PHE C 172 0.79 10.95 -2.83
N SER C 173 0.27 10.20 -1.88
CA SER C 173 -1.12 9.77 -1.93
C SER C 173 -1.63 9.40 -0.53
N ILE C 174 -2.14 10.39 0.20
CA ILE C 174 -2.62 10.19 1.55
C ILE C 174 -4.13 10.39 1.60
N ASN C 175 -4.88 9.33 1.87
CA ASN C 175 -6.34 9.37 1.87
C ASN C 175 -7.00 10.51 2.63
N GLY C 176 -6.68 10.62 3.91
CA GLY C 176 -7.32 11.65 4.73
C GLY C 176 -7.59 13.00 4.04
N THR C 177 -6.54 13.61 3.51
CA THR C 177 -6.40 15.05 3.51
C THR C 177 -7.22 15.80 2.41
N VAL C 178 -7.63 15.12 1.36
CA VAL C 178 -8.38 15.80 0.31
C VAL C 178 -9.65 16.45 0.86
N GLY C 179 -9.96 17.65 0.41
CA GLY C 179 -11.03 18.42 0.97
C GLY C 179 -10.67 19.13 2.26
N GLU C 180 -9.73 18.60 3.03
CA GLU C 180 -9.40 19.22 4.33
C GLU C 180 -8.54 20.49 4.21
N ASP C 181 -8.42 21.22 5.31
CA ASP C 181 -7.70 22.49 5.31
C ASP C 181 -6.30 22.23 5.79
N VAL C 182 -5.34 22.35 4.91
CA VAL C 182 -4.00 21.93 5.24
C VAL C 182 -3.31 22.73 6.32
N VAL C 183 -3.78 23.93 6.65
CA VAL C 183 -3.16 24.69 7.75
C VAL C 183 -3.71 24.22 9.10
N ALA C 184 -4.97 23.83 9.13
CA ALA C 184 -5.57 23.32 10.33
C ALA C 184 -4.78 22.07 10.70
N GLU C 185 -4.52 21.26 9.68
CA GLU C 185 -3.80 20.01 9.83
C GLU C 185 -2.43 20.25 10.45
N LEU C 186 -1.71 21.21 9.91
CA LEU C 186 -0.36 21.46 10.38
C LEU C 186 -0.40 22.14 11.74
N SER C 187 -1.42 22.96 11.96
CA SER C 187 -1.57 23.66 13.25
C SER C 187 -1.73 22.64 14.36
N ARG C 188 -2.63 21.68 14.16
CA ARG C 188 -2.87 20.65 15.15
C ARG C 188 -1.61 19.86 15.48
N ALA C 189 -0.77 19.64 14.48
CA ALA C 189 0.47 18.90 14.68
C ALA C 189 1.43 19.72 15.53
N MET C 190 1.50 20.99 15.22
CA MET C 190 2.46 21.85 15.87
C MET C 190 2.08 21.95 17.36
N GLU C 191 0.78 22.09 17.61
CA GLU C 191 0.27 22.04 18.97
C GLU C 191 0.62 20.75 19.67
N ARG C 192 0.35 19.61 19.05
CA ARG C 192 0.71 18.33 19.65
C ARG C 192 2.19 18.27 20.08
N GLN C 193 3.00 19.14 19.51
CA GLN C 193 4.42 19.15 19.78
C GLN C 193 4.80 20.23 20.79
N GLY C 194 3.79 20.78 21.46
CA GLY C 194 3.99 21.89 22.37
C GLY C 194 4.56 23.12 21.69
N LEU C 195 4.44 23.18 20.37
CA LEU C 195 4.94 24.32 19.61
C LEU C 195 3.89 25.39 19.51
N ASP C 196 4.30 26.63 19.71
CA ASP C 196 3.34 27.72 19.84
C ASP C 196 3.56 28.74 18.72
N MET C 197 2.98 28.46 17.57
CA MET C 197 3.38 29.16 16.35
C MET C 197 2.21 29.31 15.39
N LYS C 198 2.12 30.46 14.75
CA LYS C 198 0.96 30.83 13.99
C LYS C 198 1.30 30.83 12.51
N VAL C 199 0.49 30.13 11.71
CA VAL C 199 0.64 30.18 10.25
C VAL C 199 -0.06 31.43 9.72
N THR C 200 0.71 32.36 9.18
CA THR C 200 0.15 33.59 8.61
C THR C 200 0.05 33.57 7.09
N ALA C 201 0.75 32.64 6.44
CA ALA C 201 0.70 32.52 4.98
C ALA C 201 0.76 31.06 4.54
N LEU C 202 -0.13 30.72 3.60
CA LEU C 202 -0.16 29.44 2.92
C LEU C 202 -0.05 29.66 1.43
N VAL C 203 1.09 29.27 0.88
CA VAL C 203 1.35 29.46 -0.52
C VAL C 203 1.86 28.17 -1.13
N ASN C 204 1.83 28.11 -2.46
CA ASN C 204 2.34 26.96 -3.21
C ASN C 204 3.76 27.28 -3.59
N ASP C 205 4.52 26.26 -4.03
CA ASP C 205 5.96 26.45 -4.23
C ASP C 205 6.17 27.50 -5.30
N THR C 206 5.28 27.52 -6.29
CA THR C 206 5.40 28.48 -7.38
C THR C 206 5.26 29.91 -6.87
N VAL C 207 4.27 30.11 -6.01
CA VAL C 207 3.91 31.41 -5.49
C VAL C 207 4.98 31.99 -4.56
N GLY C 208 5.59 31.11 -3.78
CA GLY C 208 6.69 31.49 -2.92
C GLY C 208 7.97 31.80 -3.67
N THR C 209 8.27 31.05 -4.71
CA THR C 209 9.48 31.30 -5.47
C THR C 209 9.33 32.66 -6.14
N LEU C 210 8.13 32.94 -6.64
CA LEU C 210 7.85 34.24 -7.23
C LEU C 210 8.07 35.37 -6.24
N ALA C 211 7.51 35.24 -5.05
CA ALA C 211 7.75 36.23 -4.02
C ALA C 211 9.24 36.36 -3.74
N GLY C 212 9.91 35.23 -3.56
CA GLY C 212 11.35 35.24 -3.27
C GLY C 212 12.17 36.01 -4.31
N GLY C 213 11.88 35.78 -5.58
CA GLY C 213 12.60 36.42 -6.66
C GLY C 213 12.26 37.89 -6.81
N ARG C 214 11.00 38.24 -6.52
CA ARG C 214 10.58 39.66 -6.51
C ARG C 214 11.29 40.51 -5.44
N TYR C 215 11.49 39.93 -4.26
CA TYR C 215 12.25 40.56 -3.18
C TYR C 215 13.62 41.06 -3.63
N VAL C 216 14.19 40.43 -4.65
CA VAL C 216 15.55 40.80 -5.09
C VAL C 216 15.55 41.52 -6.42
N ASP C 217 14.48 41.34 -7.20
CA ASP C 217 14.39 41.88 -8.57
C ASP C 217 12.91 42.19 -8.86
N ASN C 218 12.57 43.48 -8.89
CA ASN C 218 11.19 43.93 -8.96
C ASN C 218 10.50 43.56 -10.29
N ASP C 219 11.28 43.01 -11.22
CA ASP C 219 10.78 42.65 -12.55
C ASP C 219 10.33 41.20 -12.69
N VAL C 220 10.52 40.39 -11.65
CA VAL C 220 9.95 39.05 -11.65
C VAL C 220 8.46 39.15 -11.91
N ALA C 221 7.98 38.53 -12.97
CA ALA C 221 6.53 38.42 -13.18
C ALA C 221 6.01 37.00 -13.17
N ALA C 222 6.90 36.02 -13.08
CA ALA C 222 6.50 34.60 -13.08
C ALA C 222 7.55 33.80 -12.37
N ALA C 223 7.18 32.59 -11.99
CA ALA C 223 8.15 31.64 -11.47
C ALA C 223 7.75 30.26 -11.95
N VAL C 224 8.76 29.48 -12.34
CA VAL C 224 8.53 28.12 -12.79
C VAL C 224 9.21 27.15 -11.86
N ILE C 225 8.55 26.05 -11.56
CA ILE C 225 9.24 24.92 -10.92
C ILE C 225 9.50 23.76 -11.86
N LEU C 226 10.76 23.34 -11.86
CA LEU C 226 11.18 22.09 -12.48
C LEU C 226 11.99 21.28 -11.49
N GLY C 227 11.31 20.43 -10.74
CA GLY C 227 11.93 19.54 -9.78
C GLY C 227 11.23 18.19 -9.83
N THR C 228 10.90 17.61 -8.68
CA THR C 228 10.06 16.44 -8.66
C THR C 228 8.88 16.63 -9.60
N GLY C 229 8.25 17.79 -9.46
CA GLY C 229 7.10 18.16 -10.28
C GLY C 229 7.42 19.36 -11.12
N THR C 230 6.47 19.78 -11.91
CA THR C 230 6.60 21.06 -12.58
C THR C 230 5.31 21.86 -12.49
N ASN C 231 5.46 23.18 -12.49
CA ASN C 231 4.35 24.08 -12.32
C ASN C 231 4.85 25.50 -12.44
N ALA C 232 3.94 26.43 -12.57
CA ALA C 232 4.31 27.83 -12.67
C ALA C 232 3.24 28.69 -12.03
N ALA C 233 3.65 29.87 -11.58
CA ALA C 233 2.73 30.95 -11.23
C ALA C 233 3.19 32.25 -11.89
N TYR C 234 2.24 33.12 -12.18
CA TYR C 234 2.54 34.43 -12.74
C TYR C 234 1.66 35.51 -12.11
N VAL C 235 1.99 36.75 -12.42
CA VAL C 235 1.16 37.91 -12.03
C VAL C 235 0.16 38.28 -13.12
N GLU C 236 -1.12 38.06 -12.82
CA GLU C 236 -2.25 38.35 -13.71
C GLU C 236 -2.96 39.66 -13.32
N HIS C 237 -3.62 40.29 -14.28
CA HIS C 237 -4.40 41.51 -14.01
C HIS C 237 -5.78 41.09 -13.52
N ALA C 238 -6.24 41.67 -12.41
CA ALA C 238 -7.52 41.27 -11.82
C ALA C 238 -8.64 41.28 -12.85
N ASN C 239 -8.59 42.26 -13.75
CA ASN C 239 -9.66 42.50 -14.70
C ASN C 239 -9.60 41.52 -15.84
N ALA C 240 -8.74 40.52 -15.72
CA ALA C 240 -8.65 39.45 -16.71
C ALA C 240 -8.96 38.12 -16.04
N ILE C 241 -9.65 38.19 -14.89
CA ILE C 241 -10.09 37.03 -14.16
C ILE C 241 -11.60 37.08 -13.97
N PRO C 242 -12.36 36.55 -14.91
CA PRO C 242 -13.79 36.57 -14.80
C PRO C 242 -14.33 35.96 -13.49
N LYS C 243 -13.77 34.85 -13.03
CA LYS C 243 -14.32 34.19 -11.84
C LYS C 243 -13.98 34.94 -10.56
N TRP C 244 -13.25 36.03 -10.68
CA TRP C 244 -13.03 36.91 -9.52
C TRP C 244 -14.36 37.46 -9.04
N THR C 245 -14.47 37.70 -7.74
CA THR C 245 -15.62 38.36 -7.18
C THR C 245 -15.10 39.30 -6.11
N GLY C 246 -15.81 40.38 -5.82
CA GLY C 246 -15.32 41.33 -4.80
C GLY C 246 -14.31 42.34 -5.32
N LEU C 247 -13.65 43.06 -4.42
CA LEU C 247 -13.08 44.36 -4.75
C LEU C 247 -11.86 44.18 -5.59
N LEU C 248 -11.62 45.13 -6.48
CA LEU C 248 -10.36 45.20 -7.21
C LEU C 248 -9.24 45.35 -6.18
N PRO C 249 -8.15 44.58 -6.32
CA PRO C 249 -7.07 44.81 -5.36
C PRO C 249 -6.19 45.98 -5.78
N ARG C 250 -5.57 46.62 -4.79
CA ARG C 250 -4.79 47.84 -5.01
C ARG C 250 -3.85 47.72 -6.20
N SER C 251 -3.04 46.69 -6.22
CA SER C 251 -2.08 46.50 -7.30
C SER C 251 -2.77 46.43 -8.65
N GLY C 252 -4.03 46.06 -8.65
CA GLY C 252 -4.72 45.74 -9.89
C GLY C 252 -4.34 44.35 -10.35
N ASN C 253 -3.61 43.65 -9.50
CA ASN C 253 -2.96 42.42 -9.87
C ASN C 253 -3.32 41.28 -8.92
N MET C 254 -2.94 40.06 -9.29
CA MET C 254 -3.20 38.90 -8.46
C MET C 254 -2.31 37.70 -8.90
N VAL C 255 -1.48 37.20 -8.00
CA VAL C 255 -0.65 36.05 -8.34
C VAL C 255 -1.54 34.80 -8.53
N ILE C 256 -1.30 34.06 -9.60
CA ILE C 256 -2.09 32.89 -9.91
C ILE C 256 -1.25 31.60 -9.95
N ASN C 257 -1.76 30.57 -9.32
CA ASN C 257 -1.16 29.26 -9.43
C ASN C 257 -1.78 28.50 -10.62
N MET C 258 -1.01 28.29 -11.68
CA MET C 258 -1.57 27.72 -12.91
C MET C 258 -1.97 26.27 -12.69
N GLU C 259 -1.16 25.57 -11.89
CA GLU C 259 -1.19 24.11 -11.75
C GLU C 259 -1.03 23.40 -13.09
N TRP C 260 0.02 23.77 -13.83
CA TRP C 260 0.10 23.41 -15.25
C TRP C 260 0.58 21.97 -15.47
N GLY C 261 0.98 21.32 -14.41
CA GLY C 261 1.18 19.90 -14.41
C GLY C 261 0.07 19.14 -15.08
N ASN C 262 -1.15 19.67 -15.03
CA ASN C 262 -2.36 18.90 -15.37
C ASN C 262 -2.84 19.24 -16.77
N PHE C 263 -2.20 20.24 -17.35
CA PHE C 263 -2.32 20.51 -18.77
C PHE C 263 -2.23 19.20 -19.56
N LYS C 264 -3.02 19.08 -20.63
CA LYS C 264 -3.10 17.84 -21.43
C LYS C 264 -3.77 18.08 -22.76
N SER C 265 -3.00 18.26 -23.82
CA SER C 265 -3.57 18.75 -25.05
C SER C 265 -3.15 17.76 -26.13
N GLU C 266 -4.05 17.41 -27.04
CA GLU C 266 -3.76 16.37 -28.02
C GLU C 266 -2.49 16.74 -28.78
N ARG C 267 -2.20 18.03 -28.83
CA ARG C 267 -1.02 18.53 -29.50
C ARG C 267 0.24 18.05 -28.81
N LEU C 268 0.11 17.66 -27.55
CA LEU C 268 1.21 17.03 -26.83
C LEU C 268 1.64 15.72 -27.50
N PRO C 269 2.94 15.61 -27.82
CA PRO C 269 3.50 14.45 -28.44
C PRO C 269 3.78 13.34 -27.43
N ARG C 270 2.86 12.39 -27.36
CA ARG C 270 2.94 11.32 -26.39
C ARG C 270 3.23 10.00 -27.07
N SER C 271 3.65 9.01 -26.28
CA SER C 271 4.06 7.72 -26.81
C SER C 271 3.39 6.65 -25.97
N ASP C 272 3.45 5.39 -26.40
CA ASP C 272 2.98 4.26 -25.59
C ASP C 272 3.62 4.26 -24.21
N TYR C 273 4.87 4.75 -24.14
CA TYR C 273 5.66 4.73 -22.91
C TYR C 273 5.01 5.66 -21.89
N ASP C 274 4.48 6.78 -22.37
CA ASP C 274 3.73 7.70 -21.53
C ASP C 274 2.41 7.10 -20.99
N ASN C 275 1.67 6.41 -21.84
CA ASN C 275 0.38 5.84 -21.43
C ASN C 275 0.57 4.74 -20.39
N ALA C 276 1.70 4.03 -20.50
CA ALA C 276 2.00 2.93 -19.59
C ALA C 276 2.44 3.48 -18.23
N LEU C 277 3.29 4.51 -18.28
CA LEU C 277 3.73 5.18 -17.08
C LEU C 277 2.51 5.69 -16.32
N ASP C 278 1.64 6.38 -17.06
CA ASP C 278 0.44 6.93 -16.49
C ASP C 278 -0.42 5.81 -15.98
N PHE C 279 -0.62 4.81 -16.81
CA PHE C 279 -1.44 3.68 -16.40
C PHE C 279 -1.05 3.18 -15.01
N GLU C 280 0.25 3.14 -14.70
CA GLU C 280 0.74 2.45 -13.50
C GLU C 280 1.13 3.43 -12.41
N SER C 281 0.72 4.67 -12.59
CA SER C 281 1.20 5.73 -11.71
C SER C 281 0.28 5.80 -10.50
N LEU C 282 0.76 6.52 -9.50
CA LEU C 282 0.00 6.75 -8.29
C LEU C 282 -1.28 7.55 -8.54
N ASN C 283 -1.29 8.33 -9.61
CA ASN C 283 -2.42 9.18 -9.90
C ASN C 283 -2.84 9.16 -11.39
N PRO C 284 -3.32 8.00 -11.85
CA PRO C 284 -3.58 7.71 -13.28
C PRO C 284 -4.50 8.72 -13.93
N GLY C 285 -4.09 9.21 -15.09
CA GLY C 285 -4.87 10.16 -15.84
C GLY C 285 -4.69 11.61 -15.41
N GLU C 286 -3.79 11.86 -14.48
CA GLU C 286 -3.67 13.21 -13.93
C GLU C 286 -2.25 13.74 -14.10
N GLN C 287 -2.14 15.04 -14.29
CA GLN C 287 -0.86 15.65 -14.42
C GLN C 287 -0.13 15.10 -15.65
N ILE C 288 -0.87 14.98 -16.74
CA ILE C 288 -0.36 14.38 -17.94
C ILE C 288 0.82 15.15 -18.54
N TYR C 289 0.75 16.46 -18.49
CA TYR C 289 1.85 17.31 -18.98
C TYR C 289 3.08 17.19 -18.09
N GLU C 290 2.86 17.07 -16.80
CA GLU C 290 3.97 17.02 -15.85
C GLU C 290 4.77 15.74 -16.02
N LYS C 291 4.09 14.64 -16.37
CA LYS C 291 4.71 13.32 -16.45
C LYS C 291 5.58 13.15 -17.71
N MET C 292 5.67 14.23 -18.50
CA MET C 292 6.59 14.31 -19.64
C MET C 292 7.83 15.17 -19.39
N ILE C 293 7.81 15.94 -18.31
CA ILE C 293 8.86 16.92 -17.99
C ILE C 293 9.56 16.66 -16.68
N SER C 294 8.80 16.39 -15.62
CA SER C 294 9.33 16.61 -14.27
C SER C 294 10.27 15.48 -13.80
N GLY C 295 11.10 15.80 -12.83
CA GLY C 295 12.20 14.95 -12.46
C GLY C 295 11.76 13.63 -11.86
N MET C 296 10.53 13.52 -11.39
CA MET C 296 10.05 12.25 -10.90
C MET C 296 9.83 11.23 -12.02
N TYR C 297 9.95 11.67 -13.26
CA TYR C 297 9.38 10.91 -14.36
C TYR C 297 10.33 10.70 -15.54
N LEU C 298 11.33 11.54 -15.67
CA LEU C 298 12.20 11.46 -16.84
C LEU C 298 12.90 10.13 -16.87
N GLY C 299 13.51 9.79 -15.75
CA GLY C 299 14.24 8.55 -15.64
C GLY C 299 13.38 7.36 -15.90
N GLU C 300 12.14 7.40 -15.44
CA GLU C 300 11.28 6.27 -15.63
C GLU C 300 10.96 6.13 -17.13
N ILE C 301 10.93 7.25 -17.85
CA ILE C 301 10.67 7.15 -19.30
C ILE C 301 11.82 6.46 -20.03
N VAL C 302 13.02 7.02 -19.92
CA VAL C 302 14.24 6.34 -20.33
C VAL C 302 14.19 4.85 -19.98
N ARG C 303 13.97 4.51 -18.73
CA ARG C 303 13.96 3.11 -18.38
C ARG C 303 13.02 2.37 -19.29
N ARG C 304 11.82 2.89 -19.47
CA ARG C 304 10.80 2.10 -20.13
C ARG C 304 11.21 1.82 -21.59
N ILE C 305 11.92 2.79 -22.18
CA ILE C 305 12.30 2.74 -23.57
C ILE C 305 13.43 1.70 -23.69
N LEU C 306 14.43 1.81 -22.82
CA LEU C 306 15.49 0.83 -22.78
C LEU C 306 14.90 -0.59 -22.61
N LEU C 307 13.95 -0.74 -21.70
CA LEU C 307 13.35 -2.05 -21.51
C LEU C 307 12.86 -2.63 -22.84
N LYS C 308 12.30 -1.80 -23.71
CA LYS C 308 11.82 -2.28 -24.99
C LYS C 308 13.01 -2.63 -25.89
N LEU C 309 14.03 -1.79 -25.86
CA LEU C 309 15.27 -2.14 -26.52
C LEU C 309 15.82 -3.48 -26.02
N ALA C 310 15.97 -3.62 -24.71
CA ALA C 310 16.55 -4.84 -24.14
C ALA C 310 15.74 -6.04 -24.59
N HIS C 311 14.43 -5.85 -24.71
CA HIS C 311 13.53 -6.95 -25.03
C HIS C 311 13.54 -7.29 -26.53
N ASP C 312 13.49 -6.27 -27.38
CA ASP C 312 13.26 -6.47 -28.82
C ASP C 312 14.55 -6.49 -29.64
N ALA C 313 15.63 -5.95 -29.09
CA ALA C 313 16.85 -5.81 -29.85
C ALA C 313 18.05 -6.24 -29.01
N SER C 314 17.84 -7.16 -28.09
CA SER C 314 18.91 -7.69 -27.25
C SER C 314 19.90 -6.65 -26.76
N LEU C 315 19.47 -5.40 -26.61
CA LEU C 315 20.41 -4.30 -26.46
C LEU C 315 21.43 -4.55 -25.36
N PHE C 316 21.06 -5.37 -24.38
CA PHE C 316 21.94 -5.67 -23.27
C PHE C 316 22.14 -7.16 -23.18
N GLY C 317 21.98 -7.84 -24.30
CA GLY C 317 22.33 -9.25 -24.39
C GLY C 317 21.11 -10.13 -24.49
N ASP C 318 21.32 -11.43 -24.42
CA ASP C 318 20.28 -12.33 -24.84
C ASP C 318 19.15 -12.27 -23.81
N VAL C 319 19.52 -12.13 -22.55
CA VAL C 319 18.52 -12.05 -21.48
C VAL C 319 18.38 -10.63 -20.93
N VAL C 320 17.16 -10.11 -20.95
CA VAL C 320 16.87 -8.81 -20.36
C VAL C 320 17.34 -8.75 -18.90
N PRO C 321 18.10 -7.73 -18.53
CA PRO C 321 18.55 -7.65 -17.13
C PRO C 321 17.39 -7.48 -16.15
N THR C 322 17.38 -8.25 -15.07
CA THR C 322 16.26 -8.25 -14.15
C THR C 322 15.98 -6.88 -13.53
N LYS C 323 17.05 -6.17 -13.15
CA LYS C 323 16.92 -4.91 -12.46
C LYS C 323 16.19 -3.92 -13.35
N LEU C 324 16.34 -4.06 -14.66
CA LEU C 324 15.78 -3.10 -15.60
C LEU C 324 14.27 -3.16 -15.60
N GLU C 325 13.72 -4.27 -15.13
CA GLU C 325 12.29 -4.46 -15.11
C GLU C 325 11.63 -3.78 -13.91
N GLN C 326 12.45 -3.36 -12.93
CA GLN C 326 11.95 -2.68 -11.74
C GLN C 326 11.58 -1.25 -12.04
N ARG C 327 10.37 -0.89 -11.65
CA ARG C 327 9.91 0.46 -11.83
C ARG C 327 10.71 1.43 -10.98
N PHE C 328 11.22 2.48 -11.61
CA PHE C 328 11.83 3.64 -10.91
C PHE C 328 13.29 3.39 -10.56
N ILE C 329 13.80 2.25 -10.97
CA ILE C 329 15.16 1.87 -10.61
C ILE C 329 16.14 2.78 -11.30
N LEU C 330 15.72 3.37 -12.42
CA LEU C 330 16.53 4.38 -13.10
C LEU C 330 16.01 5.75 -12.77
N ARG C 331 16.77 6.47 -11.95
CA ARG C 331 16.32 7.73 -11.40
C ARG C 331 16.91 8.83 -12.25
N THR C 332 16.41 10.05 -12.07
CA THR C 332 16.68 11.10 -13.02
C THR C 332 18.06 11.69 -12.81
N PRO C 333 18.58 11.63 -11.60
CA PRO C 333 19.99 12.06 -11.47
C PRO C 333 20.99 11.12 -12.14
N ASP C 334 20.66 9.83 -12.12
CA ASP C 334 21.35 8.81 -12.89
C ASP C 334 21.30 9.03 -14.39
N MET C 335 20.10 9.18 -14.91
CA MET C 335 19.86 9.63 -16.28
C MET C 335 20.73 10.84 -16.68
N SER C 336 20.86 11.80 -15.79
CA SER C 336 21.66 12.97 -16.04
C SER C 336 23.16 12.64 -16.05
N ALA C 337 23.60 11.83 -15.10
CA ALA C 337 25.00 11.45 -15.01
C ALA C 337 25.46 10.78 -16.30
N MET C 338 24.61 9.90 -16.83
CA MET C 338 24.85 9.29 -18.13
C MET C 338 24.89 10.32 -19.23
N HIS C 339 23.88 11.19 -19.24
CA HIS C 339 23.66 12.09 -20.35
C HIS C 339 24.83 13.04 -20.58
N HIS C 340 25.70 13.16 -19.59
CA HIS C 340 26.73 14.19 -19.62
C HIS C 340 28.12 13.64 -19.84
N ASP C 341 28.20 12.34 -20.07
CA ASP C 341 29.46 11.66 -20.33
C ASP C 341 30.03 12.10 -21.67
N THR C 342 31.28 12.57 -21.65
CA THR C 342 31.97 13.10 -22.83
C THR C 342 33.14 12.21 -23.26
N SER C 343 33.35 11.08 -22.59
CA SER C 343 34.38 10.12 -23.00
C SER C 343 34.05 9.44 -24.34
N HIS C 344 35.08 9.34 -25.18
CA HIS C 344 35.07 8.40 -26.32
C HIS C 344 34.61 7.04 -25.83
N ASP C 345 35.04 6.76 -24.61
CA ASP C 345 34.86 5.52 -23.92
C ASP C 345 33.38 5.32 -23.57
N LEU C 346 32.73 6.41 -23.15
CA LEU C 346 31.55 6.41 -22.29
C LEU C 346 31.73 5.55 -21.03
N LYS C 347 32.85 5.77 -20.34
CA LYS C 347 33.19 5.04 -19.12
C LYS C 347 32.10 5.20 -18.08
N HIS C 348 31.63 6.42 -17.91
CA HIS C 348 30.84 6.78 -16.73
C HIS C 348 29.40 6.33 -16.91
N LEU C 349 28.88 6.60 -18.10
CA LEU C 349 27.64 5.99 -18.53
C LEU C 349 27.67 4.48 -18.28
N GLY C 350 28.70 3.81 -18.79
CA GLY C 350 28.86 2.37 -18.60
C GLY C 350 28.85 1.96 -17.14
N ALA C 351 29.55 2.72 -16.31
CA ALA C 351 29.60 2.44 -14.88
C ALA C 351 28.22 2.59 -14.25
N LYS C 352 27.48 3.59 -14.71
CA LYS C 352 26.13 3.83 -14.19
C LYS C 352 25.21 2.72 -14.62
N LEU C 353 25.28 2.36 -15.90
CA LEU C 353 24.45 1.30 -16.45
C LEU C 353 24.74 -0.02 -15.73
N LYS C 354 26.02 -0.30 -15.53
CA LYS C 354 26.44 -1.48 -14.80
C LYS C 354 25.70 -1.55 -13.48
N ASP C 355 25.85 -0.48 -12.71
CA ASP C 355 25.38 -0.37 -11.34
C ASP C 355 23.85 -0.46 -11.22
N ILE C 356 23.14 0.17 -12.15
CA ILE C 356 21.67 0.29 -12.10
C ILE C 356 20.99 -0.85 -12.84
N LEU C 357 21.44 -1.07 -14.06
CA LEU C 357 21.08 -2.26 -14.82
C LEU C 357 21.39 -3.55 -14.10
N GLY C 358 22.47 -3.54 -13.32
CA GLY C 358 22.93 -4.71 -12.58
C GLY C 358 23.69 -5.70 -13.45
N VAL C 359 24.26 -5.21 -14.54
CA VAL C 359 24.90 -6.05 -15.55
C VAL C 359 26.42 -5.91 -15.37
N ALA C 360 27.19 -6.93 -15.74
CA ALA C 360 28.67 -6.89 -15.58
C ALA C 360 29.39 -5.90 -16.52
N ASP C 361 28.84 -5.69 -17.72
CA ASP C 361 29.57 -4.97 -18.75
C ASP C 361 28.63 -4.66 -19.90
N THR C 362 28.99 -3.67 -20.72
CA THR C 362 28.07 -3.09 -21.71
C THR C 362 28.76 -2.74 -23.02
N SER C 363 28.15 -3.18 -24.11
CA SER C 363 28.52 -2.75 -25.46
C SER C 363 28.66 -1.23 -25.55
N LEU C 364 29.50 -0.78 -26.49
CA LEU C 364 29.75 0.65 -26.68
C LEU C 364 28.75 1.24 -27.66
N GLU C 365 28.22 0.43 -28.57
CA GLU C 365 27.09 0.89 -29.38
C GLU C 365 25.84 1.03 -28.50
N ALA C 366 25.71 0.16 -27.52
CA ALA C 366 24.58 0.24 -26.59
C ALA C 366 24.75 1.48 -25.70
N ARG C 367 25.94 1.66 -25.14
CA ARG C 367 26.19 2.88 -24.40
C ARG C 367 25.80 4.11 -25.19
N TYR C 368 25.94 4.05 -26.52
CA TYR C 368 25.63 5.19 -27.37
C TYR C 368 24.13 5.30 -27.66
N ILE C 369 23.47 4.18 -27.87
CA ILE C 369 22.04 4.23 -28.02
C ILE C 369 21.39 4.74 -26.73
N THR C 370 21.94 4.30 -25.60
CA THR C 370 21.47 4.73 -24.31
C THR C 370 21.59 6.25 -24.12
N LEU C 371 22.76 6.80 -24.44
CA LEU C 371 22.97 8.25 -24.49
C LEU C 371 21.97 8.93 -25.41
N HIS C 372 21.57 8.27 -26.47
CA HIS C 372 20.64 8.89 -27.40
C HIS C 372 19.22 8.93 -26.83
N VAL C 373 18.83 7.88 -26.10
CA VAL C 373 17.49 7.81 -25.51
C VAL C 373 17.37 8.92 -24.45
N CYS C 374 18.47 9.11 -23.73
CA CYS C 374 18.53 10.13 -22.71
C CYS C 374 18.31 11.46 -23.37
N ASP C 375 19.09 11.71 -24.42
CA ASP C 375 18.98 12.96 -25.18
C ASP C 375 17.55 13.13 -25.70
N LEU C 376 16.97 12.05 -26.18
CA LEU C 376 15.67 12.17 -26.78
C LEU C 376 14.65 12.59 -25.75
N VAL C 377 14.77 12.03 -24.54
CA VAL C 377 13.79 12.25 -23.48
C VAL C 377 13.96 13.64 -22.86
N ALA C 378 15.20 14.03 -22.60
CA ALA C 378 15.45 15.33 -21.96
C ALA C 378 15.01 16.45 -22.87
N GLU C 379 15.30 16.30 -24.16
CA GLU C 379 14.97 17.30 -25.19
C GLU C 379 13.46 17.61 -25.16
N ARG C 380 12.64 16.57 -25.29
CA ARG C 380 11.21 16.76 -25.33
C ARG C 380 10.77 17.46 -24.05
N GLY C 381 11.27 16.98 -22.92
CA GLY C 381 10.97 17.58 -21.62
C GLY C 381 11.21 19.06 -21.67
N ALA C 382 12.44 19.47 -21.94
CA ALA C 382 12.85 20.87 -21.84
C ALA C 382 12.18 21.72 -22.90
N ARG C 383 11.93 21.13 -24.06
CA ARG C 383 11.33 21.91 -25.14
C ARG C 383 9.85 22.18 -24.81
N LEU C 384 9.15 21.18 -24.29
CA LEU C 384 7.75 21.37 -23.88
C LEU C 384 7.60 22.38 -22.71
N ALA C 385 8.51 22.27 -21.75
CA ALA C 385 8.55 23.18 -20.64
C ALA C 385 8.74 24.61 -21.13
N ALA C 386 9.66 24.80 -22.06
CA ALA C 386 9.88 26.11 -22.68
C ALA C 386 8.63 26.67 -23.36
N ALA C 387 7.82 25.82 -23.97
CA ALA C 387 6.58 26.28 -24.58
C ALA C 387 5.69 26.88 -23.50
N GLY C 388 5.65 26.22 -22.35
CA GLY C 388 4.80 26.65 -21.25
C GLY C 388 5.19 28.05 -20.85
N ILE C 389 6.48 28.27 -20.69
CA ILE C 389 6.97 29.60 -20.36
C ILE C 389 6.57 30.58 -21.49
N TYR C 390 6.66 30.14 -22.74
CA TYR C 390 6.28 31.02 -23.84
C TYR C 390 4.82 31.38 -23.68
N GLY C 391 4.01 30.38 -23.33
CA GLY C 391 2.57 30.57 -23.17
C GLY C 391 2.25 31.65 -22.17
N ILE C 392 3.01 31.68 -21.08
CA ILE C 392 2.80 32.63 -20.01
C ILE C 392 3.12 34.02 -20.50
N LEU C 393 4.34 34.20 -20.99
CA LEU C 393 4.78 35.42 -21.69
C LEU C 393 3.75 35.99 -22.71
N LYS C 394 3.04 35.09 -23.40
CA LYS C 394 1.97 35.53 -24.27
C LYS C 394 0.81 36.14 -23.48
N LYS C 395 0.45 35.49 -22.38
CA LYS C 395 -0.72 35.88 -21.58
C LYS C 395 -0.52 37.27 -20.99
N LEU C 396 0.75 37.66 -20.86
CA LEU C 396 1.12 39.02 -20.45
C LEU C 396 1.47 39.98 -21.61
N GLY C 397 1.16 39.59 -22.85
CA GLY C 397 1.67 40.28 -24.03
C GLY C 397 3.13 40.69 -23.89
N ARG C 398 3.98 39.75 -23.51
CA ARG C 398 5.40 40.01 -23.46
C ARG C 398 6.15 39.19 -24.52
N ASP C 399 5.40 38.60 -25.44
CA ASP C 399 5.97 37.99 -26.63
C ASP C 399 6.29 39.05 -27.66
N ARG C 400 5.40 40.01 -27.84
CA ARG C 400 5.59 41.07 -28.82
C ARG C 400 6.20 42.28 -28.09
N VAL C 401 6.21 43.44 -28.73
CA VAL C 401 7.11 44.51 -28.32
C VAL C 401 6.41 45.87 -28.47
N PRO C 402 5.50 46.19 -27.53
CA PRO C 402 4.46 47.20 -27.79
C PRO C 402 4.99 48.56 -28.30
N GLN C 409 9.72 46.85 -22.05
CA GLN C 409 9.55 46.47 -20.65
C GLN C 409 10.23 45.13 -20.34
N ARG C 410 10.93 45.09 -19.20
CA ARG C 410 11.82 43.96 -18.82
C ARG C 410 11.10 42.90 -17.97
N THR C 411 11.15 41.66 -18.43
CA THR C 411 10.46 40.59 -17.76
C THR C 411 11.42 39.52 -17.26
N VAL C 412 11.37 39.24 -15.96
CA VAL C 412 12.17 38.20 -15.36
C VAL C 412 11.30 37.00 -14.98
N ILE C 413 11.82 35.81 -15.16
CA ILE C 413 11.12 34.58 -14.79
C ILE C 413 11.93 33.75 -13.83
N ALA C 414 11.39 33.53 -12.64
CA ALA C 414 12.14 32.85 -11.59
C ALA C 414 12.05 31.34 -11.70
N LEU C 415 13.21 30.68 -11.71
CA LEU C 415 13.24 29.22 -11.76
C LEU C 415 13.84 28.56 -10.53
N ASP C 416 13.28 27.41 -10.18
CA ASP C 416 13.64 26.66 -8.97
C ASP C 416 13.35 25.21 -9.31
N GLY C 417 13.93 24.31 -8.50
CA GLY C 417 13.72 22.88 -8.66
C GLY C 417 14.97 22.19 -9.16
N GLY C 418 15.19 20.95 -8.70
CA GLY C 418 16.49 20.31 -8.81
C GLY C 418 16.77 19.88 -10.22
N LEU C 419 15.70 19.65 -10.97
CA LEU C 419 15.78 19.30 -12.36
C LEU C 419 16.46 20.43 -13.15
N TYR C 420 15.89 21.62 -13.10
CA TYR C 420 16.50 22.75 -13.80
C TYR C 420 17.84 23.16 -13.20
N GLU C 421 18.00 22.92 -11.91
CA GLU C 421 19.18 23.43 -11.21
C GLU C 421 20.38 22.54 -11.44
N HIS C 422 20.15 21.25 -11.69
CA HIS C 422 21.24 20.27 -11.69
C HIS C 422 21.31 19.43 -12.98
N TYR C 423 20.51 19.76 -13.97
CA TYR C 423 20.56 19.05 -15.23
C TYR C 423 20.90 20.04 -16.35
N LYS C 424 22.18 20.40 -16.43
CA LYS C 424 22.66 21.40 -17.37
C LYS C 424 22.06 21.26 -18.77
N LYS C 425 22.15 20.09 -19.35
CA LYS C 425 21.73 19.95 -20.75
C LYS C 425 20.24 20.27 -20.92
N PHE C 426 19.45 19.86 -19.94
CA PHE C 426 18.01 20.15 -19.86
C PHE C 426 17.75 21.67 -19.78
N ARG C 427 18.56 22.31 -18.94
CA ARG C 427 18.46 23.75 -18.73
C ARG C 427 18.68 24.48 -20.03
N THR C 428 19.84 24.28 -20.63
CA THR C 428 20.26 25.13 -21.75
C THR C 428 19.40 24.87 -22.98
N CYS C 429 18.96 23.63 -23.17
CA CYS C 429 18.00 23.32 -24.23
C CYS C 429 16.72 24.12 -24.03
N LEU C 430 16.23 24.14 -22.78
CA LEU C 430 15.09 24.97 -22.38
C LEU C 430 15.30 26.43 -22.77
N GLU C 431 16.40 27.03 -22.30
CA GLU C 431 16.67 28.44 -22.55
C GLU C 431 16.97 28.74 -24.03
N ALA C 432 17.51 27.75 -24.75
CA ALA C 432 17.69 27.87 -26.19
C ALA C 432 16.34 27.96 -26.88
N THR C 433 15.49 26.98 -26.60
CA THR C 433 14.18 26.87 -27.22
C THR C 433 13.33 28.10 -26.92
N LEU C 434 13.35 28.55 -25.67
CA LEU C 434 12.52 29.68 -25.28
C LEU C 434 12.95 30.92 -26.08
N ALA C 435 14.26 31.08 -26.24
CA ALA C 435 14.79 32.16 -27.06
C ALA C 435 14.36 32.07 -28.53
N ASP C 436 14.35 30.87 -29.11
CA ASP C 436 13.94 30.67 -30.49
C ASP C 436 12.45 30.98 -30.67
N LEU C 437 11.68 30.83 -29.59
CA LEU C 437 10.25 31.02 -29.66
C LEU C 437 9.92 32.50 -29.63
N LEU C 438 10.76 33.24 -28.92
CA LEU C 438 10.51 34.65 -28.72
C LEU C 438 10.85 35.45 -29.97
N GLY C 439 11.92 35.09 -30.66
CA GLY C 439 12.52 35.96 -31.64
C GLY C 439 13.61 36.76 -30.98
N GLU C 440 14.58 37.25 -31.78
CA GLU C 440 15.74 37.98 -31.27
C GLU C 440 15.26 39.17 -30.47
N GLU C 441 14.28 39.87 -31.01
CA GLU C 441 13.92 41.17 -30.48
C GLU C 441 13.21 41.06 -29.12
N ALA C 442 12.23 40.16 -29.01
CA ALA C 442 11.60 39.88 -27.70
C ALA C 442 12.56 39.26 -26.67
N ALA C 443 13.38 38.32 -27.13
CA ALA C 443 14.19 37.54 -26.21
C ALA C 443 15.06 38.42 -25.35
N SER C 444 15.34 39.62 -25.85
CA SER C 444 16.38 40.47 -25.27
C SER C 444 15.81 41.25 -24.10
N SER C 445 14.50 41.13 -23.92
CA SER C 445 13.81 41.83 -22.84
C SER C 445 13.37 40.86 -21.73
N VAL C 446 13.36 39.55 -22.00
CA VAL C 446 13.14 38.54 -20.96
C VAL C 446 14.42 37.85 -20.47
N VAL C 447 14.59 37.79 -19.15
CA VAL C 447 15.68 37.03 -18.54
C VAL C 447 15.14 35.86 -17.72
N VAL C 448 15.95 34.80 -17.60
CA VAL C 448 15.56 33.61 -16.83
C VAL C 448 16.58 33.35 -15.72
N LYS C 449 16.15 33.49 -14.47
CA LYS C 449 17.07 33.49 -13.34
C LYS C 449 16.87 32.28 -12.47
N LEU C 450 17.97 31.67 -12.07
CA LEU C 450 17.95 30.66 -11.04
C LEU C 450 17.61 31.34 -9.73
N ALA C 451 16.37 31.20 -9.30
CA ALA C 451 15.96 31.63 -7.99
C ALA C 451 16.04 30.43 -7.06
N ASN C 452 17.20 30.26 -6.44
CA ASN C 452 17.63 28.98 -5.86
C ASN C 452 17.08 28.72 -4.44
N ASP C 453 16.42 27.55 -4.27
CA ASP C 453 15.63 27.23 -3.07
C ASP C 453 14.80 28.45 -2.59
N GLY C 454 14.06 29.05 -3.52
CA GLY C 454 13.37 30.31 -3.29
C GLY C 454 11.96 30.13 -2.75
N SER C 455 11.42 28.92 -2.85
CA SER C 455 10.03 28.65 -2.44
C SER C 455 9.85 28.90 -0.94
N GLY C 456 10.87 28.55 -0.16
CA GLY C 456 10.80 28.62 1.31
C GLY C 456 11.01 29.99 1.91
N ILE C 457 12.02 30.74 1.45
CA ILE C 457 12.19 32.13 1.92
C ILE C 457 10.98 32.93 1.47
N GLY C 458 10.46 32.62 0.29
CA GLY C 458 9.26 33.28 -0.21
C GLY C 458 8.17 33.29 0.85
N ALA C 459 7.91 32.10 1.39
CA ALA C 459 6.88 31.94 2.39
C ALA C 459 7.12 32.86 3.58
N ALA C 460 8.37 32.92 4.06
CA ALA C 460 8.72 33.78 5.19
C ALA C 460 8.49 35.22 4.82
N LEU C 461 9.03 35.64 3.67
CA LEU C 461 8.87 37.00 3.19
C LEU C 461 7.41 37.41 3.12
N LEU C 462 6.55 36.51 2.65
CA LEU C 462 5.13 36.77 2.56
C LEU C 462 4.45 36.80 3.93
N ALA C 463 4.80 35.87 4.79
CA ALA C 463 4.32 35.88 6.17
C ALA C 463 4.55 37.23 6.87
N ALA C 464 5.65 37.90 6.50
CA ALA C 464 5.95 39.22 6.98
C ALA C 464 5.02 40.22 6.31
N SER C 465 5.15 40.32 4.99
CA SER C 465 4.18 41.01 4.11
C SER C 465 2.77 41.14 4.68
N HIS C 466 2.35 40.21 5.53
CA HIS C 466 0.99 40.20 6.04
C HIS C 466 1.00 39.92 7.52
N SER C 467 1.98 40.48 8.24
CA SER C 467 2.19 40.09 9.64
C SER C 467 1.33 40.97 10.54
N GLN C 468 0.51 40.34 11.40
CA GLN C 468 -0.46 41.05 12.26
C GLN C 468 0.23 41.86 13.38
N TYR C 469 1.16 42.73 12.98
CA TYR C 469 2.02 43.50 13.88
C TYR C 469 2.61 44.60 12.98
N ALA C 470 3.40 45.52 13.53
CA ALA C 470 4.23 46.42 12.69
C ALA C 470 5.70 46.40 13.11
#